data_2MW1
#
_entry.id   2MW1
#
_entity_poly.entity_id   1
_entity_poly.type   'polypeptide(L)'
_entity_poly.pdbx_seq_one_letter_code
;GCELSDPDGLADPMKWSKVPSGLKNGELKVEAEGGSSLFACKNYKSFWISSVKEEGKFKENTSYKEFDGGWYLVKIEDNE
LKVIINRNETNASRSFTVCVEAGNAFDEFKFVQDAAKQ
;
_entity_poly.pdbx_strand_id   A
#
# COMPACT_ATOMS: atom_id res chain seq x y z
N GLY A 1 0.82 12.70 28.36
CA GLY A 1 2.19 13.16 28.09
C GLY A 1 3.06 11.98 27.69
N CYS A 2 4.26 11.85 28.27
CA CYS A 2 5.39 10.98 27.91
C CYS A 2 5.92 11.07 26.47
N GLU A 3 5.21 11.72 25.57
CA GLU A 3 5.69 12.23 24.29
C GLU A 3 6.42 13.57 24.53
N LEU A 4 7.40 13.90 23.68
CA LEU A 4 7.95 15.24 23.49
C LEU A 4 8.32 15.33 22.01
N SER A 5 8.19 16.53 21.41
CA SER A 5 8.47 16.78 20.00
C SER A 5 8.98 18.21 19.85
N ASP A 6 9.58 18.53 18.71
CA ASP A 6 9.93 19.91 18.37
C ASP A 6 8.63 20.69 18.15
N PRO A 7 8.56 21.97 18.53
CA PRO A 7 7.31 22.71 18.52
C PRO A 7 6.74 22.88 17.11
N ASP A 8 7.60 22.99 16.10
CA ASP A 8 7.22 23.06 14.69
C ASP A 8 8.20 22.16 13.93
N GLY A 9 8.19 20.88 14.29
CA GLY A 9 8.98 19.86 13.64
C GLY A 9 8.32 18.49 13.74
N LEU A 10 7.04 18.40 13.34
CA LEU A 10 6.23 17.20 13.27
C LEU A 10 5.95 16.87 11.79
N ALA A 11 5.26 15.76 11.53
CA ALA A 11 4.93 15.28 10.19
C ALA A 11 3.42 15.15 10.05
N ASP A 12 2.81 15.99 9.20
CA ASP A 12 1.40 15.89 8.84
C ASP A 12 1.13 14.53 8.17
N PRO A 13 -0.10 14.01 8.16
CA PRO A 13 -0.41 12.76 7.43
C PRO A 13 -0.22 12.96 5.94
N MET A 14 0.21 11.92 5.22
CA MET A 14 0.30 11.96 3.77
C MET A 14 -1.11 12.06 3.20
N LYS A 15 -1.27 12.83 2.12
CA LYS A 15 -2.57 13.16 1.59
C LYS A 15 -2.67 12.96 0.10
N TRP A 16 -3.87 12.53 -0.21
CA TRP A 16 -4.25 11.87 -1.44
C TRP A 16 -5.48 12.56 -2.01
N SER A 17 -5.48 12.86 -3.31
CA SER A 17 -6.65 13.32 -4.06
C SER A 17 -7.50 12.14 -4.54
N LYS A 18 -6.90 10.98 -4.85
CA LYS A 18 -7.60 9.78 -5.29
C LYS A 18 -7.22 8.66 -4.33
N VAL A 19 -8.23 7.96 -3.81
CA VAL A 19 -8.10 6.70 -3.07
C VAL A 19 -9.28 5.80 -3.44
N PRO A 20 -9.19 4.47 -3.25
CA PRO A 20 -10.30 3.54 -3.30
C PRO A 20 -11.14 3.60 -2.02
N SER A 21 -12.46 3.45 -2.17
CA SER A 21 -13.38 3.34 -1.03
C SER A 21 -13.16 2.08 -0.17
N GLY A 22 -12.40 1.08 -0.64
CA GLY A 22 -12.10 -0.12 0.12
C GLY A 22 -11.04 0.11 1.22
N LEU A 23 -10.37 1.27 1.22
CA LEU A 23 -9.48 1.71 2.28
C LEU A 23 -10.25 1.88 3.59
N LYS A 24 -9.69 1.37 4.67
CA LYS A 24 -10.13 1.63 6.04
C LYS A 24 -8.88 1.79 6.90
N ASN A 25 -8.47 3.04 7.13
CA ASN A 25 -7.24 3.40 7.83
C ASN A 25 -6.05 2.58 7.30
N GLY A 26 -5.88 2.60 5.98
CA GLY A 26 -4.82 1.92 5.26
C GLY A 26 -4.99 0.40 5.18
N GLU A 27 -5.99 -0.21 5.82
CA GLU A 27 -6.28 -1.62 5.61
C GLU A 27 -7.22 -1.74 4.40
N LEU A 28 -6.79 -2.48 3.37
CA LEU A 28 -7.46 -2.56 2.07
C LEU A 28 -8.01 -3.97 1.92
N LYS A 29 -9.31 -4.16 2.14
CA LYS A 29 -9.91 -5.48 1.96
C LYS A 29 -10.06 -5.75 0.46
N VAL A 30 -9.87 -6.99 0.03
CA VAL A 30 -9.98 -7.43 -1.35
C VAL A 30 -10.66 -8.79 -1.32
N GLU A 31 -11.44 -9.11 -2.35
CA GLU A 31 -12.21 -10.32 -2.45
C GLU A 31 -11.45 -11.36 -3.29
N ALA A 32 -12.03 -12.55 -3.45
CA ALA A 32 -11.50 -13.62 -4.29
C ALA A 32 -11.66 -13.37 -5.80
N GLU A 33 -11.69 -12.13 -6.26
CA GLU A 33 -11.54 -11.69 -7.65
C GLU A 33 -10.29 -10.84 -7.85
N GLY A 34 -9.98 -10.01 -6.86
CA GLY A 34 -8.92 -9.04 -6.99
C GLY A 34 -9.40 -7.85 -7.82
N GLY A 35 -8.73 -6.72 -7.63
CA GLY A 35 -9.14 -5.45 -8.23
C GLY A 35 -7.94 -4.56 -8.50
N SER A 36 -8.17 -3.44 -9.17
CA SER A 36 -7.21 -2.34 -9.20
C SER A 36 -7.59 -1.34 -8.12
N SER A 37 -6.60 -0.57 -7.65
CA SER A 37 -6.78 0.61 -6.83
C SER A 37 -5.74 1.65 -7.25
N LEU A 38 -6.12 2.92 -7.13
CA LEU A 38 -5.33 4.08 -7.51
C LEU A 38 -5.26 5.01 -6.31
N PHE A 39 -4.06 5.47 -6.01
CA PHE A 39 -3.70 6.30 -4.90
C PHE A 39 -2.93 7.48 -5.50
N ALA A 40 -3.61 8.58 -5.79
CA ALA A 40 -2.96 9.78 -6.32
C ALA A 40 -2.71 10.77 -5.21
N CYS A 41 -1.46 11.16 -5.07
CA CYS A 41 -0.97 11.93 -3.96
C CYS A 41 -0.88 13.40 -4.35
N LYS A 42 -1.42 14.22 -3.45
CA LYS A 42 -1.60 15.63 -3.69
C LYS A 42 -0.59 16.47 -2.93
N ASN A 43 0.08 15.92 -1.92
CA ASN A 43 0.99 16.65 -1.03
C ASN A 43 2.42 16.09 -0.97
N TYR A 44 2.68 14.93 -1.58
CA TYR A 44 3.96 14.23 -1.55
C TYR A 44 4.15 13.45 -2.85
N LYS A 45 4.59 14.11 -3.93
CA LYS A 45 4.74 13.50 -5.26
C LYS A 45 6.12 12.86 -5.45
N SER A 46 6.79 12.57 -4.35
CA SER A 46 8.16 12.11 -4.31
C SER A 46 8.22 11.12 -3.15
N PHE A 47 8.18 9.84 -3.48
CA PHE A 47 8.26 8.72 -2.54
C PHE A 47 8.78 7.51 -3.30
N TRP A 48 8.95 6.39 -2.60
CA TRP A 48 9.36 5.12 -3.20
C TRP A 48 8.94 3.98 -2.30
N ILE A 49 8.94 2.80 -2.89
CA ILE A 49 8.57 1.55 -2.26
C ILE A 49 9.67 1.16 -1.28
N SER A 50 9.32 0.95 0.00
CA SER A 50 10.24 0.41 1.00
C SER A 50 9.61 -0.62 1.93
N SER A 51 8.38 -1.08 1.69
CA SER A 51 8.09 -2.45 2.10
C SER A 51 7.27 -3.22 1.07
N VAL A 52 7.40 -4.54 1.18
CA VAL A 52 6.56 -5.56 0.58
C VAL A 52 6.38 -6.60 1.70
N LYS A 53 5.20 -7.22 1.76
CA LYS A 53 4.91 -8.45 2.50
C LYS A 53 3.99 -9.23 1.58
N GLU A 54 4.14 -10.54 1.51
CA GLU A 54 3.25 -11.41 0.69
C GLU A 54 2.80 -12.65 1.44
N GLU A 55 3.30 -12.84 2.66
CA GLU A 55 3.24 -14.12 3.36
C GLU A 55 3.30 -13.92 4.86
N GLY A 56 2.67 -12.85 5.36
CA GLY A 56 2.63 -12.57 6.79
C GLY A 56 3.97 -12.09 7.36
N LYS A 57 5.02 -11.99 6.54
CA LYS A 57 6.34 -11.45 6.86
C LYS A 57 6.79 -10.61 5.68
N PHE A 58 7.75 -9.72 5.90
CA PHE A 58 8.16 -8.75 4.89
C PHE A 58 9.18 -9.41 3.95
N LYS A 59 9.40 -8.82 2.78
CA LYS A 59 10.37 -9.25 1.78
C LYS A 59 10.95 -8.02 1.06
N GLU A 60 11.97 -8.20 0.22
CA GLU A 60 12.67 -7.09 -0.42
C GLU A 60 12.11 -6.76 -1.82
N ASN A 61 12.47 -5.60 -2.34
CA ASN A 61 11.84 -4.93 -3.48
C ASN A 61 12.87 -4.57 -4.55
N THR A 62 12.68 -5.06 -5.77
CA THR A 62 13.69 -5.00 -6.85
C THR A 62 13.76 -3.65 -7.57
N SER A 63 13.06 -2.61 -7.09
CA SER A 63 13.01 -1.29 -7.70
C SER A 63 12.65 -0.27 -6.62
N TYR A 64 12.44 0.98 -7.01
CA TYR A 64 11.96 2.06 -6.14
C TYR A 64 10.53 2.48 -6.44
N LYS A 65 9.95 1.97 -7.51
CA LYS A 65 8.65 2.39 -8.03
C LYS A 65 7.79 1.22 -8.45
N GLU A 66 8.30 0.00 -8.36
CA GLU A 66 7.64 -1.18 -8.88
C GLU A 66 7.83 -2.30 -7.90
N PHE A 67 6.90 -3.26 -7.97
CA PHE A 67 7.03 -4.60 -7.42
C PHE A 67 6.16 -5.53 -8.26
N ASP A 68 6.50 -6.81 -8.36
CA ASP A 68 5.79 -7.84 -9.08
C ASP A 68 5.91 -9.14 -8.29
N GLY A 69 4.90 -9.41 -7.47
CA GLY A 69 4.80 -10.55 -6.55
C GLY A 69 4.00 -11.72 -7.14
N GLY A 70 3.94 -11.84 -8.46
CA GLY A 70 3.23 -12.89 -9.15
C GLY A 70 1.74 -12.57 -9.24
N TRP A 71 0.97 -12.73 -8.17
CA TRP A 71 -0.46 -12.37 -8.16
C TRP A 71 -0.69 -10.90 -7.81
N TYR A 72 0.37 -10.16 -7.49
CA TYR A 72 0.34 -8.81 -6.97
C TYR A 72 1.37 -8.00 -7.74
N LEU A 73 1.16 -6.70 -7.82
CA LEU A 73 1.81 -5.80 -8.77
C LEU A 73 1.70 -4.39 -8.18
N VAL A 74 2.78 -3.63 -8.15
CA VAL A 74 2.82 -2.24 -7.69
C VAL A 74 3.50 -1.39 -8.76
N LYS A 75 3.02 -0.17 -9.01
CA LYS A 75 3.57 0.78 -9.99
C LYS A 75 3.35 2.20 -9.45
N ILE A 76 4.42 3.01 -9.32
CA ILE A 76 4.39 4.45 -9.03
C ILE A 76 4.65 5.16 -10.37
N GLU A 77 3.78 6.07 -10.75
CA GLU A 77 3.91 6.96 -11.90
C GLU A 77 3.85 8.39 -11.40
N ASP A 78 5.01 8.89 -10.97
CA ASP A 78 5.27 10.14 -10.28
C ASP A 78 4.49 10.23 -8.98
N ASN A 79 3.20 10.55 -9.09
CA ASN A 79 2.31 10.86 -8.01
C ASN A 79 1.08 9.96 -8.02
N GLU A 80 0.99 8.99 -8.92
CA GLU A 80 -0.06 7.99 -8.92
C GLU A 80 0.58 6.65 -8.60
N LEU A 81 0.33 6.13 -7.39
CA LEU A 81 0.67 4.77 -7.01
C LEU A 81 -0.55 3.91 -7.28
N LYS A 82 -0.36 2.73 -7.86
CA LYS A 82 -1.39 1.78 -8.19
C LYS A 82 -1.02 0.41 -7.67
N VAL A 83 -2.03 -0.42 -7.42
CA VAL A 83 -1.87 -1.85 -7.30
C VAL A 83 -2.98 -2.50 -8.14
N ILE A 84 -2.70 -3.63 -8.78
CA ILE A 84 -3.65 -4.42 -9.55
C ILE A 84 -3.43 -5.87 -9.13
N ILE A 85 -4.48 -6.51 -8.60
CA ILE A 85 -4.42 -7.74 -7.82
C ILE A 85 -5.14 -8.84 -8.61
N ASN A 86 -4.47 -9.99 -8.79
CA ASN A 86 -5.06 -11.14 -9.48
C ASN A 86 -6.06 -11.84 -8.58
N ARG A 87 -6.87 -12.71 -9.20
CA ARG A 87 -7.83 -13.56 -8.51
C ARG A 87 -7.07 -14.66 -7.78
N ASN A 88 -7.36 -14.78 -6.49
CA ASN A 88 -7.06 -15.93 -5.65
C ASN A 88 -7.97 -17.09 -6.05
N GLU A 89 -7.41 -18.18 -6.55
CA GLU A 89 -8.15 -19.39 -6.86
C GLU A 89 -7.98 -20.43 -5.76
N THR A 90 -7.29 -20.08 -4.66
CA THR A 90 -7.11 -20.96 -3.52
C THR A 90 -8.08 -20.67 -2.39
N ASN A 91 -8.39 -21.76 -1.71
CA ASN A 91 -9.11 -21.97 -0.47
C ASN A 91 -8.44 -21.36 0.77
N ALA A 92 -7.56 -20.35 0.61
CA ALA A 92 -6.93 -19.66 1.72
C ALA A 92 -6.90 -18.18 1.40
N SER A 93 -7.23 -17.33 2.36
CA SER A 93 -6.96 -15.93 2.37
C SER A 93 -5.45 -15.66 2.44
N ARG A 94 -5.02 -14.48 2.01
CA ARG A 94 -3.62 -14.07 1.92
C ARG A 94 -3.58 -12.55 2.05
N SER A 95 -2.46 -11.95 2.39
CA SER A 95 -2.42 -10.51 2.66
C SER A 95 -1.07 -9.93 2.23
N PHE A 96 -1.07 -8.62 1.98
CA PHE A 96 0.04 -7.88 1.39
C PHE A 96 0.33 -6.64 2.21
N THR A 97 1.46 -5.99 1.94
CA THR A 97 1.71 -4.63 2.42
C THR A 97 2.47 -3.85 1.36
N VAL A 98 2.25 -2.54 1.33
CA VAL A 98 2.94 -1.55 0.53
C VAL A 98 3.18 -0.40 1.51
N CYS A 99 4.37 -0.27 2.08
CA CYS A 99 4.78 0.96 2.75
C CYS A 99 5.61 1.77 1.77
N VAL A 100 5.36 3.07 1.80
CA VAL A 100 6.04 4.09 1.03
C VAL A 100 6.32 5.24 2.00
N GLU A 101 7.54 5.81 1.96
CA GLU A 101 7.93 7.01 2.70
C GLU A 101 8.16 8.15 1.71
N ALA A 102 7.71 9.36 2.11
CA ALA A 102 7.96 10.62 1.42
C ALA A 102 8.84 11.51 2.32
N GLY A 103 9.93 10.95 2.86
CA GLY A 103 10.89 11.65 3.70
C GLY A 103 10.40 11.75 5.14
N ASN A 104 9.35 12.53 5.39
CA ASN A 104 8.92 12.85 6.76
C ASN A 104 7.81 11.96 7.28
N ALA A 105 7.11 11.26 6.39
CA ALA A 105 5.89 10.54 6.67
C ALA A 105 5.87 9.27 5.83
N PHE A 106 5.07 8.30 6.26
CA PHE A 106 4.83 7.06 5.55
C PHE A 106 3.41 6.59 5.87
N ASP A 107 2.63 6.34 4.82
CA ASP A 107 1.31 5.74 4.86
C ASP A 107 1.55 4.26 4.52
N GLU A 108 1.52 3.37 5.51
CA GLU A 108 1.54 1.93 5.25
C GLU A 108 0.15 1.51 4.78
N PHE A 109 0.09 0.74 3.70
CA PHE A 109 -1.14 0.14 3.17
C PHE A 109 -1.05 -1.37 3.31
N LYS A 110 -2.11 -1.98 3.83
CA LYS A 110 -2.13 -3.35 4.35
C LYS A 110 -3.28 -4.08 3.67
N PHE A 111 -2.98 -4.77 2.58
CA PHE A 111 -3.98 -5.39 1.74
C PHE A 111 -4.34 -6.75 2.32
N VAL A 112 -5.61 -7.17 2.19
CA VAL A 112 -6.13 -8.38 2.80
C VAL A 112 -7.08 -9.03 1.80
N GLN A 113 -6.58 -10.01 1.06
CA GLN A 113 -7.34 -10.78 0.10
C GLN A 113 -8.04 -11.95 0.80
N ASP A 114 -9.20 -12.34 0.30
CA ASP A 114 -9.99 -13.48 0.80
C ASP A 114 -9.75 -14.73 -0.03
N ALA A 115 -10.08 -15.89 0.54
CA ALA A 115 -10.14 -17.19 -0.13
C ALA A 115 -11.26 -17.23 -1.15
N ALA A 116 -11.06 -18.03 -2.20
CA ALA A 116 -12.16 -18.53 -3.02
C ALA A 116 -12.95 -19.53 -2.20
N LYS A 117 -14.25 -19.67 -2.47
CA LYS A 117 -15.13 -20.60 -1.76
C LYS A 117 -15.69 -21.63 -2.74
N GLN A 118 -14.80 -22.16 -3.58
CA GLN A 118 -15.14 -23.03 -4.70
C GLN A 118 -14.81 -24.46 -4.30
N GLY A 1 7.56 30.44 30.38
CA GLY A 1 9.01 30.68 30.44
C GLY A 1 9.45 31.13 29.06
N CYS A 2 10.32 30.35 28.40
CA CYS A 2 10.68 30.50 27.00
C CYS A 2 10.69 29.14 26.28
N GLU A 3 10.94 28.03 26.99
CA GLU A 3 10.70 26.65 26.57
C GLU A 3 11.15 26.36 25.13
N LEU A 4 12.37 26.80 24.80
CA LEU A 4 12.92 26.72 23.46
C LEU A 4 13.10 25.25 23.07
N SER A 5 12.39 24.80 22.04
CA SER A 5 12.46 23.47 21.47
C SER A 5 12.16 23.62 19.95
N ASP A 6 11.87 22.52 19.26
CA ASP A 6 11.56 22.44 17.84
C ASP A 6 10.11 21.97 17.63
N PRO A 7 9.12 22.78 18.02
CA PRO A 7 7.72 22.38 18.07
C PRO A 7 7.19 22.04 16.69
N ASP A 8 7.65 22.71 15.62
CA ASP A 8 7.25 22.51 14.23
C ASP A 8 8.01 21.32 13.57
N GLY A 9 8.82 20.58 14.33
CA GLY A 9 9.79 19.61 13.81
C GLY A 9 9.28 18.18 13.75
N LEU A 10 7.97 17.96 13.73
CA LEU A 10 7.34 16.65 13.72
C LEU A 10 7.10 16.18 12.29
N ALA A 11 6.64 14.94 12.15
CA ALA A 11 6.29 14.32 10.88
C ALA A 11 4.82 13.90 10.93
N ASP A 12 3.97 14.71 10.30
CA ASP A 12 2.59 14.31 10.01
C ASP A 12 2.59 13.16 8.99
N PRO A 13 1.56 12.31 9.00
CA PRO A 13 1.41 11.20 8.08
C PRO A 13 0.96 11.69 6.69
N MET A 14 0.82 10.73 5.78
CA MET A 14 0.36 10.98 4.42
C MET A 14 -1.17 11.19 4.44
N LYS A 15 -1.67 11.98 3.50
CA LYS A 15 -3.10 12.19 3.26
C LYS A 15 -3.38 11.96 1.79
N TRP A 16 -4.51 11.34 1.48
CA TRP A 16 -4.80 10.74 0.19
C TRP A 16 -6.20 11.17 -0.26
N SER A 17 -6.27 12.20 -1.10
CA SER A 17 -7.54 12.68 -1.65
C SER A 17 -8.15 11.74 -2.71
N LYS A 18 -7.45 10.69 -3.16
CA LYS A 18 -8.11 9.50 -3.70
C LYS A 18 -7.66 8.36 -2.82
N VAL A 19 -8.61 7.48 -2.49
CA VAL A 19 -8.40 6.13 -2.01
C VAL A 19 -9.53 5.29 -2.65
N PRO A 20 -9.38 3.97 -2.73
CA PRO A 20 -10.49 3.06 -2.96
C PRO A 20 -11.48 3.11 -1.79
N SER A 21 -12.63 2.45 -1.93
CA SER A 21 -13.68 2.39 -0.91
C SER A 21 -13.69 1.05 -0.17
N GLY A 22 -12.91 0.07 -0.63
CA GLY A 22 -12.55 -1.08 0.18
C GLY A 22 -11.79 -0.68 1.45
N LEU A 23 -11.02 0.43 1.39
CA LEU A 23 -10.25 1.01 2.49
C LEU A 23 -11.13 1.30 3.71
N LYS A 24 -11.00 0.44 4.72
CA LYS A 24 -11.73 0.54 5.98
C LYS A 24 -10.75 0.20 7.10
N ASN A 25 -10.39 1.21 7.89
CA ASN A 25 -9.33 1.18 8.91
C ASN A 25 -8.05 0.51 8.40
N GLY A 26 -7.55 1.02 7.27
CA GLY A 26 -6.32 0.55 6.63
C GLY A 26 -6.40 -0.85 6.00
N GLU A 27 -7.51 -1.57 6.18
CA GLU A 27 -7.70 -2.87 5.57
C GLU A 27 -8.48 -2.71 4.26
N LEU A 28 -8.24 -3.59 3.28
CA LEU A 28 -8.84 -3.55 1.95
C LEU A 28 -9.21 -4.98 1.55
N LYS A 29 -10.51 -5.27 1.49
CA LYS A 29 -11.01 -6.53 0.95
C LYS A 29 -10.81 -6.53 -0.57
N VAL A 30 -10.40 -7.68 -1.10
CA VAL A 30 -10.24 -7.98 -2.51
C VAL A 30 -10.94 -9.32 -2.72
N GLU A 31 -11.64 -9.47 -3.84
CA GLU A 31 -12.24 -10.75 -4.17
C GLU A 31 -11.29 -11.54 -5.06
N ALA A 32 -11.60 -12.80 -5.34
CA ALA A 32 -10.72 -13.70 -6.04
C ALA A 32 -10.49 -13.32 -7.51
N GLU A 33 -11.04 -12.22 -7.99
CA GLU A 33 -10.86 -11.68 -9.33
C GLU A 33 -9.70 -10.66 -9.33
N GLY A 34 -9.58 -9.93 -8.24
CA GLY A 34 -8.67 -8.81 -8.08
C GLY A 34 -9.23 -7.55 -8.76
N GLY A 35 -8.68 -6.40 -8.43
CA GLY A 35 -9.19 -5.11 -8.87
C GLY A 35 -8.08 -4.06 -8.86
N SER A 36 -8.37 -2.89 -9.44
CA SER A 36 -7.39 -1.88 -9.79
C SER A 36 -7.67 -0.60 -9.00
N SER A 37 -6.83 -0.25 -8.02
CA SER A 37 -7.17 0.78 -7.03
C SER A 37 -6.17 1.94 -7.13
N LEU A 38 -6.61 3.15 -6.79
CA LEU A 38 -5.83 4.39 -6.92
C LEU A 38 -5.77 5.09 -5.56
N PHE A 39 -4.60 5.62 -5.23
CA PHE A 39 -4.30 6.32 -4.00
C PHE A 39 -3.56 7.61 -4.38
N ALA A 40 -4.26 8.74 -4.49
CA ALA A 40 -3.66 10.02 -4.86
C ALA A 40 -3.25 10.75 -3.58
N CYS A 41 -1.96 10.70 -3.24
CA CYS A 41 -1.44 11.43 -2.10
C CYS A 41 -1.53 12.92 -2.41
N LYS A 42 -1.99 13.73 -1.44
CA LYS A 42 -2.14 15.17 -1.62
C LYS A 42 -1.01 15.96 -0.94
N ASN A 43 -0.22 15.34 -0.06
CA ASN A 43 0.76 16.06 0.79
C ASN A 43 2.17 15.49 0.74
N TYR A 44 2.40 14.41 0.00
CA TYR A 44 3.71 13.87 -0.32
C TYR A 44 3.66 13.45 -1.79
N LYS A 45 4.74 13.59 -2.56
CA LYS A 45 4.82 13.09 -3.94
C LYS A 45 5.98 12.11 -4.14
N SER A 46 6.89 12.06 -3.17
CA SER A 46 8.15 11.35 -3.22
C SER A 46 8.08 10.23 -2.18
N PHE A 47 7.88 8.97 -2.61
CA PHE A 47 7.81 7.81 -1.73
C PHE A 47 8.23 6.55 -2.50
N TRP A 48 8.50 5.45 -1.79
CA TRP A 48 9.04 4.22 -2.39
C TRP A 48 8.61 2.97 -1.62
N ILE A 49 9.04 1.83 -2.14
CA ILE A 49 8.75 0.50 -1.64
C ILE A 49 9.91 0.01 -0.79
N SER A 50 9.64 -0.35 0.46
CA SER A 50 10.62 -0.99 1.33
C SER A 50 10.03 -2.09 2.23
N SER A 51 8.74 -2.46 2.09
CA SER A 51 8.21 -3.68 2.67
C SER A 51 7.03 -4.24 1.86
N VAL A 52 6.98 -5.56 1.69
CA VAL A 52 5.84 -6.32 1.18
C VAL A 52 5.72 -7.60 2.02
N LYS A 53 4.60 -7.82 2.72
CA LYS A 53 4.21 -9.17 3.15
C LYS A 53 3.52 -9.86 1.98
N GLU A 54 3.67 -11.17 1.83
CA GLU A 54 2.91 -11.92 0.80
C GLU A 54 2.52 -13.33 1.24
N GLU A 55 3.00 -13.79 2.41
CA GLU A 55 3.08 -15.21 2.73
C GLU A 55 2.88 -15.48 4.22
N GLY A 56 2.52 -14.46 5.01
CA GLY A 56 2.60 -14.48 6.47
C GLY A 56 3.93 -13.92 6.98
N LYS A 57 4.90 -13.67 6.09
CA LYS A 57 6.18 -13.01 6.37
C LYS A 57 6.40 -11.90 5.36
N PHE A 58 7.37 -11.01 5.64
CA PHE A 58 7.81 -9.97 4.72
C PHE A 58 8.89 -10.57 3.80
N LYS A 59 8.97 -10.07 2.57
CA LYS A 59 10.04 -10.29 1.60
C LYS A 59 10.78 -8.96 1.36
N GLU A 60 11.62 -8.90 0.33
CA GLU A 60 12.47 -7.77 0.00
C GLU A 60 12.12 -7.27 -1.40
N ASN A 61 12.70 -6.15 -1.84
CA ASN A 61 12.32 -5.46 -3.06
C ASN A 61 13.58 -5.10 -3.84
N THR A 62 13.46 -5.00 -5.16
CA THR A 62 14.55 -4.72 -6.09
C THR A 62 14.24 -3.45 -6.92
N SER A 63 13.38 -2.57 -6.40
CA SER A 63 13.01 -1.32 -7.03
C SER A 63 12.58 -0.34 -5.93
N TYR A 64 12.55 0.95 -6.24
CA TYR A 64 12.08 2.03 -5.35
C TYR A 64 10.83 2.71 -5.88
N LYS A 65 10.14 2.03 -6.79
CA LYS A 65 9.00 2.57 -7.53
C LYS A 65 8.05 1.49 -8.04
N GLU A 66 8.43 0.22 -8.03
CA GLU A 66 7.59 -0.87 -8.48
C GLU A 66 7.74 -2.02 -7.49
N PHE A 67 6.82 -2.98 -7.60
CA PHE A 67 7.05 -4.34 -7.13
C PHE A 67 6.18 -5.27 -7.96
N ASP A 68 6.80 -6.32 -8.51
CA ASP A 68 6.22 -7.32 -9.38
C ASP A 68 6.34 -8.69 -8.70
N GLY A 69 5.29 -9.05 -7.94
CA GLY A 69 5.13 -10.31 -7.21
C GLY A 69 4.40 -11.37 -8.03
N GLY A 70 4.32 -11.20 -9.35
CA GLY A 70 3.64 -12.12 -10.25
C GLY A 70 2.15 -11.81 -10.27
N TRP A 71 1.41 -12.26 -9.26
CA TRP A 71 -0.04 -12.07 -9.17
C TRP A 71 -0.45 -10.63 -8.86
N TYR A 72 0.50 -9.75 -8.56
CA TYR A 72 0.27 -8.47 -7.92
C TYR A 72 1.32 -7.51 -8.47
N LEU A 73 0.93 -6.26 -8.71
CA LEU A 73 1.80 -5.27 -9.36
C LEU A 73 1.57 -3.92 -8.68
N VAL A 74 2.58 -3.41 -7.99
CA VAL A 74 2.60 -2.06 -7.42
C VAL A 74 3.28 -1.15 -8.43
N LYS A 75 2.74 0.05 -8.67
CA LYS A 75 3.40 1.09 -9.44
C LYS A 75 3.23 2.42 -8.71
N ILE A 76 4.33 2.92 -8.15
CA ILE A 76 4.45 4.29 -7.72
C ILE A 76 4.76 5.07 -9.01
N GLU A 77 3.75 5.76 -9.50
CA GLU A 77 3.83 6.73 -10.55
C GLU A 77 3.38 8.03 -9.91
N ASP A 78 4.28 9.02 -9.84
CA ASP A 78 3.96 10.33 -9.30
C ASP A 78 3.46 10.19 -7.86
N ASN A 79 2.65 11.15 -7.39
CA ASN A 79 1.89 11.04 -6.16
C ASN A 79 0.65 10.16 -6.26
N GLU A 80 0.39 9.50 -7.40
CA GLU A 80 -0.83 8.75 -7.65
C GLU A 80 -0.51 7.26 -7.67
N LEU A 81 -0.37 6.65 -6.49
CA LEU A 81 -0.01 5.26 -6.33
C LEU A 81 -1.16 4.40 -6.82
N LYS A 82 -0.86 3.39 -7.62
CA LYS A 82 -1.85 2.45 -8.14
C LYS A 82 -1.35 1.03 -7.99
N VAL A 83 -2.28 0.09 -7.84
CA VAL A 83 -1.97 -1.32 -7.78
C VAL A 83 -2.96 -2.04 -8.67
N ILE A 84 -2.55 -3.17 -9.23
CA ILE A 84 -3.44 -4.11 -9.91
C ILE A 84 -3.18 -5.49 -9.30
N ILE A 85 -4.26 -6.24 -9.08
CA ILE A 85 -4.27 -7.55 -8.45
C ILE A 85 -4.94 -8.50 -9.43
N ASN A 86 -4.34 -9.68 -9.70
CA ASN A 86 -4.90 -10.67 -10.62
C ASN A 86 -5.88 -11.58 -9.88
N ARG A 87 -6.57 -12.41 -10.66
CA ARG A 87 -7.47 -13.45 -10.20
C ARG A 87 -6.67 -14.54 -9.49
N ASN A 88 -7.24 -15.08 -8.43
CA ASN A 88 -6.69 -16.16 -7.63
C ASN A 88 -7.28 -17.47 -8.12
N GLU A 89 -6.47 -18.33 -8.74
CA GLU A 89 -6.89 -19.61 -9.31
C GLU A 89 -6.93 -20.74 -8.25
N THR A 90 -7.08 -20.41 -6.96
CA THR A 90 -7.00 -21.42 -5.91
C THR A 90 -8.06 -21.24 -4.80
N ASN A 91 -8.32 -22.32 -4.08
CA ASN A 91 -9.26 -22.47 -2.97
C ASN A 91 -8.81 -21.80 -1.66
N ALA A 92 -7.68 -21.10 -1.62
CA ALA A 92 -7.15 -20.47 -0.40
C ALA A 92 -7.22 -18.96 -0.56
N SER A 93 -7.80 -18.29 0.42
CA SER A 93 -7.70 -16.84 0.56
C SER A 93 -6.27 -16.51 0.96
N ARG A 94 -5.66 -15.47 0.36
CA ARG A 94 -4.28 -15.04 0.63
C ARG A 94 -4.30 -13.55 0.98
N SER A 95 -3.16 -13.00 1.40
CA SER A 95 -3.03 -11.58 1.70
C SER A 95 -1.65 -11.13 1.28
N PHE A 96 -1.51 -9.82 1.16
CA PHE A 96 -0.26 -9.11 1.17
C PHE A 96 -0.45 -7.86 2.01
N THR A 97 0.65 -7.21 2.38
CA THR A 97 0.64 -5.87 2.93
C THR A 97 1.60 -5.06 2.07
N VAL A 98 1.29 -3.78 1.86
CA VAL A 98 2.19 -2.81 1.25
C VAL A 98 2.41 -1.72 2.27
N CYS A 99 3.66 -1.27 2.40
CA CYS A 99 4.05 -0.17 3.26
C CYS A 99 4.89 0.77 2.40
N VAL A 100 4.50 2.03 2.30
CA VAL A 100 5.20 3.02 1.47
C VAL A 100 5.65 4.17 2.36
N GLU A 101 6.96 4.39 2.46
CA GLU A 101 7.53 5.50 3.21
C GLU A 101 7.79 6.67 2.27
N ALA A 102 7.61 7.90 2.78
CA ALA A 102 7.66 9.14 2.00
C ALA A 102 8.64 10.16 2.57
N GLY A 103 9.45 9.77 3.57
CA GLY A 103 10.49 10.62 4.12
C GLY A 103 10.57 10.42 5.62
N ASN A 104 9.79 11.17 6.39
CA ASN A 104 9.79 11.13 7.85
C ASN A 104 8.54 10.43 8.41
N ALA A 105 7.61 10.02 7.55
CA ALA A 105 6.47 9.17 7.89
C ALA A 105 6.33 8.08 6.82
N PHE A 106 5.39 7.16 7.03
CA PHE A 106 4.97 6.14 6.07
C PHE A 106 3.49 5.87 6.22
N ASP A 107 2.89 5.17 5.25
CA ASP A 107 1.52 4.67 5.30
C ASP A 107 1.55 3.21 4.88
N GLU A 108 0.57 2.42 5.31
CA GLU A 108 0.53 0.98 5.11
C GLU A 108 -0.91 0.55 4.89
N PHE A 109 -1.10 -0.43 4.01
CA PHE A 109 -2.40 -0.91 3.57
C PHE A 109 -2.38 -2.44 3.59
N LYS A 110 -3.22 -3.04 4.42
CA LYS A 110 -3.35 -4.48 4.56
C LYS A 110 -4.42 -4.94 3.56
N PHE A 111 -4.03 -5.69 2.53
CA PHE A 111 -4.98 -6.25 1.58
C PHE A 111 -5.20 -7.73 1.94
N VAL A 112 -6.37 -8.29 1.59
CA VAL A 112 -6.68 -9.69 1.79
C VAL A 112 -7.59 -10.09 0.62
N GLN A 113 -7.19 -11.10 -0.16
CA GLN A 113 -7.89 -11.58 -1.34
C GLN A 113 -8.56 -12.92 -1.04
N ASP A 114 -9.81 -13.06 -1.47
CA ASP A 114 -10.56 -14.31 -1.30
C ASP A 114 -10.05 -15.45 -2.18
N ALA A 115 -10.53 -16.65 -1.86
CA ALA A 115 -10.37 -17.85 -2.69
C ALA A 115 -11.34 -17.85 -3.85
N ALA A 116 -10.98 -18.60 -4.89
CA ALA A 116 -11.91 -18.94 -5.95
C ALA A 116 -12.67 -20.19 -5.50
N LYS A 117 -13.90 -19.95 -5.10
CA LYS A 117 -14.84 -20.95 -4.61
C LYS A 117 -15.39 -21.74 -5.80
N GLN A 118 -14.60 -22.69 -6.29
CA GLN A 118 -14.95 -23.64 -7.32
C GLN A 118 -14.44 -25.00 -6.87
N GLY A 1 1.36 14.15 31.79
CA GLY A 1 1.40 14.66 30.41
C GLY A 1 2.74 15.30 30.11
N CYS A 2 3.17 15.23 28.84
CA CYS A 2 4.02 16.26 28.24
C CYS A 2 3.16 17.51 28.01
N GLU A 3 3.78 18.64 27.67
CA GLU A 3 3.10 19.76 27.03
C GLU A 3 4.16 20.57 26.28
N LEU A 4 4.71 19.99 25.21
CA LEU A 4 5.82 20.53 24.44
C LEU A 4 5.91 19.79 23.10
N SER A 5 6.61 20.37 22.12
CA SER A 5 7.03 19.74 20.88
C SER A 5 8.16 20.59 20.27
N ASP A 6 8.78 20.15 19.17
CA ASP A 6 9.55 21.05 18.30
C ASP A 6 8.54 21.93 17.55
N PRO A 7 8.85 23.22 17.27
CA PRO A 7 7.84 24.17 16.79
C PRO A 7 7.27 23.85 15.40
N ASP A 8 8.01 23.20 14.51
CA ASP A 8 7.47 22.81 13.20
C ASP A 8 8.14 21.57 12.62
N GLY A 9 9.25 21.10 13.19
CA GLY A 9 10.13 20.09 12.62
C GLY A 9 9.70 18.67 12.96
N LEU A 10 8.43 18.47 13.26
CA LEU A 10 7.74 17.19 13.30
C LEU A 10 7.66 16.60 11.88
N ALA A 11 7.01 15.44 11.75
CA ALA A 11 6.70 14.81 10.48
C ALA A 11 5.27 14.25 10.54
N ASP A 12 4.33 14.90 9.86
CA ASP A 12 3.00 14.38 9.57
C ASP A 12 3.10 13.23 8.55
N PRO A 13 2.06 12.38 8.43
CA PRO A 13 2.05 11.26 7.48
C PRO A 13 1.83 11.73 6.04
N MET A 14 1.83 10.79 5.07
CA MET A 14 1.52 11.10 3.70
C MET A 14 0.00 11.29 3.59
N LYS A 15 -0.46 12.36 2.93
CA LYS A 15 -1.89 12.61 2.72
C LYS A 15 -2.29 12.34 1.28
N TRP A 16 -3.53 11.91 1.05
CA TRP A 16 -3.95 11.31 -0.20
C TRP A 16 -5.29 11.91 -0.60
N SER A 17 -5.37 12.49 -1.79
CA SER A 17 -6.59 13.14 -2.27
C SER A 17 -7.43 12.22 -3.17
N LYS A 18 -7.10 10.93 -3.24
CA LYS A 18 -7.82 9.90 -3.99
C LYS A 18 -7.47 8.59 -3.30
N VAL A 19 -8.43 7.87 -2.70
CA VAL A 19 -8.23 6.58 -2.03
C VAL A 19 -9.47 5.68 -2.28
N PRO A 20 -9.32 4.35 -2.29
CA PRO A 20 -10.40 3.40 -2.58
C PRO A 20 -11.30 3.17 -1.35
N SER A 21 -12.53 2.72 -1.58
CA SER A 21 -13.52 2.48 -0.52
C SER A 21 -13.18 1.22 0.29
N GLY A 22 -12.30 0.33 -0.22
CA GLY A 22 -11.80 -0.82 0.53
C GLY A 22 -10.97 -0.40 1.74
N LEU A 23 -10.31 0.77 1.66
CA LEU A 23 -9.52 1.33 2.76
C LEU A 23 -10.39 1.56 4.00
N LYS A 24 -10.03 0.90 5.09
CA LYS A 24 -10.58 1.06 6.42
C LYS A 24 -9.41 0.95 7.36
N ASN A 25 -9.03 2.06 7.99
CA ASN A 25 -8.02 2.09 9.04
C ASN A 25 -6.71 1.44 8.56
N GLY A 26 -6.32 1.77 7.31
CA GLY A 26 -5.12 1.29 6.64
C GLY A 26 -5.27 -0.12 6.05
N GLU A 27 -6.30 -0.87 6.41
CA GLU A 27 -6.53 -2.21 5.89
C GLU A 27 -7.42 -2.12 4.64
N LEU A 28 -7.24 -3.06 3.71
CA LEU A 28 -8.01 -3.14 2.48
C LEU A 28 -8.45 -4.58 2.26
N LYS A 29 -9.76 -4.84 2.31
CA LYS A 29 -10.29 -6.12 1.81
C LYS A 29 -10.32 -6.08 0.29
N VAL A 30 -10.39 -7.21 -0.39
CA VAL A 30 -10.57 -7.27 -1.83
C VAL A 30 -11.52 -8.42 -2.10
N GLU A 31 -12.18 -8.40 -3.25
CA GLU A 31 -12.88 -9.57 -3.73
C GLU A 31 -11.88 -10.57 -4.30
N ALA A 32 -12.29 -11.84 -4.45
CA ALA A 32 -11.39 -12.90 -4.85
C ALA A 32 -10.98 -12.85 -6.33
N GLU A 33 -11.48 -11.89 -7.10
CA GLU A 33 -11.09 -11.60 -8.48
C GLU A 33 -9.90 -10.64 -8.51
N GLY A 34 -9.82 -9.80 -7.47
CA GLY A 34 -8.94 -8.66 -7.40
C GLY A 34 -9.37 -7.58 -8.40
N GLY A 35 -8.74 -6.42 -8.30
CA GLY A 35 -9.02 -5.27 -9.14
C GLY A 35 -7.95 -4.19 -8.99
N SER A 36 -8.13 -3.05 -9.66
CA SER A 36 -7.20 -1.93 -9.56
C SER A 36 -7.68 -0.90 -8.53
N SER A 37 -6.83 -0.54 -7.55
CA SER A 37 -7.08 0.55 -6.62
C SER A 37 -6.21 1.74 -7.02
N LEU A 38 -6.44 2.91 -6.42
CA LEU A 38 -5.74 4.15 -6.74
C LEU A 38 -5.54 4.99 -5.49
N PHE A 39 -4.32 5.50 -5.35
CA PHE A 39 -3.82 6.27 -4.22
C PHE A 39 -3.09 7.48 -4.80
N ALA A 40 -3.69 8.67 -4.78
CA ALA A 40 -3.07 9.89 -5.33
C ALA A 40 -2.56 10.79 -4.24
N CYS A 41 -1.28 11.13 -4.30
CA CYS A 41 -0.56 11.75 -3.21
C CYS A 41 -0.56 13.25 -3.42
N LYS A 42 -1.44 13.97 -2.71
CA LYS A 42 -1.53 15.41 -2.93
C LYS A 42 -0.49 16.19 -2.11
N ASN A 43 0.35 15.53 -1.30
CA ASN A 43 1.11 16.18 -0.22
C ASN A 43 2.60 15.79 -0.17
N TYR A 44 2.99 14.76 -0.91
CA TYR A 44 4.34 14.32 -1.25
C TYR A 44 4.22 13.86 -2.70
N LYS A 45 5.22 14.05 -3.57
CA LYS A 45 5.24 13.59 -4.96
C LYS A 45 6.62 12.94 -5.24
N SER A 46 7.17 12.30 -4.22
CA SER A 46 8.38 11.49 -4.28
C SER A 46 8.29 10.48 -3.14
N PHE A 47 8.21 9.20 -3.48
CA PHE A 47 8.32 8.06 -2.57
C PHE A 47 8.65 6.81 -3.39
N TRP A 48 9.02 5.72 -2.72
CA TRP A 48 9.36 4.45 -3.33
C TRP A 48 8.79 3.32 -2.48
N ILE A 49 8.86 2.12 -3.06
CA ILE A 49 8.51 0.88 -2.40
C ILE A 49 9.71 0.51 -1.55
N SER A 50 9.50 0.37 -0.24
CA SER A 50 10.57 0.19 0.71
C SER A 50 10.31 -0.97 1.69
N SER A 51 9.14 -1.61 1.64
CA SER A 51 8.93 -2.99 2.12
C SER A 51 7.69 -3.62 1.48
N VAL A 52 7.68 -4.96 1.47
CA VAL A 52 6.69 -5.82 0.83
C VAL A 52 6.47 -7.04 1.74
N LYS A 53 5.25 -7.20 2.26
CA LYS A 53 4.78 -8.43 2.88
C LYS A 53 3.78 -9.07 1.94
N GLU A 54 3.74 -10.40 1.88
CA GLU A 54 2.74 -11.18 1.13
C GLU A 54 2.35 -12.48 1.87
N GLU A 55 2.97 -12.75 3.02
CA GLU A 55 2.95 -14.08 3.63
C GLU A 55 3.15 -13.95 5.14
N GLY A 56 2.77 -12.82 5.73
CA GLY A 56 3.03 -12.52 7.14
C GLY A 56 4.50 -12.21 7.42
N LYS A 57 5.38 -12.37 6.44
CA LYS A 57 6.80 -12.04 6.50
C LYS A 57 7.12 -11.06 5.40
N PHE A 58 8.22 -10.33 5.59
CA PHE A 58 8.72 -9.37 4.64
C PHE A 58 9.63 -10.07 3.62
N LYS A 59 9.95 -9.38 2.53
CA LYS A 59 10.99 -9.77 1.58
C LYS A 59 11.71 -8.51 1.11
N GLU A 60 12.67 -8.67 0.22
CA GLU A 60 13.30 -7.55 -0.44
C GLU A 60 12.48 -7.24 -1.69
N ASN A 61 12.88 -6.26 -2.49
CA ASN A 61 12.40 -6.03 -3.84
C ASN A 61 13.60 -5.45 -4.62
N THR A 62 13.45 -5.26 -5.93
CA THR A 62 14.56 -4.95 -6.82
C THR A 62 14.35 -3.63 -7.57
N SER A 63 13.41 -2.79 -7.13
CA SER A 63 12.95 -1.61 -7.85
C SER A 63 12.53 -0.53 -6.84
N TYR A 64 12.42 0.72 -7.24
CA TYR A 64 11.95 1.81 -6.38
C TYR A 64 10.68 2.48 -6.91
N LYS A 65 10.01 1.85 -7.87
CA LYS A 65 8.78 2.37 -8.47
C LYS A 65 7.81 1.26 -8.88
N GLU A 66 8.21 -0.01 -8.85
CA GLU A 66 7.33 -1.15 -9.10
C GLU A 66 7.55 -2.17 -8.00
N PHE A 67 6.63 -3.13 -7.89
CA PHE A 67 7.00 -4.51 -7.65
C PHE A 67 5.94 -5.42 -8.26
N ASP A 68 6.35 -6.41 -9.05
CA ASP A 68 5.45 -7.38 -9.69
C ASP A 68 5.51 -8.71 -8.95
N GLY A 69 4.75 -8.81 -7.85
CA GLY A 69 4.78 -9.90 -6.90
C GLY A 69 3.91 -11.05 -7.36
N GLY A 70 3.93 -11.38 -8.65
CA GLY A 70 3.13 -12.45 -9.22
C GLY A 70 1.67 -12.01 -9.28
N TRP A 71 0.90 -12.25 -8.23
CA TRP A 71 -0.52 -11.95 -8.22
C TRP A 71 -0.84 -10.47 -7.95
N TYR A 72 0.16 -9.61 -7.78
CA TYR A 72 0.00 -8.32 -7.14
C TYR A 72 1.01 -7.35 -7.77
N LEU A 73 0.52 -6.46 -8.64
CA LEU A 73 1.33 -5.58 -9.48
C LEU A 73 1.28 -4.13 -8.98
N VAL A 74 2.33 -3.67 -8.32
CA VAL A 74 2.41 -2.32 -7.75
C VAL A 74 3.15 -1.44 -8.75
N LYS A 75 2.64 -0.22 -8.99
CA LYS A 75 3.24 0.79 -9.86
C LYS A 75 3.09 2.15 -9.18
N ILE A 76 4.21 2.84 -9.01
CA ILE A 76 4.28 4.26 -8.67
C ILE A 76 4.42 4.95 -10.01
N GLU A 77 3.53 5.89 -10.26
CA GLU A 77 3.56 6.88 -11.31
C GLU A 77 3.80 8.24 -10.63
N ASP A 78 3.67 9.33 -11.39
CA ASP A 78 4.10 10.70 -11.04
C ASP A 78 3.71 11.09 -9.62
N ASN A 79 2.41 11.07 -9.33
CA ASN A 79 1.84 11.26 -8.01
C ASN A 79 0.55 10.43 -7.85
N GLU A 80 0.44 9.35 -8.61
CA GLU A 80 -0.51 8.29 -8.35
C GLU A 80 0.28 7.00 -8.14
N LEU A 81 -0.09 6.23 -7.13
CA LEU A 81 0.36 4.90 -6.82
C LEU A 81 -0.88 4.03 -6.90
N LYS A 82 -0.74 2.89 -7.53
CA LYS A 82 -1.86 2.01 -7.83
C LYS A 82 -1.35 0.58 -7.91
N VAL A 83 -2.26 -0.35 -7.68
CA VAL A 83 -1.94 -1.76 -7.69
C VAL A 83 -3.08 -2.49 -8.40
N ILE A 84 -2.73 -3.52 -9.18
CA ILE A 84 -3.68 -4.43 -9.79
C ILE A 84 -3.47 -5.77 -9.09
N ILE A 85 -4.57 -6.46 -8.79
CA ILE A 85 -4.58 -7.67 -7.97
C ILE A 85 -5.23 -8.74 -8.82
N ASN A 86 -4.62 -9.92 -8.89
CA ASN A 86 -5.09 -11.04 -9.70
C ASN A 86 -6.03 -11.89 -8.88
N ARG A 87 -6.81 -12.68 -9.61
CA ARG A 87 -7.81 -13.59 -9.09
C ARG A 87 -7.14 -14.68 -8.23
N ASN A 88 -7.74 -14.98 -7.10
CA ASN A 88 -7.31 -16.02 -6.17
C ASN A 88 -7.92 -17.34 -6.65
N GLU A 89 -7.12 -18.39 -6.78
CA GLU A 89 -7.56 -19.73 -7.17
C GLU A 89 -7.79 -20.65 -5.96
N THR A 90 -7.66 -20.18 -4.73
CA THR A 90 -7.68 -21.03 -3.54
C THR A 90 -8.72 -20.58 -2.51
N ASN A 91 -9.26 -21.55 -1.78
CA ASN A 91 -10.16 -21.35 -0.63
C ASN A 91 -9.52 -20.68 0.59
N ALA A 92 -8.25 -20.28 0.50
CA ALA A 92 -7.57 -19.50 1.52
C ALA A 92 -7.52 -18.04 1.09
N SER A 93 -7.86 -17.13 1.98
CA SER A 93 -7.53 -15.73 1.86
C SER A 93 -6.03 -15.56 2.13
N ARG A 94 -5.40 -14.56 1.54
CA ARG A 94 -3.96 -14.28 1.67
C ARG A 94 -3.81 -12.77 1.80
N SER A 95 -2.81 -12.26 2.51
CA SER A 95 -2.67 -10.83 2.78
C SER A 95 -1.31 -10.30 2.34
N PHE A 96 -1.21 -8.99 2.27
CA PHE A 96 -0.10 -8.26 1.67
C PHE A 96 0.16 -6.97 2.48
N THR A 97 1.25 -6.26 2.20
CA THR A 97 1.43 -4.87 2.66
C THR A 97 2.33 -4.11 1.68
N VAL A 98 1.83 -3.01 1.12
CA VAL A 98 2.61 -2.02 0.39
C VAL A 98 3.12 -1.04 1.44
N CYS A 99 4.44 -0.98 1.63
CA CYS A 99 5.07 -0.03 2.52
C CYS A 99 5.82 0.97 1.64
N VAL A 100 5.35 2.22 1.60
CA VAL A 100 5.95 3.29 0.81
C VAL A 100 6.50 4.36 1.74
N GLU A 101 7.64 4.95 1.42
CA GLU A 101 8.32 5.93 2.26
C GLU A 101 8.68 7.15 1.41
N ALA A 102 8.43 8.34 1.94
CA ALA A 102 8.61 9.64 1.29
C ALA A 102 9.72 10.44 1.98
N GLY A 103 10.70 9.76 2.56
CA GLY A 103 11.74 10.35 3.38
C GLY A 103 11.26 10.35 4.83
N ASN A 104 10.93 11.53 5.38
CA ASN A 104 10.71 11.67 6.83
C ASN A 104 9.53 10.86 7.37
N ALA A 105 8.58 10.50 6.50
CA ALA A 105 7.35 9.82 6.85
C ALA A 105 7.10 8.70 5.84
N PHE A 106 6.23 7.77 6.22
CA PHE A 106 5.85 6.66 5.37
C PHE A 106 4.39 6.31 5.62
N ASP A 107 3.78 5.66 4.64
CA ASP A 107 2.39 5.22 4.66
C ASP A 107 2.40 3.75 4.24
N GLU A 108 1.45 2.97 4.75
CA GLU A 108 1.52 1.53 4.78
C GLU A 108 0.09 0.99 4.70
N PHE A 109 -0.22 0.21 3.67
CA PHE A 109 -1.58 -0.27 3.41
C PHE A 109 -1.59 -1.79 3.41
N LYS A 110 -2.31 -2.35 4.37
CA LYS A 110 -2.38 -3.78 4.66
C LYS A 110 -3.51 -4.37 3.80
N PHE A 111 -3.20 -4.89 2.61
CA PHE A 111 -4.20 -5.61 1.84
C PHE A 111 -4.44 -6.98 2.49
N VAL A 112 -5.66 -7.49 2.35
CA VAL A 112 -6.08 -8.82 2.74
C VAL A 112 -7.02 -9.29 1.65
N GLN A 113 -6.50 -10.11 0.75
CA GLN A 113 -7.23 -10.66 -0.35
C GLN A 113 -8.12 -11.80 0.15
N ASP A 114 -9.40 -11.70 -0.21
CA ASP A 114 -10.37 -12.74 0.12
C ASP A 114 -10.02 -14.12 -0.48
N ALA A 115 -10.60 -15.16 0.12
CA ALA A 115 -10.56 -16.53 -0.38
C ALA A 115 -11.50 -16.69 -1.57
N ALA A 116 -11.14 -17.57 -2.49
CA ALA A 116 -11.99 -17.92 -3.62
C ALA A 116 -12.74 -19.21 -3.30
N LYS A 117 -14.06 -19.14 -3.33
CA LYS A 117 -14.93 -20.28 -3.15
C LYS A 117 -15.07 -20.96 -4.51
N GLN A 118 -13.96 -21.46 -5.06
CA GLN A 118 -13.90 -22.13 -6.36
C GLN A 118 -14.52 -23.52 -6.27
N GLY A 1 -4.03 15.61 10.87
CA GLY A 1 -4.61 16.87 10.37
C GLY A 1 -4.96 17.79 11.54
N CYS A 2 -5.61 18.93 11.28
CA CYS A 2 -5.82 20.01 12.26
C CYS A 2 -4.48 20.55 12.74
N GLU A 3 -3.93 21.50 11.98
CA GLU A 3 -2.63 22.14 12.17
C GLU A 3 -1.47 21.12 12.20
N LEU A 4 -0.23 21.60 12.27
CA LEU A 4 0.95 20.75 12.39
C LEU A 4 0.94 20.10 13.77
N SER A 5 1.58 18.94 13.91
CA SER A 5 1.73 18.22 15.16
C SER A 5 3.19 17.79 15.27
N ASP A 6 4.02 18.56 15.98
CA ASP A 6 5.44 18.22 16.15
C ASP A 6 6.04 18.70 17.49
N PRO A 7 5.44 18.33 18.62
CA PRO A 7 5.81 18.80 19.96
C PRO A 7 7.22 18.37 20.42
N ASP A 8 7.81 17.32 19.84
CA ASP A 8 9.06 16.72 20.34
C ASP A 8 10.14 16.64 19.25
N GLY A 9 9.83 16.99 18.00
CA GLY A 9 10.71 16.80 16.86
C GLY A 9 10.65 15.36 16.35
N LEU A 10 9.45 14.94 15.95
CA LEU A 10 9.08 13.59 15.52
C LEU A 10 9.03 13.52 13.98
N ALA A 11 8.60 12.38 13.44
CA ALA A 11 8.31 12.14 12.04
C ALA A 11 6.93 11.48 11.96
N ASP A 12 5.89 12.28 11.67
CA ASP A 12 4.52 11.79 11.48
C ASP A 12 4.47 10.84 10.30
N PRO A 13 3.49 9.91 10.24
CA PRO A 13 3.26 9.12 9.04
C PRO A 13 2.73 10.02 7.92
N MET A 14 2.94 9.57 6.68
CA MET A 14 2.59 10.31 5.47
C MET A 14 1.08 10.57 5.40
N LYS A 15 0.68 11.70 4.82
CA LYS A 15 -0.69 12.11 4.63
C LYS A 15 -1.05 12.18 3.16
N TRP A 16 -2.26 11.73 2.89
CA TRP A 16 -2.72 11.45 1.54
C TRP A 16 -4.05 12.14 1.32
N SER A 17 -4.43 12.31 0.05
CA SER A 17 -5.69 12.99 -0.29
C SER A 17 -6.44 12.38 -1.48
N LYS A 18 -6.09 11.14 -1.89
CA LYS A 18 -6.84 10.39 -2.95
C LYS A 18 -7.17 8.97 -2.51
N VAL A 19 -7.21 8.77 -1.21
CA VAL A 19 -7.24 7.43 -0.64
C VAL A 19 -8.52 6.71 -1.10
N PRO A 20 -8.46 5.39 -1.32
CA PRO A 20 -9.62 4.60 -1.69
C PRO A 20 -10.58 4.46 -0.50
N SER A 21 -11.83 4.10 -0.78
CA SER A 21 -12.89 4.04 0.22
C SER A 21 -12.67 2.91 1.22
N GLY A 22 -12.13 1.77 0.76
CA GLY A 22 -11.93 0.60 1.60
C GLY A 22 -10.78 0.75 2.61
N LEU A 23 -9.90 1.74 2.41
CA LEU A 23 -8.91 2.17 3.41
C LEU A 23 -9.58 2.44 4.76
N LYS A 24 -9.22 1.62 5.74
CA LYS A 24 -9.64 1.72 7.14
C LYS A 24 -8.43 1.39 8.01
N ASN A 25 -7.83 2.43 8.59
CA ASN A 25 -6.69 2.32 9.50
C ASN A 25 -5.52 1.56 8.86
N GLY A 26 -5.18 1.95 7.62
CA GLY A 26 -4.11 1.31 6.86
C GLY A 26 -4.38 -0.16 6.55
N GLU A 27 -5.64 -0.60 6.53
CA GLU A 27 -6.05 -1.94 6.12
C GLU A 27 -7.10 -1.78 5.02
N LEU A 28 -7.17 -2.72 4.09
CA LEU A 28 -7.95 -2.62 2.87
C LEU A 28 -8.55 -3.99 2.54
N LYS A 29 -9.87 -4.07 2.50
CA LYS A 29 -10.55 -5.32 2.15
C LYS A 29 -10.55 -5.48 0.65
N VAL A 30 -10.26 -6.66 0.14
CA VAL A 30 -10.29 -6.95 -1.28
C VAL A 30 -10.87 -8.33 -1.45
N GLU A 31 -12.00 -8.42 -2.14
CA GLU A 31 -12.63 -9.70 -2.33
C GLU A 31 -11.84 -10.52 -3.35
N ALA A 32 -12.15 -11.80 -3.52
CA ALA A 32 -11.33 -12.75 -4.26
C ALA A 32 -11.09 -12.42 -5.75
N GLU A 33 -11.74 -11.40 -6.30
CA GLU A 33 -11.54 -10.96 -7.67
C GLU A 33 -10.34 -10.03 -7.74
N GLY A 34 -9.95 -9.45 -6.61
CA GLY A 34 -9.04 -8.33 -6.59
C GLY A 34 -9.76 -7.05 -7.04
N GLY A 35 -9.14 -5.92 -6.78
CA GLY A 35 -9.50 -4.67 -7.44
C GLY A 35 -8.36 -3.65 -7.35
N SER A 36 -8.45 -2.58 -8.12
CA SER A 36 -7.47 -1.50 -8.19
C SER A 36 -7.81 -0.35 -7.24
N SER A 37 -6.83 0.49 -6.88
CA SER A 37 -7.01 1.69 -6.06
C SER A 37 -5.94 2.72 -6.39
N LEU A 38 -6.28 4.00 -6.24
CA LEU A 38 -5.40 5.15 -6.38
C LEU A 38 -5.10 5.67 -4.99
N PHE A 39 -3.89 6.19 -4.81
CA PHE A 39 -3.48 6.99 -3.68
C PHE A 39 -2.67 8.15 -4.24
N ALA A 40 -2.70 9.31 -3.58
CA ALA A 40 -1.88 10.47 -3.87
C ALA A 40 -1.42 11.08 -2.56
N CYS A 41 -0.10 11.05 -2.32
CA CYS A 41 0.46 11.58 -1.11
C CYS A 41 0.41 13.09 -1.24
N LYS A 42 -0.45 13.75 -0.46
CA LYS A 42 -0.61 15.19 -0.61
C LYS A 42 0.49 15.93 0.13
N ASN A 43 1.29 15.25 0.97
CA ASN A 43 2.31 15.92 1.80
C ASN A 43 3.71 15.33 1.70
N TYR A 44 3.96 14.41 0.77
CA TYR A 44 5.29 13.92 0.41
C TYR A 44 5.30 13.63 -1.10
N LYS A 45 6.49 13.62 -1.72
CA LYS A 45 6.65 13.62 -3.19
C LYS A 45 7.85 12.84 -3.72
N SER A 46 8.58 12.25 -2.79
CA SER A 46 9.73 11.42 -3.04
C SER A 46 9.65 10.29 -2.02
N PHE A 47 8.95 9.20 -2.37
CA PHE A 47 8.74 8.05 -1.53
C PHE A 47 8.92 6.77 -2.35
N TRP A 48 9.31 5.67 -1.70
CA TRP A 48 9.63 4.43 -2.39
C TRP A 48 9.27 3.21 -1.56
N ILE A 49 9.00 2.13 -2.28
CA ILE A 49 8.73 0.80 -1.77
C ILE A 49 10.03 0.27 -1.19
N SER A 50 10.04 -0.28 0.03
CA SER A 50 11.20 -1.05 0.48
C SER A 50 10.85 -2.33 1.26
N SER A 51 9.59 -2.76 1.30
CA SER A 51 9.24 -4.15 1.58
C SER A 51 7.91 -4.51 0.91
N VAL A 52 7.74 -5.80 0.64
CA VAL A 52 6.51 -6.40 0.13
C VAL A 52 6.26 -7.65 0.99
N LYS A 53 5.04 -8.18 0.97
CA LYS A 53 4.65 -9.47 1.55
C LYS A 53 3.49 -9.97 0.68
N GLU A 54 3.35 -11.28 0.54
CA GLU A 54 2.17 -11.91 -0.06
C GLU A 54 1.70 -13.14 0.74
N GLU A 55 2.47 -13.51 1.79
CA GLU A 55 2.62 -14.91 2.20
C GLU A 55 2.76 -15.12 3.71
N GLY A 56 2.44 -14.10 4.49
CA GLY A 56 2.73 -14.10 5.93
C GLY A 56 4.23 -13.96 6.22
N LYS A 57 5.04 -13.55 5.24
CA LYS A 57 6.44 -13.22 5.42
C LYS A 57 6.78 -12.05 4.50
N PHE A 58 7.84 -11.32 4.81
CA PHE A 58 8.29 -10.22 3.95
C PHE A 58 9.11 -10.79 2.79
N LYS A 59 9.29 -9.97 1.75
CA LYS A 59 10.33 -10.13 0.76
C LYS A 59 10.96 -8.77 0.44
N GLU A 60 11.96 -8.83 -0.42
CA GLU A 60 12.72 -7.75 -1.03
C GLU A 60 11.95 -7.17 -2.23
N ASN A 61 12.50 -6.17 -2.92
CA ASN A 61 11.92 -5.58 -4.13
C ASN A 61 12.99 -5.38 -5.19
N THR A 62 12.74 -5.82 -6.43
CA THR A 62 13.62 -5.65 -7.58
C THR A 62 13.61 -4.23 -8.14
N SER A 63 12.77 -3.36 -7.57
CA SER A 63 12.60 -1.96 -7.90
C SER A 63 12.50 -1.17 -6.59
N TYR A 64 12.24 0.13 -6.69
CA TYR A 64 11.89 1.01 -5.59
C TYR A 64 10.58 1.74 -5.88
N LYS A 65 10.12 1.73 -7.14
CA LYS A 65 9.00 2.52 -7.64
C LYS A 65 7.97 1.63 -8.32
N GLU A 66 8.20 0.33 -8.39
CA GLU A 66 7.22 -0.68 -8.76
C GLU A 66 7.36 -1.87 -7.81
N PHE A 67 6.44 -2.82 -7.94
CA PHE A 67 6.68 -4.24 -7.78
C PHE A 67 5.59 -4.95 -8.58
N ASP A 68 5.97 -5.65 -9.65
CA ASP A 68 5.12 -6.71 -10.18
C ASP A 68 5.26 -7.91 -9.26
N GLY A 69 4.13 -8.36 -8.71
CA GLY A 69 3.99 -9.49 -7.82
C GLY A 69 3.04 -10.51 -8.43
N GLY A 70 3.05 -10.67 -9.76
CA GLY A 70 2.19 -11.57 -10.50
C GLY A 70 0.74 -11.17 -10.32
N TRP A 71 0.04 -11.77 -9.34
CA TRP A 71 -1.35 -11.45 -9.04
C TRP A 71 -1.56 -10.04 -8.48
N TYR A 72 -0.53 -9.22 -8.32
CA TYR A 72 -0.55 -7.97 -7.59
C TYR A 72 0.46 -7.07 -8.31
N LEU A 73 0.18 -5.78 -8.41
CA LEU A 73 0.99 -4.86 -9.20
C LEU A 73 1.04 -3.53 -8.48
N VAL A 74 2.24 -3.00 -8.23
CA VAL A 74 2.46 -1.74 -7.51
C VAL A 74 3.29 -0.84 -8.43
N LYS A 75 2.97 0.45 -8.48
CA LYS A 75 3.63 1.51 -9.24
C LYS A 75 3.58 2.80 -8.41
N ILE A 76 4.58 3.67 -8.54
CA ILE A 76 4.64 5.01 -8.00
C ILE A 76 5.00 5.92 -9.16
N GLU A 77 4.28 7.03 -9.33
CA GLU A 77 4.48 8.01 -10.37
C GLU A 77 4.36 9.36 -9.68
N ASP A 78 5.46 10.12 -9.64
CA ASP A 78 5.67 11.33 -8.84
C ASP A 78 5.28 11.19 -7.37
N ASN A 79 4.00 11.39 -7.03
CA ASN A 79 3.46 11.27 -5.69
C ASN A 79 2.20 10.42 -5.63
N GLU A 80 1.74 9.90 -6.76
CA GLU A 80 0.63 8.98 -6.80
C GLU A 80 1.18 7.57 -6.72
N LEU A 81 0.45 6.69 -6.05
CA LEU A 81 0.70 5.26 -5.90
C LEU A 81 -0.61 4.58 -6.33
N LYS A 82 -0.56 3.63 -7.26
CA LYS A 82 -1.75 2.97 -7.80
C LYS A 82 -1.49 1.49 -7.82
N VAL A 83 -2.12 0.76 -6.90
CA VAL A 83 -1.97 -0.67 -6.79
C VAL A 83 -3.13 -1.33 -7.54
N ILE A 84 -2.84 -2.40 -8.27
CA ILE A 84 -3.81 -3.23 -8.97
C ILE A 84 -3.65 -4.64 -8.41
N ILE A 85 -4.77 -5.33 -8.19
CA ILE A 85 -4.82 -6.66 -7.58
C ILE A 85 -5.73 -7.51 -8.45
N ASN A 86 -5.31 -8.74 -8.72
CA ASN A 86 -5.98 -9.67 -9.63
C ASN A 86 -6.60 -10.82 -8.88
N ARG A 87 -7.35 -11.59 -9.65
CA ARG A 87 -8.29 -12.59 -9.18
C ARG A 87 -7.60 -13.85 -8.66
N ASN A 88 -8.00 -14.26 -7.46
CA ASN A 88 -7.55 -15.42 -6.73
C ASN A 88 -8.14 -16.68 -7.33
N GLU A 89 -7.32 -17.55 -7.90
CA GLU A 89 -7.77 -18.83 -8.42
C GLU A 89 -7.60 -19.98 -7.40
N THR A 90 -7.55 -19.70 -6.09
CA THR A 90 -7.55 -20.73 -5.06
C THR A 90 -8.53 -20.45 -3.92
N ASN A 91 -8.83 -21.50 -3.16
CA ASN A 91 -9.65 -21.52 -1.94
C ASN A 91 -8.99 -20.86 -0.73
N ALA A 92 -7.72 -20.44 -0.84
CA ALA A 92 -7.01 -19.86 0.28
C ALA A 92 -7.17 -18.34 0.19
N SER A 93 -7.57 -17.72 1.30
CA SER A 93 -7.35 -16.31 1.51
C SER A 93 -5.84 -16.10 1.70
N ARG A 94 -5.36 -14.88 1.47
CA ARG A 94 -3.94 -14.51 1.59
C ARG A 94 -3.87 -13.03 1.95
N SER A 95 -2.68 -12.43 2.08
CA SER A 95 -2.60 -11.02 2.43
C SER A 95 -1.30 -10.38 1.93
N PHE A 96 -1.34 -9.08 1.70
CA PHE A 96 -0.31 -8.28 1.07
C PHE A 96 0.05 -7.08 1.93
N THR A 97 1.14 -6.40 1.59
CA THR A 97 1.69 -5.29 2.36
C THR A 97 2.42 -4.40 1.33
N VAL A 98 1.95 -3.15 1.19
CA VAL A 98 2.50 -2.10 0.31
C VAL A 98 2.96 -0.99 1.24
N CYS A 99 4.25 -0.98 1.63
CA CYS A 99 4.77 0.08 2.47
C CYS A 99 5.64 0.99 1.63
N VAL A 100 5.83 2.19 2.15
CA VAL A 100 6.80 3.14 1.61
C VAL A 100 7.50 3.86 2.76
N GLU A 101 8.59 4.55 2.44
CA GLU A 101 9.23 5.57 3.26
C GLU A 101 9.47 6.77 2.34
N ALA A 102 9.60 7.96 2.92
CA ALA A 102 9.67 9.25 2.25
C ALA A 102 10.78 10.15 2.81
N GLY A 103 11.65 9.65 3.70
CA GLY A 103 12.70 10.42 4.36
C GLY A 103 12.48 10.45 5.85
N ASN A 104 11.53 11.27 6.31
CA ASN A 104 11.15 11.43 7.70
C ASN A 104 9.65 11.17 7.80
N ALA A 105 9.16 10.13 7.13
CA ALA A 105 7.85 9.53 7.27
C ALA A 105 7.83 8.24 6.47
N PHE A 106 6.88 7.38 6.80
CA PHE A 106 6.58 6.16 6.08
C PHE A 106 5.09 5.92 6.16
N ASP A 107 4.60 5.02 5.31
CA ASP A 107 3.24 4.54 5.33
C ASP A 107 3.25 3.03 5.07
N GLU A 108 2.15 2.36 5.38
CA GLU A 108 2.02 0.93 5.37
C GLU A 108 0.53 0.62 5.20
N PHE A 109 0.19 0.02 4.07
CA PHE A 109 -1.18 -0.34 3.68
C PHE A 109 -1.26 -1.86 3.63
N LYS A 110 -1.91 -2.49 4.63
CA LYS A 110 -2.16 -3.94 4.66
C LYS A 110 -3.31 -4.20 3.69
N PHE A 111 -3.29 -5.33 3.00
CA PHE A 111 -4.36 -5.77 2.12
C PHE A 111 -4.67 -7.22 2.39
N VAL A 112 -5.94 -7.60 2.34
CA VAL A 112 -6.39 -8.98 2.53
C VAL A 112 -7.16 -9.38 1.30
N GLN A 113 -6.67 -10.42 0.62
CA GLN A 113 -7.38 -11.06 -0.47
C GLN A 113 -8.15 -12.24 0.07
N ASP A 114 -9.46 -12.21 -0.15
CA ASP A 114 -10.35 -13.32 0.17
C ASP A 114 -10.05 -14.56 -0.67
N ALA A 115 -10.60 -15.69 -0.23
CA ALA A 115 -10.57 -16.95 -0.94
C ALA A 115 -11.59 -16.95 -2.04
N ALA A 116 -11.31 -17.66 -3.13
CA ALA A 116 -12.34 -18.00 -4.10
C ALA A 116 -13.31 -19.00 -3.48
N LYS A 117 -14.56 -18.93 -3.95
CA LYS A 117 -15.59 -19.90 -3.62
C LYS A 117 -16.34 -20.28 -4.89
N GLN A 118 -15.86 -21.31 -5.58
CA GLN A 118 -16.41 -21.81 -6.83
C GLN A 118 -16.30 -23.33 -6.81
N GLY A 1 1.12 28.17 24.85
CA GLY A 1 0.92 27.08 25.81
C GLY A 1 1.64 25.86 25.28
N CYS A 2 2.50 25.24 26.09
CA CYS A 2 3.44 24.21 25.68
C CYS A 2 4.29 24.71 24.51
N GLU A 3 4.94 25.86 24.73
CA GLU A 3 5.68 26.59 23.70
C GLU A 3 6.75 25.68 23.09
N LEU A 4 7.50 24.99 23.97
CA LEU A 4 8.53 24.01 23.61
C LEU A 4 9.54 24.62 22.64
N SER A 5 10.22 23.83 21.82
CA SER A 5 11.21 24.33 20.86
C SER A 5 11.14 23.54 19.55
N ASP A 6 10.02 22.86 19.32
CA ASP A 6 9.87 21.78 18.36
C ASP A 6 8.58 21.93 17.56
N PRO A 7 8.47 22.96 16.69
CA PRO A 7 7.24 23.31 15.99
C PRO A 7 6.78 22.24 15.00
N ASP A 8 7.63 21.83 14.05
CA ASP A 8 7.22 21.01 12.89
C ASP A 8 8.35 20.05 12.51
N GLY A 9 9.09 19.55 13.50
CA GLY A 9 10.15 18.55 13.34
C GLY A 9 9.74 17.20 13.91
N LEU A 10 8.53 17.09 14.46
CA LEU A 10 7.80 15.83 14.49
C LEU A 10 7.55 15.44 13.03
N ALA A 11 7.31 14.16 12.76
CA ALA A 11 7.01 13.68 11.41
C ALA A 11 5.51 13.50 11.30
N ASP A 12 4.87 14.16 10.33
CA ASP A 12 3.40 14.15 10.14
C ASP A 12 3.00 13.12 9.06
N PRO A 13 1.74 12.66 8.97
CA PRO A 13 1.35 11.58 8.06
C PRO A 13 1.27 12.05 6.61
N MET A 14 1.26 11.13 5.65
CA MET A 14 1.07 11.45 4.24
C MET A 14 -0.40 11.81 4.03
N LYS A 15 -0.74 13.08 3.82
CA LYS A 15 -2.11 13.39 3.39
C LYS A 15 -2.27 12.95 1.94
N TRP A 16 -3.32 12.17 1.69
CA TRP A 16 -3.74 11.69 0.37
C TRP A 16 -5.03 12.43 0.01
N SER A 17 -5.30 12.69 -1.27
CA SER A 17 -6.62 13.21 -1.71
C SER A 17 -7.39 12.29 -2.66
N LYS A 18 -6.83 11.14 -3.07
CA LYS A 18 -7.57 10.13 -3.83
C LYS A 18 -7.21 8.79 -3.20
N VAL A 19 -8.15 8.11 -2.55
CA VAL A 19 -7.88 6.81 -1.91
C VAL A 19 -9.12 5.91 -2.09
N PRO A 20 -8.95 4.58 -2.17
CA PRO A 20 -10.05 3.65 -2.39
C PRO A 20 -11.03 3.63 -1.22
N SER A 21 -12.31 3.43 -1.55
CA SER A 21 -13.37 3.29 -0.56
C SER A 21 -13.31 1.96 0.19
N GLY A 22 -12.54 0.98 -0.28
CA GLY A 22 -12.43 -0.31 0.38
C GLY A 22 -11.79 -0.20 1.77
N LEU A 23 -10.81 0.70 1.92
CA LEU A 23 -9.99 0.83 3.12
C LEU A 23 -10.85 0.97 4.36
N LYS A 24 -10.56 0.16 5.37
CA LYS A 24 -10.98 0.33 6.75
C LYS A 24 -9.70 0.47 7.56
N ASN A 25 -9.36 1.70 7.94
CA ASN A 25 -8.28 2.02 8.88
C ASN A 25 -6.87 1.58 8.41
N GLY A 26 -6.72 1.18 7.15
CA GLY A 26 -5.51 0.65 6.53
C GLY A 26 -5.75 -0.69 5.84
N GLU A 27 -6.75 -1.46 6.29
CA GLU A 27 -7.05 -2.79 5.80
C GLU A 27 -7.89 -2.68 4.53
N LEU A 28 -7.46 -3.32 3.45
CA LEU A 28 -8.13 -3.33 2.16
C LEU A 28 -8.58 -4.75 1.94
N LYS A 29 -9.86 -5.02 2.20
CA LYS A 29 -10.39 -6.32 1.83
C LYS A 29 -10.43 -6.39 0.32
N VAL A 30 -10.04 -7.52 -0.23
CA VAL A 30 -10.06 -7.83 -1.64
C VAL A 30 -10.81 -9.14 -1.74
N GLU A 31 -11.41 -9.39 -2.89
CA GLU A 31 -12.22 -10.57 -3.07
C GLU A 31 -11.57 -11.46 -4.13
N ALA A 32 -12.17 -12.61 -4.40
CA ALA A 32 -11.59 -13.60 -5.30
C ALA A 32 -11.46 -13.11 -6.75
N GLU A 33 -11.94 -11.92 -7.07
CA GLU A 33 -11.94 -11.31 -8.41
C GLU A 33 -10.80 -10.30 -8.51
N GLY A 34 -10.40 -9.74 -7.38
CA GLY A 34 -9.33 -8.78 -7.26
C GLY A 34 -9.90 -7.39 -7.10
N GLY A 35 -9.14 -6.40 -7.55
CA GLY A 35 -9.52 -5.00 -7.66
C GLY A 35 -8.37 -4.16 -8.20
N SER A 36 -8.61 -2.88 -8.48
CA SER A 36 -7.62 -1.91 -8.94
C SER A 36 -7.85 -0.60 -8.18
N SER A 37 -6.86 -0.11 -7.43
CA SER A 37 -7.05 0.96 -6.45
C SER A 37 -5.93 1.99 -6.60
N LEU A 38 -6.26 3.27 -6.40
CA LEU A 38 -5.41 4.45 -6.57
C LEU A 38 -5.33 5.17 -5.24
N PHE A 39 -4.09 5.43 -4.81
CA PHE A 39 -3.71 6.21 -3.65
C PHE A 39 -2.87 7.36 -4.20
N ALA A 40 -3.51 8.50 -4.47
CA ALA A 40 -2.81 9.70 -4.93
C ALA A 40 -2.32 10.49 -3.72
N CYS A 41 -1.00 10.65 -3.58
CA CYS A 41 -0.46 11.37 -2.43
C CYS A 41 -0.58 12.84 -2.74
N LYS A 42 -1.15 13.60 -1.80
CA LYS A 42 -1.36 15.03 -1.93
C LYS A 42 -0.29 15.85 -1.22
N ASN A 43 0.64 15.18 -0.54
CA ASN A 43 1.46 15.85 0.47
C ASN A 43 2.93 15.42 0.50
N TYR A 44 3.32 14.50 -0.38
CA TYR A 44 4.68 13.99 -0.52
C TYR A 44 4.85 13.59 -1.99
N LYS A 45 5.93 14.03 -2.63
CA LYS A 45 6.35 13.73 -4.00
C LYS A 45 7.75 13.12 -3.97
N SER A 46 7.90 12.13 -3.10
CA SER A 46 9.15 11.46 -2.80
C SER A 46 8.81 10.40 -1.78
N PHE A 47 8.35 9.24 -2.27
CA PHE A 47 8.11 8.05 -1.49
C PHE A 47 8.35 6.82 -2.35
N TRP A 48 8.59 5.67 -1.74
CA TRP A 48 8.97 4.46 -2.47
C TRP A 48 8.56 3.22 -1.70
N ILE A 49 8.67 2.10 -2.38
CA ILE A 49 8.39 0.77 -1.91
C ILE A 49 9.59 0.34 -1.08
N SER A 50 9.49 0.41 0.24
CA SER A 50 10.48 -0.20 1.12
C SER A 50 10.13 -1.66 1.40
N SER A 51 8.88 -1.94 1.76
CA SER A 51 8.52 -3.20 2.41
C SER A 51 7.38 -3.89 1.69
N VAL A 52 7.45 -5.22 1.58
CA VAL A 52 6.48 -6.05 0.90
C VAL A 52 6.29 -7.36 1.67
N LYS A 53 5.08 -7.89 1.66
CA LYS A 53 4.69 -9.18 2.21
C LYS A 53 3.66 -9.76 1.27
N GLU A 54 3.72 -11.07 1.02
CA GLU A 54 2.77 -11.77 0.14
C GLU A 54 2.29 -13.11 0.72
N GLU A 55 2.93 -13.57 1.79
CA GLU A 55 2.89 -14.97 2.23
C GLU A 55 2.89 -15.12 3.76
N GLY A 56 2.88 -14.00 4.47
CA GLY A 56 2.98 -13.92 5.92
C GLY A 56 4.38 -13.57 6.42
N LYS A 57 5.38 -13.41 5.55
CA LYS A 57 6.73 -12.96 5.89
C LYS A 57 7.08 -11.73 5.04
N PHE A 58 8.27 -11.16 5.19
CA PHE A 58 8.80 -10.14 4.28
C PHE A 58 9.77 -10.77 3.30
N LYS A 59 9.75 -10.30 2.05
CA LYS A 59 10.73 -10.65 1.01
C LYS A 59 11.54 -9.40 0.65
N GLU A 60 12.12 -9.38 -0.54
CA GLU A 60 12.89 -8.29 -1.10
C GLU A 60 12.06 -7.56 -2.16
N ASN A 61 12.59 -6.42 -2.60
CA ASN A 61 12.15 -5.69 -3.77
C ASN A 61 13.22 -5.80 -4.85
N THR A 62 12.89 -5.33 -6.04
CA THR A 62 13.77 -5.26 -7.19
C THR A 62 13.54 -3.97 -8.01
N SER A 63 12.76 -3.05 -7.45
CA SER A 63 12.63 -1.66 -7.84
C SER A 63 12.05 -0.93 -6.62
N TYR A 64 12.18 0.39 -6.58
CA TYR A 64 11.71 1.21 -5.46
C TYR A 64 10.37 1.86 -5.80
N LYS A 65 9.90 1.74 -7.04
CA LYS A 65 8.71 2.40 -7.55
C LYS A 65 7.82 1.42 -8.30
N GLU A 66 8.16 0.14 -8.24
CA GLU A 66 7.42 -0.93 -8.87
C GLU A 66 7.65 -2.14 -7.99
N PHE A 67 6.64 -3.00 -7.87
CA PHE A 67 6.77 -4.33 -7.32
C PHE A 67 5.73 -5.20 -8.04
N ASP A 68 6.16 -6.28 -8.66
CA ASP A 68 5.31 -7.23 -9.35
C ASP A 68 5.45 -8.61 -8.71
N GLY A 69 4.32 -9.18 -8.32
CA GLY A 69 4.18 -10.51 -7.70
C GLY A 69 3.26 -11.39 -8.52
N GLY A 70 3.22 -11.19 -9.84
CA GLY A 70 2.32 -11.85 -10.78
C GLY A 70 0.88 -11.40 -10.55
N TRP A 71 0.22 -11.97 -9.53
CA TRP A 71 -1.16 -11.69 -9.20
C TRP A 71 -1.37 -10.27 -8.65
N TYR A 72 -0.31 -9.51 -8.37
CA TYR A 72 -0.35 -8.25 -7.68
C TYR A 72 0.71 -7.38 -8.36
N LEU A 73 0.37 -6.13 -8.69
CA LEU A 73 1.27 -5.27 -9.43
C LEU A 73 1.18 -3.84 -8.92
N VAL A 74 2.16 -3.42 -8.12
CA VAL A 74 2.31 -2.08 -7.58
C VAL A 74 3.13 -1.27 -8.57
N LYS A 75 2.64 -0.07 -8.90
CA LYS A 75 3.37 0.91 -9.68
C LYS A 75 3.13 2.25 -9.01
N ILE A 76 4.21 2.86 -8.54
CA ILE A 76 4.25 4.28 -8.22
C ILE A 76 4.61 4.92 -9.55
N GLU A 77 3.71 5.70 -10.12
CA GLU A 77 4.05 6.67 -11.14
C GLU A 77 3.77 8.05 -10.58
N ASP A 78 4.74 8.93 -10.72
CA ASP A 78 4.92 10.23 -10.07
C ASP A 78 4.61 10.14 -8.57
N ASN A 79 3.36 10.30 -8.15
CA ASN A 79 2.89 10.43 -6.77
C ASN A 79 1.62 9.61 -6.53
N GLU A 80 1.21 8.82 -7.51
CA GLU A 80 0.04 7.99 -7.45
C GLU A 80 0.52 6.55 -7.36
N LEU A 81 0.52 6.01 -6.14
CA LEU A 81 0.63 4.58 -5.91
C LEU A 81 -0.68 3.98 -6.42
N LYS A 82 -0.59 3.08 -7.40
CA LYS A 82 -1.73 2.31 -7.82
C LYS A 82 -1.36 0.84 -7.75
N VAL A 83 -2.32 0.00 -7.40
CA VAL A 83 -2.14 -1.45 -7.38
C VAL A 83 -3.25 -2.06 -8.20
N ILE A 84 -2.96 -3.15 -8.89
CA ILE A 84 -3.94 -3.99 -9.54
C ILE A 84 -3.70 -5.39 -8.99
N ILE A 85 -4.79 -6.07 -8.67
CA ILE A 85 -4.84 -7.37 -8.02
C ILE A 85 -5.72 -8.24 -8.91
N ASN A 86 -5.22 -9.41 -9.29
CA ASN A 86 -5.91 -10.32 -10.19
C ASN A 86 -6.93 -11.15 -9.42
N ARG A 87 -7.77 -11.83 -10.19
CA ARG A 87 -8.66 -12.88 -9.75
C ARG A 87 -7.84 -14.04 -9.17
N ASN A 88 -8.35 -14.66 -8.10
CA ASN A 88 -7.79 -15.82 -7.42
C ASN A 88 -8.51 -17.06 -7.94
N GLU A 89 -7.77 -18.06 -8.36
CA GLU A 89 -8.31 -19.30 -8.93
C GLU A 89 -8.41 -20.42 -7.90
N THR A 90 -7.97 -20.21 -6.65
CA THR A 90 -7.79 -21.27 -5.66
C THR A 90 -8.64 -21.07 -4.40
N ASN A 91 -8.96 -22.17 -3.72
CA ASN A 91 -9.75 -22.25 -2.49
C ASN A 91 -9.04 -21.67 -1.24
N ALA A 92 -7.81 -21.18 -1.36
CA ALA A 92 -7.10 -20.53 -0.27
C ALA A 92 -7.19 -19.01 -0.46
N SER A 93 -7.59 -18.31 0.58
CA SER A 93 -7.33 -16.90 0.75
C SER A 93 -5.85 -16.64 0.95
N ARG A 94 -5.48 -15.37 0.94
CA ARG A 94 -4.11 -14.90 1.08
C ARG A 94 -4.13 -13.45 1.54
N SER A 95 -2.98 -12.86 1.84
CA SER A 95 -2.87 -11.43 2.09
C SER A 95 -1.62 -10.88 1.44
N PHE A 96 -1.53 -9.56 1.42
CA PHE A 96 -0.40 -8.78 0.97
C PHE A 96 -0.14 -7.68 2.00
N THR A 97 0.98 -6.99 1.90
CA THR A 97 1.17 -5.71 2.56
C THR A 97 2.12 -4.88 1.72
N VAL A 98 1.80 -3.60 1.57
CA VAL A 98 2.70 -2.56 1.10
C VAL A 98 2.85 -1.61 2.28
N CYS A 99 4.08 -1.20 2.58
CA CYS A 99 4.32 0.02 3.29
C CYS A 99 5.39 0.77 2.53
N VAL A 100 5.16 2.05 2.40
CA VAL A 100 6.12 2.99 1.83
C VAL A 100 6.86 3.71 2.95
N GLU A 101 7.86 4.52 2.62
CA GLU A 101 8.32 5.61 3.46
C GLU A 101 8.42 6.84 2.55
N ALA A 102 8.07 8.01 3.09
CA ALA A 102 8.23 9.32 2.45
C ALA A 102 9.28 10.15 3.20
N GLY A 103 10.25 9.49 3.85
CA GLY A 103 11.34 10.09 4.60
C GLY A 103 10.92 10.48 6.00
N ASN A 104 9.77 11.15 6.13
CA ASN A 104 9.21 11.63 7.40
C ASN A 104 7.73 11.31 7.42
N ALA A 105 7.31 10.17 6.84
CA ALA A 105 6.00 9.59 7.03
C ALA A 105 6.03 8.14 6.55
N PHE A 106 5.12 7.33 7.08
CA PHE A 106 4.85 5.96 6.67
C PHE A 106 3.35 5.77 6.68
N ASP A 107 2.80 5.15 5.63
CA ASP A 107 1.40 4.76 5.59
C ASP A 107 1.35 3.39 4.92
N GLU A 108 0.57 2.47 5.48
CA GLU A 108 0.64 1.05 5.20
C GLU A 108 -0.73 0.55 4.79
N PHE A 109 -0.76 -0.33 3.79
CA PHE A 109 -1.97 -0.95 3.29
C PHE A 109 -1.88 -2.47 3.43
N LYS A 110 -2.55 -3.03 4.44
CA LYS A 110 -2.73 -4.46 4.63
C LYS A 110 -3.84 -5.09 3.77
N PHE A 111 -3.50 -5.69 2.64
CA PHE A 111 -4.46 -6.25 1.71
C PHE A 111 -4.79 -7.68 2.12
N VAL A 112 -6.03 -8.13 1.92
CA VAL A 112 -6.46 -9.50 2.24
C VAL A 112 -7.37 -9.99 1.12
N GLN A 113 -6.89 -10.85 0.22
CA GLN A 113 -7.67 -11.42 -0.88
C GLN A 113 -8.34 -12.73 -0.46
N ASP A 114 -9.67 -12.81 -0.61
CA ASP A 114 -10.47 -14.02 -0.38
C ASP A 114 -10.07 -15.18 -1.29
N ALA A 115 -10.48 -16.39 -0.90
CA ALA A 115 -10.44 -17.59 -1.72
C ALA A 115 -11.53 -17.56 -2.79
N ALA A 116 -11.28 -18.26 -3.89
CA ALA A 116 -12.31 -18.62 -4.85
C ALA A 116 -13.28 -19.64 -4.22
N LYS A 117 -14.56 -19.54 -4.56
CA LYS A 117 -15.57 -20.52 -4.18
C LYS A 117 -16.06 -21.25 -5.42
N GLN A 118 -15.25 -22.18 -5.93
CA GLN A 118 -15.46 -22.81 -7.23
C GLN A 118 -15.16 -24.30 -7.04
N GLY A 1 -0.25 14.49 27.41
CA GLY A 1 0.96 15.19 27.83
C GLY A 1 1.19 16.39 26.95
N CYS A 2 1.75 17.47 27.52
CA CYS A 2 2.12 18.66 26.76
C CYS A 2 3.29 18.30 25.85
N GLU A 3 4.39 17.81 26.45
CA GLU A 3 5.63 17.52 25.75
C GLU A 3 6.13 18.77 24.98
N LEU A 4 7.06 18.61 24.02
CA LEU A 4 7.58 19.72 23.22
C LEU A 4 7.24 19.48 21.74
N SER A 5 7.51 20.48 20.90
CA SER A 5 7.48 20.39 19.45
C SER A 5 8.60 21.28 18.93
N ASP A 6 9.08 20.99 17.73
CA ASP A 6 9.72 21.98 16.87
C ASP A 6 8.60 22.86 16.31
N PRO A 7 8.82 24.15 15.98
CA PRO A 7 7.77 25.05 15.53
C PRO A 7 7.33 24.77 14.08
N ASP A 8 8.28 24.49 13.20
CA ASP A 8 8.02 24.00 11.85
C ASP A 8 9.09 22.95 11.59
N GLY A 9 8.96 21.83 12.30
CA GLY A 9 9.94 20.74 12.28
C GLY A 9 9.34 19.45 12.84
N LEU A 10 8.03 19.27 12.68
CA LEU A 10 7.26 18.09 13.06
C LEU A 10 7.26 17.08 11.90
N ALA A 11 6.53 15.96 12.03
CA ALA A 11 6.34 14.96 10.98
C ALA A 11 4.87 14.52 10.88
N ASP A 12 4.14 15.18 9.99
CA ASP A 12 2.77 14.88 9.57
C ASP A 12 2.67 13.55 8.79
N PRO A 13 1.47 12.96 8.60
CA PRO A 13 1.30 11.78 7.75
C PRO A 13 1.20 12.17 6.25
N MET A 14 1.14 11.16 5.37
CA MET A 14 0.98 11.39 3.94
C MET A 14 -0.49 11.68 3.66
N LYS A 15 -0.83 12.89 3.20
CA LYS A 15 -2.20 13.17 2.75
C LYS A 15 -2.40 12.63 1.34
N TRP A 16 -3.57 12.03 1.07
CA TRP A 16 -3.94 11.45 -0.23
C TRP A 16 -5.28 12.05 -0.66
N SER A 17 -5.49 12.27 -1.96
CA SER A 17 -6.77 12.74 -2.50
C SER A 17 -7.48 11.77 -3.44
N LYS A 18 -6.81 10.73 -3.95
CA LYS A 18 -7.51 9.56 -4.48
C LYS A 18 -7.12 8.44 -3.55
N VAL A 19 -8.09 7.70 -3.03
CA VAL A 19 -7.92 6.44 -2.30
C VAL A 19 -9.13 5.57 -2.65
N PRO A 20 -8.98 4.24 -2.71
CA PRO A 20 -10.10 3.32 -2.79
C PRO A 20 -10.94 3.44 -1.52
N SER A 21 -12.24 3.61 -1.68
CA SER A 21 -13.22 3.62 -0.60
C SER A 21 -13.25 2.26 0.12
N GLY A 22 -12.73 1.19 -0.50
CA GLY A 22 -12.65 -0.15 0.08
C GLY A 22 -11.63 -0.29 1.21
N LEU A 23 -10.78 0.73 1.44
CA LEU A 23 -9.99 0.86 2.66
C LEU A 23 -10.93 1.01 3.85
N LYS A 24 -10.62 0.32 4.94
CA LYS A 24 -11.24 0.50 6.26
C LYS A 24 -10.16 0.52 7.31
N ASN A 25 -9.92 1.70 7.89
CA ASN A 25 -8.87 1.98 8.88
C ASN A 25 -7.47 1.55 8.39
N GLY A 26 -7.26 1.54 7.08
CA GLY A 26 -5.98 1.19 6.46
C GLY A 26 -5.91 -0.25 5.97
N GLU A 27 -6.82 -1.13 6.42
CA GLU A 27 -6.88 -2.50 5.90
C GLU A 27 -7.78 -2.52 4.67
N LEU A 28 -7.34 -3.22 3.62
CA LEU A 28 -7.95 -3.26 2.31
C LEU A 28 -8.51 -4.65 2.09
N LYS A 29 -9.83 -4.71 2.08
CA LYS A 29 -10.60 -5.93 1.98
C LYS A 29 -10.86 -6.17 0.50
N VAL A 30 -10.43 -7.32 -0.02
CA VAL A 30 -10.53 -7.70 -1.41
C VAL A 30 -11.21 -9.04 -1.50
N GLU A 31 -11.75 -9.33 -2.68
CA GLU A 31 -12.54 -10.52 -2.94
C GLU A 31 -11.85 -11.39 -3.98
N ALA A 32 -12.37 -12.61 -4.16
CA ALA A 32 -11.80 -13.64 -5.01
C ALA A 32 -12.07 -13.42 -6.50
N GLU A 33 -11.88 -12.17 -6.92
CA GLU A 33 -12.02 -11.60 -8.25
C GLU A 33 -10.89 -10.61 -8.49
N GLY A 34 -10.31 -10.04 -7.42
CA GLY A 34 -9.29 -9.00 -7.49
C GLY A 34 -9.89 -7.69 -7.98
N GLY A 35 -9.13 -6.60 -7.87
CA GLY A 35 -9.49 -5.33 -8.47
C GLY A 35 -8.31 -4.36 -8.38
N SER A 36 -8.17 -3.43 -9.34
CA SER A 36 -7.12 -2.43 -9.22
C SER A 36 -7.48 -1.44 -8.09
N SER A 37 -6.50 -0.74 -7.53
CA SER A 37 -6.74 0.36 -6.60
C SER A 37 -5.80 1.54 -6.91
N LEU A 38 -6.18 2.75 -6.45
CA LEU A 38 -5.66 4.02 -6.95
C LEU A 38 -5.49 5.00 -5.79
N PHE A 39 -4.26 5.47 -5.62
CA PHE A 39 -3.78 6.26 -4.50
C PHE A 39 -3.01 7.50 -5.00
N ALA A 40 -3.68 8.66 -5.16
CA ALA A 40 -3.01 9.90 -5.60
C ALA A 40 -2.58 10.68 -4.37
N CYS A 41 -1.27 10.87 -4.18
CA CYS A 41 -0.74 11.46 -2.97
C CYS A 41 -0.75 12.98 -3.12
N LYS A 42 -1.46 13.69 -2.25
CA LYS A 42 -1.76 15.12 -2.39
C LYS A 42 -0.78 16.02 -1.66
N ASN A 43 0.20 15.42 -0.98
CA ASN A 43 1.15 16.13 -0.13
C ASN A 43 2.59 15.61 -0.22
N TYR A 44 2.84 14.49 -0.92
CA TYR A 44 4.19 13.94 -1.11
C TYR A 44 4.36 13.53 -2.56
N LYS A 45 5.36 14.10 -3.22
CA LYS A 45 5.74 13.84 -4.61
C LYS A 45 7.18 13.36 -4.59
N SER A 46 7.40 12.24 -3.90
CA SER A 46 8.73 11.82 -3.46
C SER A 46 8.62 10.58 -2.58
N PHE A 47 8.44 9.40 -3.20
CA PHE A 47 8.32 8.14 -2.46
C PHE A 47 8.69 6.95 -3.33
N TRP A 48 8.98 5.83 -2.67
CA TRP A 48 9.45 4.58 -3.26
C TRP A 48 8.88 3.40 -2.48
N ILE A 49 9.22 2.19 -2.92
CA ILE A 49 8.88 0.92 -2.31
C ILE A 49 10.11 0.48 -1.51
N SER A 50 9.95 0.20 -0.22
CA SER A 50 11.08 -0.22 0.63
C SER A 50 10.83 -1.58 1.27
N SER A 51 9.58 -1.98 1.53
CA SER A 51 9.32 -3.30 2.13
C SER A 51 7.91 -3.80 1.79
N VAL A 52 7.78 -5.10 1.52
CA VAL A 52 6.56 -5.79 1.08
C VAL A 52 6.45 -7.08 1.88
N LYS A 53 5.25 -7.39 2.36
CA LYS A 53 4.85 -8.71 2.85
C LYS A 53 3.96 -9.30 1.79
N GLU A 54 4.18 -10.56 1.46
CA GLU A 54 3.37 -11.29 0.48
C GLU A 54 3.15 -12.73 0.92
N GLU A 55 3.55 -13.14 2.13
CA GLU A 55 3.45 -14.54 2.56
C GLU A 55 3.22 -14.66 4.08
N GLY A 56 2.64 -13.63 4.69
CA GLY A 56 2.54 -13.49 6.14
C GLY A 56 3.85 -13.02 6.77
N LYS A 57 4.90 -12.88 5.96
CA LYS A 57 6.25 -12.42 6.28
C LYS A 57 6.74 -11.53 5.14
N PHE A 58 7.84 -10.82 5.36
CA PHE A 58 8.42 -9.86 4.42
C PHE A 58 9.43 -10.54 3.50
N LYS A 59 9.76 -9.87 2.39
CA LYS A 59 10.82 -10.24 1.46
C LYS A 59 11.44 -8.95 0.92
N GLU A 60 12.55 -9.08 0.21
CA GLU A 60 13.34 -7.94 -0.25
C GLU A 60 12.65 -7.17 -1.39
N ASN A 61 13.07 -5.94 -1.60
CA ASN A 61 12.78 -5.13 -2.77
C ASN A 61 14.03 -5.10 -3.66
N THR A 62 13.87 -4.70 -4.91
CA THR A 62 14.92 -4.56 -5.91
C THR A 62 14.63 -3.38 -6.85
N SER A 63 13.54 -2.66 -6.63
CA SER A 63 12.91 -1.76 -7.56
C SER A 63 12.16 -0.71 -6.78
N TYR A 64 12.73 0.48 -6.75
CA TYR A 64 12.21 1.53 -5.89
C TYR A 64 10.86 2.10 -6.34
N LYS A 65 10.43 1.92 -7.59
CA LYS A 65 9.11 2.43 -8.01
C LYS A 65 8.20 1.35 -8.56
N GLU A 66 8.59 0.08 -8.54
CA GLU A 66 7.80 -1.01 -9.08
C GLU A 66 7.94 -2.23 -8.17
N PHE A 67 6.95 -3.11 -8.16
CA PHE A 67 7.12 -4.48 -7.67
C PHE A 67 6.09 -5.36 -8.37
N ASP A 68 6.52 -6.17 -9.34
CA ASP A 68 5.75 -7.28 -9.87
C ASP A 68 6.02 -8.52 -9.03
N GLY A 69 5.00 -9.00 -8.32
CA GLY A 69 5.04 -10.18 -7.47
C GLY A 69 4.40 -11.40 -8.12
N GLY A 70 4.28 -11.39 -9.46
CA GLY A 70 3.55 -12.39 -10.22
C GLY A 70 2.05 -12.13 -10.12
N TRP A 71 1.44 -12.50 -9.01
CA TRP A 71 0.00 -12.36 -8.81
C TRP A 71 -0.45 -10.92 -8.52
N TYR A 72 0.48 -9.97 -8.43
CA TYR A 72 0.24 -8.65 -7.90
C TYR A 72 1.25 -7.73 -8.58
N LEU A 73 0.91 -6.46 -8.78
CA LEU A 73 1.77 -5.56 -9.53
C LEU A 73 1.62 -4.14 -9.00
N VAL A 74 2.67 -3.56 -8.43
CA VAL A 74 2.72 -2.21 -7.88
C VAL A 74 3.52 -1.31 -8.84
N LYS A 75 3.01 -0.10 -9.14
CA LYS A 75 3.77 0.94 -9.82
C LYS A 75 3.51 2.27 -9.12
N ILE A 76 4.58 3.04 -8.89
CA ILE A 76 4.54 4.43 -8.43
C ILE A 76 4.83 5.25 -9.69
N GLU A 77 3.87 6.08 -10.10
CA GLU A 77 3.98 6.90 -11.29
C GLU A 77 3.68 8.34 -10.93
N ASP A 78 4.63 9.24 -11.15
CA ASP A 78 4.68 10.62 -10.71
C ASP A 78 4.30 10.76 -9.22
N ASN A 79 3.03 10.88 -8.84
CA ASN A 79 2.51 10.85 -7.47
C ASN A 79 1.23 10.01 -7.31
N GLU A 80 0.90 9.22 -8.32
CA GLU A 80 -0.15 8.23 -8.37
C GLU A 80 0.49 6.85 -8.11
N LEU A 81 0.15 6.21 -6.99
CA LEU A 81 0.53 4.83 -6.68
C LEU A 81 -0.69 3.96 -6.91
N LYS A 82 -0.52 2.84 -7.60
CA LYS A 82 -1.60 1.98 -8.03
C LYS A 82 -1.12 0.55 -8.01
N VAL A 83 -2.06 -0.36 -7.76
CA VAL A 83 -1.77 -1.77 -7.71
C VAL A 83 -2.83 -2.50 -8.53
N ILE A 84 -2.45 -3.63 -9.11
CA ILE A 84 -3.36 -4.58 -9.75
C ILE A 84 -3.16 -5.92 -9.03
N ILE A 85 -4.28 -6.61 -8.77
CA ILE A 85 -4.32 -7.90 -8.07
C ILE A 85 -5.07 -8.89 -8.96
N ASN A 86 -4.49 -10.08 -9.22
CA ASN A 86 -5.23 -11.07 -9.98
C ASN A 86 -6.40 -11.63 -9.19
N ARG A 87 -7.29 -12.31 -9.91
CA ARG A 87 -8.38 -13.05 -9.32
C ARG A 87 -7.80 -14.26 -8.60
N ASN A 88 -8.19 -14.45 -7.34
CA ASN A 88 -7.71 -15.57 -6.54
C ASN A 88 -8.46 -16.83 -6.95
N GLU A 89 -7.79 -17.78 -7.60
CA GLU A 89 -8.42 -19.01 -8.08
C GLU A 89 -8.58 -20.06 -6.99
N THR A 90 -7.76 -20.03 -5.93
CA THR A 90 -7.67 -21.12 -4.98
C THR A 90 -8.73 -20.99 -3.89
N ASN A 91 -9.01 -22.11 -3.21
CA ASN A 91 -9.89 -22.20 -2.06
C ASN A 91 -9.29 -21.59 -0.78
N ALA A 92 -8.11 -20.98 -0.83
CA ALA A 92 -7.41 -20.44 0.33
C ALA A 92 -7.23 -18.94 0.17
N SER A 93 -7.36 -18.20 1.28
CA SER A 93 -7.02 -16.81 1.41
C SER A 93 -5.50 -16.61 1.38
N ARG A 94 -5.08 -15.36 1.51
CA ARG A 94 -3.69 -14.92 1.51
C ARG A 94 -3.60 -13.60 2.29
N SER A 95 -2.41 -13.02 2.46
CA SER A 95 -2.35 -11.60 2.80
C SER A 95 -0.98 -10.91 2.74
N PHE A 96 -1.09 -9.63 2.43
CA PHE A 96 -0.10 -8.70 1.94
C PHE A 96 0.14 -7.55 2.91
N THR A 97 1.23 -6.80 2.74
CA THR A 97 1.37 -5.43 3.23
C THR A 97 2.31 -4.72 2.26
N VAL A 98 2.13 -3.40 2.12
CA VAL A 98 2.91 -2.54 1.25
C VAL A 98 3.28 -1.31 2.05
N CYS A 99 4.57 -1.02 2.18
CA CYS A 99 5.07 0.15 2.89
C CYS A 99 5.88 1.01 1.93
N VAL A 100 5.67 2.32 2.05
CA VAL A 100 6.27 3.40 1.30
C VAL A 100 6.67 4.51 2.28
N GLU A 101 7.96 4.71 2.51
CA GLU A 101 8.46 5.93 3.13
C GLU A 101 8.39 7.04 2.05
N ALA A 102 8.10 8.25 2.51
CA ALA A 102 8.09 9.46 1.72
C ALA A 102 8.63 10.58 2.61
N GLY A 103 9.91 10.89 2.53
CA GLY A 103 10.48 11.94 3.37
C GLY A 103 10.52 11.54 4.82
N ASN A 104 9.64 12.11 5.66
CA ASN A 104 9.74 11.96 7.11
C ASN A 104 8.67 11.04 7.70
N ALA A 105 7.84 10.44 6.84
CA ALA A 105 6.76 9.55 7.29
C ALA A 105 6.49 8.45 6.27
N PHE A 106 5.65 7.49 6.63
CA PHE A 106 5.35 6.27 5.89
C PHE A 106 3.86 5.95 6.15
N ASP A 107 3.03 6.01 5.12
CA ASP A 107 1.61 5.64 5.18
C ASP A 107 1.49 4.27 4.54
N GLU A 108 1.44 3.21 5.34
CA GLU A 108 1.57 1.83 4.86
C GLU A 108 0.19 1.19 4.86
N PHE A 109 -0.01 0.12 4.08
CA PHE A 109 -1.34 -0.44 3.89
C PHE A 109 -1.31 -1.96 3.96
N LYS A 110 -2.35 -2.54 4.54
CA LYS A 110 -2.50 -3.98 4.67
C LYS A 110 -3.61 -4.47 3.78
N PHE A 111 -3.43 -5.62 3.15
CA PHE A 111 -4.36 -6.13 2.16
C PHE A 111 -4.65 -7.62 2.41
N VAL A 112 -5.94 -7.96 2.51
CA VAL A 112 -6.46 -9.29 2.74
C VAL A 112 -7.47 -9.59 1.64
N GLN A 113 -7.26 -10.68 0.90
CA GLN A 113 -8.15 -11.13 -0.16
C GLN A 113 -8.68 -12.52 0.18
N ASP A 114 -9.93 -12.73 -0.21
CA ASP A 114 -10.65 -13.99 -0.02
C ASP A 114 -10.20 -15.10 -0.97
N ALA A 115 -10.55 -16.34 -0.61
CA ALA A 115 -10.55 -17.53 -1.46
C ALA A 115 -11.71 -17.52 -2.44
N ALA A 116 -11.55 -18.25 -3.54
CA ALA A 116 -12.67 -18.68 -4.37
C ALA A 116 -13.62 -19.54 -3.53
N LYS A 117 -14.88 -19.58 -3.92
CA LYS A 117 -15.87 -20.51 -3.38
C LYS A 117 -16.63 -21.20 -4.51
N GLN A 118 -15.85 -21.63 -5.51
CA GLN A 118 -16.33 -22.48 -6.59
C GLN A 118 -16.80 -23.78 -5.96
N GLY A 1 0.33 16.78 27.42
CA GLY A 1 1.35 17.08 26.40
C GLY A 1 2.15 18.28 26.81
N CYS A 2 1.82 19.46 26.29
CA CYS A 2 2.56 20.72 26.47
C CYS A 2 4.08 20.47 26.30
N GLU A 3 4.40 19.65 25.31
CA GLU A 3 5.71 19.03 25.14
C GLU A 3 6.51 19.88 24.16
N LEU A 4 7.73 20.22 24.58
CA LEU A 4 8.65 21.01 23.76
C LEU A 4 8.96 20.24 22.48
N SER A 5 9.08 20.96 21.38
CA SER A 5 9.44 20.46 20.05
C SER A 5 9.83 21.70 19.24
N ASP A 6 10.44 21.50 18.07
CA ASP A 6 10.78 22.63 17.20
C ASP A 6 9.45 23.18 16.63
N PRO A 7 9.28 24.49 16.42
CA PRO A 7 7.94 25.08 16.25
C PRO A 7 7.25 24.63 14.96
N ASP A 8 8.05 24.43 13.91
CA ASP A 8 7.63 23.98 12.58
C ASP A 8 8.63 22.93 12.09
N GLY A 9 9.30 22.23 13.01
CA GLY A 9 10.24 21.17 12.72
C GLY A 9 9.77 19.88 13.38
N LEU A 10 8.67 19.33 12.90
CA LEU A 10 8.14 18.03 13.23
C LEU A 10 8.07 17.25 11.92
N ALA A 11 7.86 15.93 12.00
CA ALA A 11 7.39 15.17 10.86
C ALA A 11 5.87 15.21 10.89
N ASP A 12 5.23 15.08 9.73
CA ASP A 12 3.78 14.85 9.61
C ASP A 12 3.52 13.66 8.69
N PRO A 13 2.32 13.06 8.67
CA PRO A 13 2.02 11.90 7.84
C PRO A 13 1.69 12.29 6.39
N MET A 14 1.63 11.29 5.52
CA MET A 14 1.06 11.40 4.18
C MET A 14 -0.46 11.49 4.23
N LYS A 15 -1.02 12.34 3.36
CA LYS A 15 -2.44 12.66 3.31
C LYS A 15 -2.96 12.50 1.89
N TRP A 16 -3.71 11.44 1.69
CA TRP A 16 -4.11 10.93 0.39
C TRP A 16 -5.45 11.54 0.01
N SER A 17 -5.52 12.25 -1.12
CA SER A 17 -6.75 12.86 -1.63
C SER A 17 -7.48 11.98 -2.65
N LYS A 18 -6.91 10.84 -3.01
CA LYS A 18 -7.57 9.80 -3.77
C LYS A 18 -7.16 8.55 -3.03
N VAL A 19 -8.11 7.73 -2.59
CA VAL A 19 -7.92 6.39 -2.07
C VAL A 19 -9.08 5.54 -2.59
N PRO A 20 -8.91 4.22 -2.75
CA PRO A 20 -10.02 3.33 -3.00
C PRO A 20 -10.96 3.36 -1.79
N SER A 21 -12.26 3.49 -2.03
CA SER A 21 -13.29 3.42 -1.00
C SER A 21 -13.21 2.10 -0.20
N GLY A 22 -12.58 1.05 -0.75
CA GLY A 22 -12.40 -0.23 -0.10
C GLY A 22 -11.47 -0.20 1.11
N LEU A 23 -10.65 0.85 1.27
CA LEU A 23 -9.84 1.11 2.45
C LEU A 23 -10.72 1.18 3.69
N LYS A 24 -10.44 0.32 4.67
CA LYS A 24 -10.98 0.33 6.01
C LYS A 24 -9.81 0.66 6.94
N ASN A 25 -9.61 1.95 7.22
CA ASN A 25 -8.67 2.44 8.23
C ASN A 25 -7.21 2.06 7.97
N GLY A 26 -6.87 1.66 6.73
CA GLY A 26 -5.54 1.23 6.31
C GLY A 26 -5.53 -0.23 5.87
N GLU A 27 -6.52 -1.04 6.26
CA GLU A 27 -6.72 -2.36 5.70
C GLU A 27 -7.44 -2.20 4.36
N LEU A 28 -7.18 -3.10 3.41
CA LEU A 28 -7.82 -3.13 2.11
C LEU A 28 -8.43 -4.53 1.97
N LYS A 29 -9.74 -4.63 2.15
CA LYS A 29 -10.45 -5.89 1.91
C LYS A 29 -10.49 -6.10 0.40
N VAL A 30 -10.15 -7.29 -0.07
CA VAL A 30 -10.21 -7.62 -1.48
C VAL A 30 -10.81 -9.01 -1.62
N GLU A 31 -11.62 -9.14 -2.67
CA GLU A 31 -12.31 -10.37 -2.99
C GLU A 31 -11.39 -11.29 -3.80
N ALA A 32 -11.86 -12.51 -4.07
CA ALA A 32 -11.10 -13.50 -4.82
C ALA A 32 -10.71 -13.05 -6.23
N GLU A 33 -11.36 -12.05 -6.82
CA GLU A 33 -11.14 -11.61 -8.19
C GLU A 33 -9.99 -10.62 -8.25
N GLY A 34 -9.88 -9.85 -7.17
CA GLY A 34 -9.02 -8.71 -7.09
C GLY A 34 -9.59 -7.55 -7.90
N GLY A 35 -8.93 -6.41 -7.83
CA GLY A 35 -9.19 -5.27 -8.69
C GLY A 35 -7.98 -4.34 -8.71
N SER A 36 -8.08 -3.25 -9.45
CA SER A 36 -7.18 -2.11 -9.31
C SER A 36 -7.43 -1.38 -7.99
N SER A 37 -6.54 -0.47 -7.60
CA SER A 37 -6.84 0.66 -6.72
C SER A 37 -6.01 1.88 -7.16
N LEU A 38 -6.19 3.04 -6.51
CA LEU A 38 -5.43 4.25 -6.80
C LEU A 38 -5.32 5.08 -5.52
N PHE A 39 -4.12 5.52 -5.18
CA PHE A 39 -3.78 6.33 -4.04
C PHE A 39 -2.98 7.54 -4.56
N ALA A 40 -3.50 8.76 -4.43
CA ALA A 40 -2.83 9.99 -4.86
C ALA A 40 -2.55 10.84 -3.63
N CYS A 41 -1.27 11.07 -3.34
CA CYS A 41 -0.80 11.72 -2.13
C CYS A 41 -0.86 13.22 -2.37
N LYS A 42 -1.79 13.95 -1.75
CA LYS A 42 -1.86 15.40 -1.99
C LYS A 42 -0.90 16.17 -1.08
N ASN A 43 0.20 15.53 -0.68
CA ASN A 43 1.30 16.21 -0.01
C ASN A 43 2.63 15.65 -0.49
N TYR A 44 2.84 14.33 -0.48
CA TYR A 44 4.13 13.74 -0.85
C TYR A 44 4.15 13.25 -2.30
N LYS A 45 4.77 14.00 -3.22
CA LYS A 45 4.91 13.61 -4.63
C LYS A 45 6.19 12.81 -4.88
N SER A 46 6.64 12.07 -3.88
CA SER A 46 8.06 11.77 -3.70
C SER A 46 8.23 10.58 -2.75
N PHE A 47 7.79 9.40 -3.16
CA PHE A 47 7.72 8.20 -2.32
C PHE A 47 8.07 6.94 -3.11
N TRP A 48 8.43 5.86 -2.40
CA TRP A 48 8.98 4.65 -3.00
C TRP A 48 8.68 3.42 -2.16
N ILE A 49 9.12 2.24 -2.62
CA ILE A 49 8.83 0.95 -2.01
C ILE A 49 9.99 0.56 -1.07
N SER A 50 9.71 0.36 0.23
CA SER A 50 10.67 -0.19 1.20
C SER A 50 10.15 -1.32 2.09
N SER A 51 8.90 -1.75 1.96
CA SER A 51 8.47 -3.03 2.53
C SER A 51 7.31 -3.60 1.73
N VAL A 52 7.28 -4.93 1.63
CA VAL A 52 6.31 -5.72 0.90
C VAL A 52 6.14 -6.99 1.73
N LYS A 53 4.99 -7.14 2.41
CA LYS A 53 4.57 -8.46 2.88
C LYS A 53 3.79 -9.11 1.77
N GLU A 54 4.07 -10.39 1.50
CA GLU A 54 3.42 -11.12 0.42
C GLU A 54 3.07 -12.55 0.77
N GLU A 55 3.48 -13.06 1.94
CA GLU A 55 3.18 -14.45 2.34
C GLU A 55 2.54 -14.55 3.72
N GLY A 56 2.36 -13.41 4.38
CA GLY A 56 2.25 -13.34 5.83
C GLY A 56 3.58 -12.89 6.46
N LYS A 57 4.70 -12.99 5.73
CA LYS A 57 5.98 -12.39 6.09
C LYS A 57 6.24 -11.16 5.23
N PHE A 58 7.05 -10.25 5.74
CA PHE A 58 7.71 -9.16 5.02
C PHE A 58 8.88 -9.74 4.20
N LYS A 59 9.19 -9.16 3.04
CA LYS A 59 10.26 -9.59 2.14
C LYS A 59 11.03 -8.40 1.55
N GLU A 60 12.02 -8.68 0.71
CA GLU A 60 12.97 -7.67 0.23
C GLU A 60 12.56 -7.11 -1.14
N ASN A 61 13.31 -6.16 -1.70
CA ASN A 61 12.96 -5.44 -2.92
C ASN A 61 14.13 -5.43 -3.90
N THR A 62 13.85 -5.07 -5.16
CA THR A 62 14.83 -4.94 -6.24
C THR A 62 14.69 -3.61 -7.00
N SER A 63 13.60 -2.90 -6.74
CA SER A 63 13.21 -1.67 -7.43
C SER A 63 12.70 -0.70 -6.37
N TYR A 64 12.55 0.56 -6.74
CA TYR A 64 12.26 1.65 -5.82
C TYR A 64 11.16 2.54 -6.40
N LYS A 65 10.16 1.92 -7.04
CA LYS A 65 8.91 2.50 -7.58
C LYS A 65 8.06 1.43 -8.31
N GLU A 66 8.55 0.20 -8.48
CA GLU A 66 7.74 -0.95 -8.87
C GLU A 66 8.01 -2.05 -7.83
N PHE A 67 7.08 -3.00 -7.72
CA PHE A 67 7.37 -4.36 -7.31
C PHE A 67 6.39 -5.23 -8.10
N ASP A 68 6.88 -6.06 -9.01
CA ASP A 68 6.08 -7.14 -9.59
C ASP A 68 6.35 -8.42 -8.80
N GLY A 69 5.33 -9.26 -8.70
CA GLY A 69 5.39 -10.61 -8.14
C GLY A 69 4.23 -11.47 -8.63
N GLY A 70 3.83 -11.27 -9.89
CA GLY A 70 2.79 -12.04 -10.52
C GLY A 70 1.44 -11.52 -10.08
N TRP A 71 0.79 -12.17 -9.09
CA TRP A 71 -0.62 -11.91 -8.79
C TRP A 71 -0.90 -10.52 -8.22
N TYR A 72 0.14 -9.76 -7.89
CA TYR A 72 0.04 -8.44 -7.29
C TYR A 72 1.14 -7.59 -7.90
N LEU A 73 0.77 -6.46 -8.53
CA LEU A 73 1.65 -5.63 -9.33
C LEU A 73 1.64 -4.20 -8.76
N VAL A 74 2.73 -3.77 -8.13
CA VAL A 74 2.82 -2.52 -7.38
C VAL A 74 3.51 -1.50 -8.27
N LYS A 75 2.85 -0.39 -8.56
CA LYS A 75 3.37 0.62 -9.48
C LYS A 75 3.13 2.00 -8.89
N ILE A 76 4.17 2.83 -8.88
CA ILE A 76 4.18 4.19 -8.40
C ILE A 76 4.61 5.05 -9.59
N GLU A 77 3.64 5.70 -10.24
CA GLU A 77 3.88 6.72 -11.23
C GLU A 77 3.75 8.06 -10.52
N ASP A 78 4.82 8.86 -10.46
CA ASP A 78 4.91 10.21 -9.90
C ASP A 78 4.22 10.38 -8.54
N ASN A 79 2.92 10.67 -8.49
CA ASN A 79 2.08 10.77 -7.31
C ASN A 79 0.68 10.17 -7.61
N GLU A 80 0.66 8.93 -8.07
CA GLU A 80 -0.46 8.02 -8.24
C GLU A 80 0.10 6.60 -8.06
N LEU A 81 0.09 6.11 -6.81
CA LEU A 81 0.31 4.69 -6.51
C LEU A 81 -0.92 3.93 -6.97
N LYS A 82 -0.76 2.89 -7.77
CA LYS A 82 -1.88 2.04 -8.17
C LYS A 82 -1.38 0.61 -8.31
N VAL A 83 -2.02 -0.32 -7.61
CA VAL A 83 -1.72 -1.74 -7.73
C VAL A 83 -2.82 -2.38 -8.58
N ILE A 84 -2.50 -3.51 -9.19
CA ILE A 84 -3.44 -4.37 -9.90
C ILE A 84 -3.31 -5.73 -9.24
N ILE A 85 -4.45 -6.25 -8.75
CA ILE A 85 -4.54 -7.52 -8.04
C ILE A 85 -5.22 -8.50 -9.00
N ASN A 86 -4.60 -9.67 -9.20
CA ASN A 86 -5.14 -10.73 -10.03
C ASN A 86 -6.20 -11.51 -9.26
N ARG A 87 -6.93 -12.34 -10.00
CA ARG A 87 -7.86 -13.31 -9.45
C ARG A 87 -7.10 -14.48 -8.86
N ASN A 88 -7.49 -14.84 -7.65
CA ASN A 88 -7.01 -15.96 -6.89
C ASN A 88 -7.72 -17.22 -7.34
N GLU A 89 -6.98 -18.13 -7.98
CA GLU A 89 -7.51 -19.38 -8.51
C GLU A 89 -7.61 -20.48 -7.44
N THR A 90 -7.31 -20.19 -6.17
CA THR A 90 -7.21 -21.22 -5.12
C THR A 90 -8.26 -21.03 -4.04
N ASN A 91 -8.53 -22.13 -3.35
CA ASN A 91 -9.43 -22.25 -2.21
C ASN A 91 -8.89 -21.63 -0.92
N ALA A 92 -7.73 -20.97 -0.95
CA ALA A 92 -7.12 -20.37 0.23
C ALA A 92 -6.98 -18.87 0.03
N SER A 93 -7.42 -18.11 1.03
CA SER A 93 -7.23 -16.70 1.18
C SER A 93 -5.76 -16.44 1.52
N ARG A 94 -5.23 -15.29 1.10
CA ARG A 94 -3.83 -14.92 1.31
C ARG A 94 -3.79 -13.42 1.57
N SER A 95 -2.67 -12.88 2.06
CA SER A 95 -2.62 -11.45 2.40
C SER A 95 -1.29 -10.79 2.04
N PHE A 96 -1.31 -9.46 1.97
CA PHE A 96 -0.24 -8.59 1.58
C PHE A 96 -0.04 -7.48 2.61
N THR A 97 1.04 -6.73 2.47
CA THR A 97 1.09 -5.34 2.93
C THR A 97 1.96 -4.59 1.94
N VAL A 98 1.50 -3.44 1.50
CA VAL A 98 2.32 -2.41 0.88
C VAL A 98 2.57 -1.42 2.00
N CYS A 99 3.81 -1.02 2.24
CA CYS A 99 4.13 0.19 2.95
C CYS A 99 4.96 1.03 2.00
N VAL A 100 4.83 2.35 2.05
CA VAL A 100 5.65 3.28 1.28
C VAL A 100 6.19 4.32 2.26
N GLU A 101 7.47 4.68 2.17
CA GLU A 101 8.05 5.85 2.80
C GLU A 101 8.18 6.94 1.72
N ALA A 102 7.98 8.19 2.14
CA ALA A 102 8.18 9.44 1.42
C ALA A 102 9.18 10.32 2.16
N GLY A 103 10.12 9.73 2.88
CA GLY A 103 11.01 10.39 3.80
C GLY A 103 10.29 10.53 5.13
N ASN A 104 9.93 11.75 5.51
CA ASN A 104 9.42 12.03 6.86
C ASN A 104 8.04 11.44 7.12
N ALA A 105 7.41 10.80 6.13
CA ALA A 105 6.16 10.09 6.32
C ALA A 105 6.19 8.73 5.67
N PHE A 106 5.35 7.84 6.17
CA PHE A 106 5.01 6.57 5.55
C PHE A 106 3.54 6.27 5.82
N ASP A 107 2.97 5.33 5.08
CA ASP A 107 1.64 4.77 5.29
C ASP A 107 1.67 3.35 4.74
N GLU A 108 0.76 2.52 5.23
CA GLU A 108 0.83 1.06 5.15
C GLU A 108 -0.58 0.54 4.89
N PHE A 109 -0.75 -0.19 3.79
CA PHE A 109 -1.99 -0.71 3.28
C PHE A 109 -2.01 -2.23 3.45
N LYS A 110 -2.78 -2.72 4.43
CA LYS A 110 -2.90 -4.14 4.75
C LYS A 110 -3.93 -4.79 3.82
N PHE A 111 -3.51 -5.15 2.61
CA PHE A 111 -4.36 -5.85 1.65
C PHE A 111 -4.57 -7.30 2.09
N VAL A 112 -5.77 -7.84 1.97
CA VAL A 112 -6.12 -9.23 2.27
C VAL A 112 -7.01 -9.71 1.12
N GLN A 113 -6.65 -10.81 0.46
CA GLN A 113 -7.37 -11.40 -0.67
C GLN A 113 -8.04 -12.70 -0.23
N ASP A 114 -9.34 -12.80 -0.46
CA ASP A 114 -10.12 -14.01 -0.18
C ASP A 114 -9.81 -15.15 -1.17
N ALA A 115 -10.21 -16.37 -0.78
CA ALA A 115 -10.20 -17.55 -1.63
C ALA A 115 -11.33 -17.49 -2.65
N ALA A 116 -11.16 -18.22 -3.75
CA ALA A 116 -12.27 -18.56 -4.62
C ALA A 116 -13.29 -19.40 -3.84
N LYS A 117 -14.55 -19.34 -4.25
CA LYS A 117 -15.59 -20.22 -3.74
C LYS A 117 -16.42 -20.72 -4.91
N GLN A 118 -15.86 -21.63 -5.69
CA GLN A 118 -16.45 -22.11 -6.93
C GLN A 118 -16.35 -23.62 -6.93
N GLY A 1 5.61 23.48 26.61
CA GLY A 1 6.45 24.21 27.58
C GLY A 1 6.91 25.48 26.92
N CYS A 2 7.98 26.09 27.42
CA CYS A 2 8.65 27.15 26.71
C CYS A 2 10.10 27.01 27.13
N GLU A 3 10.91 26.43 26.26
CA GLU A 3 12.35 26.24 26.34
C GLU A 3 12.76 25.72 24.96
N LEU A 4 14.06 25.49 24.74
CA LEU A 4 14.56 24.69 23.63
C LEU A 4 13.89 23.31 23.71
N SER A 5 13.04 23.00 22.74
CA SER A 5 12.34 21.73 22.55
C SER A 5 11.91 21.66 21.09
N ASP A 6 11.29 20.54 20.69
CA ASP A 6 10.96 20.21 19.30
C ASP A 6 9.45 20.04 19.10
N PRO A 7 8.66 21.11 19.31
CA PRO A 7 7.20 21.06 19.33
C PRO A 7 6.59 20.62 18.00
N ASP A 8 7.33 20.77 16.90
CA ASP A 8 6.92 20.52 15.52
C ASP A 8 7.83 19.45 14.87
N GLY A 9 8.70 18.81 15.66
CA GLY A 9 9.74 17.90 15.20
C GLY A 9 9.25 16.46 14.99
N LEU A 10 7.98 16.28 14.64
CA LEU A 10 7.28 15.01 14.50
C LEU A 10 7.05 14.71 13.01
N ALA A 11 6.31 13.64 12.70
CA ALA A 11 6.00 13.16 11.36
C ALA A 11 4.48 13.13 11.21
N ASP A 12 3.90 14.04 10.41
CA ASP A 12 2.48 14.04 10.06
C ASP A 12 2.22 12.89 9.08
N PRO A 13 1.01 12.32 9.04
CA PRO A 13 0.67 11.29 8.07
C PRO A 13 0.57 11.83 6.64
N MET A 14 0.40 10.93 5.66
CA MET A 14 0.11 11.32 4.29
C MET A 14 -1.40 11.46 4.12
N LYS A 15 -1.82 12.27 3.15
CA LYS A 15 -3.20 12.69 2.97
C LYS A 15 -3.57 12.48 1.53
N TRP A 16 -4.34 11.42 1.30
CA TRP A 16 -4.66 10.94 -0.03
C TRP A 16 -5.96 11.60 -0.49
N SER A 17 -6.03 11.99 -1.75
CA SER A 17 -7.25 12.56 -2.34
C SER A 17 -7.79 11.77 -3.54
N LYS A 18 -7.20 10.62 -3.90
CA LYS A 18 -7.97 9.48 -4.41
C LYS A 18 -7.63 8.33 -3.47
N VAL A 19 -8.61 7.49 -3.15
CA VAL A 19 -8.46 6.16 -2.56
C VAL A 19 -9.62 5.31 -3.10
N PRO A 20 -9.49 3.97 -3.15
CA PRO A 20 -10.56 3.07 -3.51
C PRO A 20 -11.57 2.95 -2.37
N SER A 21 -12.76 2.43 -2.68
CA SER A 21 -13.83 2.22 -1.72
C SER A 21 -13.57 1.01 -0.82
N GLY A 22 -12.68 0.10 -1.20
CA GLY A 22 -12.42 -1.11 -0.42
C GLY A 22 -11.62 -0.84 0.85
N LEU A 23 -10.84 0.24 0.86
CA LEU A 23 -10.09 0.75 2.00
C LEU A 23 -11.02 1.03 3.18
N LYS A 24 -10.87 0.27 4.26
CA LYS A 24 -11.61 0.41 5.51
C LYS A 24 -10.63 0.48 6.67
N ASN A 25 -10.38 1.70 7.16
CA ASN A 25 -9.49 1.97 8.29
C ASN A 25 -8.14 1.28 8.06
N GLY A 26 -7.55 1.57 6.89
CA GLY A 26 -6.27 1.05 6.42
C GLY A 26 -6.33 -0.37 5.82
N GLU A 27 -7.47 -1.07 5.98
CA GLU A 27 -7.57 -2.47 5.62
C GLU A 27 -8.35 -2.62 4.31
N LEU A 28 -7.74 -3.17 3.26
CA LEU A 28 -8.37 -3.38 1.96
C LEU A 28 -8.69 -4.86 1.79
N LYS A 29 -9.98 -5.22 1.70
CA LYS A 29 -10.36 -6.55 1.25
C LYS A 29 -10.36 -6.57 -0.27
N VAL A 30 -9.90 -7.64 -0.88
CA VAL A 30 -9.90 -7.91 -2.31
C VAL A 30 -10.64 -9.23 -2.44
N GLU A 31 -11.54 -9.30 -3.41
CA GLU A 31 -12.21 -10.56 -3.68
C GLU A 31 -11.33 -11.38 -4.64
N ALA A 32 -11.66 -12.65 -4.81
CA ALA A 32 -10.76 -13.63 -5.43
C ALA A 32 -10.42 -13.36 -6.89
N GLU A 33 -11.07 -12.42 -7.54
CA GLU A 33 -10.86 -12.06 -8.94
C GLU A 33 -9.70 -11.07 -9.07
N GLY A 34 -9.26 -10.52 -7.92
CA GLY A 34 -8.40 -9.37 -7.86
C GLY A 34 -9.12 -8.14 -8.40
N GLY A 35 -8.49 -6.98 -8.29
CA GLY A 35 -8.95 -5.76 -8.94
C GLY A 35 -7.91 -4.66 -8.82
N SER A 36 -8.19 -3.53 -9.46
CA SER A 36 -7.34 -2.34 -9.44
C SER A 36 -7.65 -1.51 -8.19
N SER A 37 -6.69 -0.72 -7.70
CA SER A 37 -6.94 0.41 -6.81
C SER A 37 -5.99 1.55 -7.20
N LEU A 38 -6.34 2.76 -6.80
CA LEU A 38 -5.64 4.00 -7.10
C LEU A 38 -5.63 4.84 -5.83
N PHE A 39 -4.46 5.36 -5.48
CA PHE A 39 -4.26 6.22 -4.34
C PHE A 39 -3.48 7.43 -4.85
N ALA A 40 -4.17 8.54 -5.12
CA ALA A 40 -3.50 9.79 -5.48
C ALA A 40 -3.17 10.49 -4.17
N CYS A 41 -1.89 10.57 -3.82
CA CYS A 41 -1.52 11.41 -2.69
C CYS A 41 -1.82 12.86 -3.08
N LYS A 42 -2.09 13.73 -2.10
CA LYS A 42 -2.23 15.16 -2.35
C LYS A 42 -1.33 16.02 -1.44
N ASN A 43 -0.56 15.43 -0.52
CA ASN A 43 0.41 16.19 0.30
C ASN A 43 1.84 15.66 0.18
N TYR A 44 2.07 14.63 -0.62
CA TYR A 44 3.38 14.14 -1.01
C TYR A 44 3.38 13.90 -2.52
N LYS A 45 4.53 14.06 -3.16
CA LYS A 45 4.80 13.86 -4.58
C LYS A 45 6.20 13.25 -4.67
N SER A 46 6.42 12.24 -3.85
CA SER A 46 7.71 11.66 -3.51
C SER A 46 7.42 10.51 -2.54
N PHE A 47 7.12 9.31 -3.04
CA PHE A 47 7.01 8.12 -2.20
C PHE A 47 7.48 6.88 -2.97
N TRP A 48 7.97 5.87 -2.26
CA TRP A 48 8.53 4.67 -2.87
C TRP A 48 8.20 3.43 -2.05
N ILE A 49 8.42 2.27 -2.66
CA ILE A 49 8.21 0.95 -2.10
C ILE A 49 9.45 0.63 -1.25
N SER A 50 9.27 0.34 0.05
CA SER A 50 10.35 -0.22 0.87
C SER A 50 9.86 -1.31 1.82
N SER A 51 8.54 -1.54 1.96
CA SER A 51 8.05 -2.74 2.65
C SER A 51 6.79 -3.34 2.02
N VAL A 52 6.77 -4.68 2.00
CA VAL A 52 5.75 -5.56 1.45
C VAL A 52 5.62 -6.81 2.36
N LYS A 53 4.55 -7.60 2.24
CA LYS A 53 4.33 -8.94 2.83
C LYS A 53 3.72 -9.82 1.75
N GLU A 54 3.71 -11.14 1.92
CA GLU A 54 2.84 -12.02 1.12
C GLU A 54 2.46 -13.33 1.84
N GLU A 55 3.15 -13.68 2.93
CA GLU A 55 3.12 -15.03 3.53
C GLU A 55 3.03 -14.95 5.07
N GLY A 56 2.35 -13.92 5.58
CA GLY A 56 2.36 -13.53 6.99
C GLY A 56 3.70 -12.88 7.39
N LYS A 57 4.73 -12.99 6.54
CA LYS A 57 6.08 -12.50 6.73
C LYS A 57 6.36 -11.36 5.77
N PHE A 58 7.37 -10.55 6.09
CA PHE A 58 7.76 -9.42 5.27
C PHE A 58 8.66 -9.90 4.15
N LYS A 59 8.46 -9.31 2.98
CA LYS A 59 9.24 -9.58 1.77
C LYS A 59 10.51 -8.73 1.78
N GLU A 60 11.32 -8.90 0.74
CA GLU A 60 12.48 -8.06 0.47
C GLU A 60 12.16 -7.22 -0.77
N ASN A 61 12.88 -6.11 -0.95
CA ASN A 61 12.60 -5.07 -1.94
C ASN A 61 13.91 -4.67 -2.63
N THR A 62 13.83 -4.34 -3.91
CA THR A 62 15.00 -4.13 -4.77
C THR A 62 14.83 -2.98 -5.78
N SER A 63 13.64 -2.38 -5.81
CA SER A 63 13.26 -1.34 -6.74
C SER A 63 12.26 -0.41 -6.05
N TYR A 64 12.15 0.85 -6.48
CA TYR A 64 11.49 1.87 -5.67
C TYR A 64 10.11 2.27 -6.16
N LYS A 65 9.79 2.16 -7.45
CA LYS A 65 8.50 2.68 -7.96
C LYS A 65 7.65 1.57 -8.54
N GLU A 66 8.21 0.38 -8.73
CA GLU A 66 7.49 -0.75 -9.29
C GLU A 66 7.89 -2.02 -8.54
N PHE A 67 6.99 -3.01 -8.55
CA PHE A 67 7.21 -4.30 -7.94
C PHE A 67 6.20 -5.27 -8.57
N ASP A 68 6.66 -6.40 -9.08
CA ASP A 68 5.83 -7.48 -9.59
C ASP A 68 5.94 -8.67 -8.63
N GLY A 69 4.80 -9.27 -8.32
CA GLY A 69 4.64 -10.32 -7.32
C GLY A 69 4.05 -11.61 -7.87
N GLY A 70 4.01 -11.79 -9.19
CA GLY A 70 3.35 -12.92 -9.82
C GLY A 70 1.87 -12.64 -9.95
N TRP A 71 1.13 -12.63 -8.83
CA TRP A 71 -0.31 -12.38 -8.79
C TRP A 71 -0.65 -10.91 -8.48
N TYR A 72 0.34 -10.02 -8.49
CA TYR A 72 0.25 -8.69 -7.92
C TYR A 72 1.19 -7.82 -8.74
N LEU A 73 0.82 -6.56 -8.99
CA LEU A 73 1.65 -5.60 -9.74
C LEU A 73 1.51 -4.20 -9.16
N VAL A 74 2.59 -3.52 -8.82
CA VAL A 74 2.60 -2.22 -8.16
C VAL A 74 3.28 -1.21 -9.08
N LYS A 75 2.70 -0.01 -9.25
CA LYS A 75 3.22 1.05 -10.13
C LYS A 75 2.94 2.41 -9.50
N ILE A 76 3.98 3.05 -8.97
CA ILE A 76 3.92 4.43 -8.48
C ILE A 76 4.24 5.30 -9.68
N GLU A 77 3.31 6.18 -10.08
CA GLU A 77 3.60 7.23 -11.04
C GLU A 77 3.25 8.60 -10.49
N ASP A 78 4.29 9.36 -10.18
CA ASP A 78 4.34 10.79 -9.89
C ASP A 78 3.79 11.11 -8.50
N ASN A 79 2.50 10.89 -8.30
CA ASN A 79 1.83 10.90 -7.00
C ASN A 79 0.64 9.95 -6.94
N GLU A 80 0.43 9.12 -7.97
CA GLU A 80 -0.61 8.11 -8.01
C GLU A 80 0.03 6.74 -7.84
N LEU A 81 -0.19 6.15 -6.68
CA LEU A 81 0.09 4.75 -6.36
C LEU A 81 -1.03 3.96 -7.09
N LYS A 82 -0.74 3.08 -8.05
CA LYS A 82 -1.72 2.14 -8.58
C LYS A 82 -1.28 0.72 -8.30
N VAL A 83 -2.26 -0.17 -8.17
CA VAL A 83 -2.05 -1.58 -7.95
C VAL A 83 -3.06 -2.32 -8.83
N ILE A 84 -2.66 -3.42 -9.46
CA ILE A 84 -3.51 -4.26 -10.29
C ILE A 84 -3.20 -5.70 -9.88
N ILE A 85 -4.15 -6.32 -9.20
CA ILE A 85 -4.03 -7.65 -8.63
C ILE A 85 -4.72 -8.62 -9.60
N ASN A 86 -4.29 -9.89 -9.64
CA ASN A 86 -4.87 -10.91 -10.52
C ASN A 86 -5.81 -11.84 -9.77
N ARG A 87 -6.52 -12.68 -10.53
CA ARG A 87 -7.45 -13.67 -10.03
C ARG A 87 -6.70 -14.82 -9.37
N ASN A 88 -7.26 -15.34 -8.28
CA ASN A 88 -6.68 -16.38 -7.44
C ASN A 88 -7.05 -17.77 -7.96
N GLU A 89 -6.12 -18.72 -7.95
CA GLU A 89 -6.35 -20.06 -8.51
C GLU A 89 -6.54 -21.12 -7.42
N THR A 90 -6.54 -20.77 -6.13
CA THR A 90 -6.61 -21.74 -5.03
C THR A 90 -7.60 -21.34 -3.91
N ASN A 91 -7.93 -22.33 -3.06
CA ASN A 91 -8.90 -22.24 -1.98
C ASN A 91 -8.22 -21.86 -0.66
N ALA A 92 -7.46 -20.77 -0.70
CA ALA A 92 -7.00 -20.06 0.50
C ALA A 92 -7.05 -18.55 0.21
N SER A 93 -7.18 -17.71 1.23
CA SER A 93 -7.29 -16.29 1.14
C SER A 93 -5.95 -15.79 1.62
N ARG A 94 -5.26 -15.14 0.71
CA ARG A 94 -3.92 -14.65 0.94
C ARG A 94 -3.98 -13.35 1.74
N SER A 95 -2.81 -12.80 2.08
CA SER A 95 -2.69 -11.39 2.39
C SER A 95 -1.34 -10.91 1.89
N PHE A 96 -1.24 -9.60 1.68
CA PHE A 96 0.01 -8.87 1.55
C PHE A 96 -0.16 -7.54 2.29
N THR A 97 0.93 -6.80 2.42
CA THR A 97 0.90 -5.42 2.92
C THR A 97 1.67 -4.58 1.91
N VAL A 98 1.39 -3.28 1.94
CA VAL A 98 2.02 -2.23 1.17
C VAL A 98 2.36 -1.20 2.25
N CYS A 99 3.62 -0.83 2.43
CA CYS A 99 3.95 0.40 3.10
C CYS A 99 4.96 1.13 2.24
N VAL A 100 4.69 2.42 2.12
CA VAL A 100 5.57 3.37 1.46
C VAL A 100 6.23 4.24 2.53
N GLU A 101 7.24 4.99 2.15
CA GLU A 101 7.80 6.11 2.92
C GLU A 101 7.75 7.28 1.94
N ALA A 102 7.65 8.50 2.48
CA ALA A 102 7.71 9.75 1.73
C ALA A 102 8.68 10.73 2.40
N GLY A 103 9.62 10.23 3.20
CA GLY A 103 10.47 11.01 4.08
C GLY A 103 9.91 10.88 5.49
N ASN A 104 9.39 11.97 6.07
CA ASN A 104 8.86 11.96 7.44
C ASN A 104 7.39 11.57 7.41
N ALA A 105 7.03 10.46 6.74
CA ALA A 105 5.70 9.85 6.81
C ALA A 105 5.80 8.41 6.29
N PHE A 106 4.95 7.52 6.81
CA PHE A 106 4.90 6.09 6.52
C PHE A 106 3.43 5.69 6.45
N ASP A 107 2.93 5.36 5.27
CA ASP A 107 1.51 5.08 5.07
C ASP A 107 1.37 3.61 4.65
N GLU A 108 1.04 2.75 5.62
CA GLU A 108 0.83 1.32 5.42
C GLU A 108 -0.62 1.08 5.05
N PHE A 109 -0.86 0.06 4.22
CA PHE A 109 -2.16 -0.52 3.94
C PHE A 109 -2.04 -2.04 3.90
N LYS A 110 -2.88 -2.73 4.68
CA LYS A 110 -2.95 -4.18 4.73
C LYS A 110 -3.97 -4.68 3.72
N PHE A 111 -3.70 -5.78 3.03
CA PHE A 111 -4.64 -6.39 2.08
C PHE A 111 -4.85 -7.87 2.40
N VAL A 112 -6.01 -8.38 2.02
CA VAL A 112 -6.34 -9.80 2.04
C VAL A 112 -7.06 -10.07 0.72
N GLN A 113 -6.71 -11.14 0.02
CA GLN A 113 -7.43 -11.58 -1.16
C GLN A 113 -8.19 -12.84 -0.80
N ASP A 114 -9.47 -12.88 -1.11
CA ASP A 114 -10.34 -14.01 -0.91
C ASP A 114 -9.90 -15.23 -1.72
N ALA A 115 -10.38 -16.39 -1.26
CA ALA A 115 -10.15 -17.68 -1.87
C ALA A 115 -11.05 -17.84 -3.09
N ALA A 116 -10.52 -18.40 -4.18
CA ALA A 116 -11.34 -18.68 -5.35
C ALA A 116 -12.26 -19.84 -5.07
N LYS A 117 -13.55 -19.54 -4.98
CA LYS A 117 -14.60 -20.46 -4.66
C LYS A 117 -15.25 -20.86 -5.96
N GLN A 118 -14.68 -21.87 -6.59
CA GLN A 118 -15.17 -22.48 -7.81
C GLN A 118 -15.32 -23.96 -7.52
N GLY A 1 3.57 26.52 24.79
CA GLY A 1 4.35 27.54 25.52
C GLY A 1 5.08 28.44 24.54
N CYS A 2 6.08 29.16 25.01
CA CYS A 2 7.09 29.83 24.23
C CYS A 2 8.39 29.60 25.00
N GLU A 3 8.85 28.35 24.98
CA GLU A 3 10.05 27.88 25.67
C GLU A 3 10.91 27.14 24.65
N LEU A 4 12.18 26.85 24.99
CA LEU A 4 13.07 26.06 24.14
C LEU A 4 12.60 24.61 24.16
N SER A 5 11.99 24.16 23.07
CA SER A 5 11.52 22.82 22.83
C SER A 5 11.44 22.63 21.31
N ASP A 6 10.93 21.49 20.85
CA ASP A 6 10.61 21.25 19.44
C ASP A 6 9.10 21.10 19.27
N PRO A 7 8.33 22.20 19.24
CA PRO A 7 6.90 22.13 18.99
C PRO A 7 6.62 21.64 17.56
N ASP A 8 7.37 22.17 16.59
CA ASP A 8 7.09 22.06 15.16
C ASP A 8 8.28 21.36 14.51
N GLY A 9 8.51 20.10 14.88
CA GLY A 9 9.64 19.32 14.37
C GLY A 9 9.31 17.84 14.10
N LEU A 10 8.09 17.40 14.38
CA LEU A 10 7.70 16.01 14.38
C LEU A 10 7.39 15.57 12.95
N ALA A 11 7.18 14.26 12.77
CA ALA A 11 6.74 13.69 11.52
C ALA A 11 5.25 13.43 11.61
N ASP A 12 4.56 13.64 10.49
CA ASP A 12 3.12 13.50 10.33
C ASP A 12 2.75 12.39 9.36
N PRO A 13 1.60 11.71 9.56
CA PRO A 13 1.18 10.62 8.71
C PRO A 13 0.76 11.14 7.33
N MET A 14 0.79 10.25 6.35
CA MET A 14 0.56 10.56 4.95
C MET A 14 -0.96 10.73 4.73
N LYS A 15 -1.37 11.47 3.70
CA LYS A 15 -2.79 11.71 3.40
C LYS A 15 -3.03 11.56 1.90
N TRP A 16 -3.92 10.64 1.56
CA TRP A 16 -4.16 10.19 0.19
C TRP A 16 -5.48 10.78 -0.29
N SER A 17 -5.47 11.80 -1.17
CA SER A 17 -6.68 12.48 -1.62
C SER A 17 -7.46 11.73 -2.70
N LYS A 18 -6.96 10.59 -3.17
CA LYS A 18 -7.70 9.60 -3.92
C LYS A 18 -7.37 8.29 -3.23
N VAL A 19 -8.36 7.45 -2.93
CA VAL A 19 -8.21 6.08 -2.46
C VAL A 19 -9.39 5.26 -3.03
N PRO A 20 -9.28 3.92 -3.08
CA PRO A 20 -10.42 3.04 -3.32
C PRO A 20 -11.40 3.04 -2.15
N SER A 21 -12.66 2.69 -2.44
CA SER A 21 -13.73 2.51 -1.47
C SER A 21 -13.40 1.36 -0.50
N GLY A 22 -12.68 0.32 -0.93
CA GLY A 22 -12.43 -0.89 -0.16
C GLY A 22 -11.61 -0.66 1.10
N LEU A 23 -10.87 0.45 1.15
CA LEU A 23 -10.12 0.86 2.33
C LEU A 23 -11.02 0.89 3.57
N LYS A 24 -10.61 0.19 4.61
CA LYS A 24 -11.19 0.32 5.95
C LYS A 24 -10.04 0.27 6.95
N ASN A 25 -9.75 1.42 7.57
CA ASN A 25 -8.79 1.57 8.67
C ASN A 25 -7.39 1.04 8.33
N GLY A 26 -7.04 0.91 7.05
CA GLY A 26 -5.76 0.37 6.58
C GLY A 26 -5.92 -0.87 5.72
N GLU A 27 -7.03 -1.61 5.87
CA GLU A 27 -7.23 -2.87 5.19
C GLU A 27 -7.84 -2.63 3.82
N LEU A 28 -7.40 -3.39 2.81
CA LEU A 28 -7.92 -3.34 1.44
C LEU A 28 -8.40 -4.75 1.08
N LYS A 29 -9.70 -4.97 1.26
CA LYS A 29 -10.36 -6.19 0.84
C LYS A 29 -10.45 -6.25 -0.69
N VAL A 30 -10.50 -7.44 -1.29
CA VAL A 30 -10.60 -7.58 -2.75
C VAL A 30 -11.67 -8.60 -3.07
N GLU A 31 -11.80 -8.97 -4.34
CA GLU A 31 -12.67 -10.03 -4.76
C GLU A 31 -11.84 -11.03 -5.57
N ALA A 32 -12.37 -12.25 -5.71
CA ALA A 32 -11.64 -13.38 -6.26
C ALA A 32 -11.55 -13.46 -7.79
N GLU A 33 -11.33 -12.29 -8.36
CA GLU A 33 -11.10 -11.95 -9.74
C GLU A 33 -9.87 -11.04 -9.85
N GLY A 34 -9.63 -10.29 -8.77
CA GLY A 34 -8.68 -9.20 -8.75
C GLY A 34 -9.37 -7.96 -9.29
N GLY A 35 -8.63 -6.86 -9.31
CA GLY A 35 -9.04 -5.53 -9.75
C GLY A 35 -7.85 -4.61 -9.57
N SER A 36 -8.04 -3.29 -9.68
CA SER A 36 -6.98 -2.33 -9.42
C SER A 36 -7.32 -1.46 -8.21
N SER A 37 -6.40 -0.60 -7.82
CA SER A 37 -6.64 0.51 -6.91
C SER A 37 -5.75 1.69 -7.32
N LEU A 38 -6.06 2.87 -6.77
CA LEU A 38 -5.37 4.11 -7.05
C LEU A 38 -5.31 4.92 -5.77
N PHE A 39 -4.15 5.48 -5.44
CA PHE A 39 -3.92 6.25 -4.24
C PHE A 39 -3.12 7.53 -4.59
N ALA A 40 -3.74 8.73 -4.51
CA ALA A 40 -3.05 10.01 -4.81
C ALA A 40 -2.42 10.58 -3.56
N CYS A 41 -1.10 10.65 -3.49
CA CYS A 41 -0.38 11.09 -2.31
C CYS A 41 -0.25 12.61 -2.39
N LYS A 42 -1.18 13.37 -1.80
CA LYS A 42 -1.31 14.80 -2.12
C LYS A 42 -0.28 15.67 -1.38
N ASN A 43 0.34 15.17 -0.32
CA ASN A 43 1.22 15.95 0.57
C ASN A 43 2.59 15.29 0.75
N TYR A 44 2.86 14.20 0.04
CA TYR A 44 4.15 13.53 -0.06
C TYR A 44 4.28 12.97 -1.49
N LYS A 45 4.76 13.75 -2.45
CA LYS A 45 5.03 13.31 -3.84
C LYS A 45 6.37 12.59 -3.94
N SER A 46 6.69 11.78 -2.94
CA SER A 46 8.06 11.38 -2.67
C SER A 46 8.13 9.98 -2.09
N PHE A 47 7.22 9.09 -2.47
CA PHE A 47 7.08 7.78 -1.84
C PHE A 47 7.46 6.64 -2.78
N TRP A 48 7.71 5.47 -2.19
CA TRP A 48 8.08 4.24 -2.87
C TRP A 48 7.78 3.04 -2.00
N ILE A 49 8.10 1.88 -2.56
CA ILE A 49 7.91 0.58 -1.96
C ILE A 49 9.26 0.19 -1.39
N SER A 50 9.35 -0.14 -0.10
CA SER A 50 10.59 -0.66 0.47
C SER A 50 10.37 -1.95 1.27
N SER A 51 9.14 -2.43 1.41
CA SER A 51 8.85 -3.76 1.95
C SER A 51 7.54 -4.26 1.35
N VAL A 52 7.38 -5.58 1.29
CA VAL A 52 6.25 -6.26 0.68
C VAL A 52 5.92 -7.46 1.55
N LYS A 53 4.66 -7.93 1.55
CA LYS A 53 4.24 -9.21 2.12
C LYS A 53 3.39 -9.89 1.08
N GLU A 54 3.43 -11.22 1.01
CA GLU A 54 2.51 -12.00 0.18
C GLU A 54 2.04 -13.27 0.89
N GLU A 55 2.61 -13.60 2.05
CA GLU A 55 2.43 -14.90 2.70
C GLU A 55 2.61 -14.77 4.21
N GLY A 56 1.98 -13.75 4.78
CA GLY A 56 2.05 -13.46 6.21
C GLY A 56 3.39 -12.88 6.68
N LYS A 57 4.46 -12.95 5.87
CA LYS A 57 5.82 -12.51 6.18
C LYS A 57 6.27 -11.48 5.17
N PHE A 58 7.22 -10.64 5.56
CA PHE A 58 7.75 -9.62 4.67
C PHE A 58 8.81 -10.21 3.74
N LYS A 59 9.11 -9.50 2.65
CA LYS A 59 10.16 -9.74 1.68
C LYS A 59 10.60 -8.38 1.15
N GLU A 60 11.75 -8.36 0.50
CA GLU A 60 12.40 -7.16 -0.04
C GLU A 60 11.66 -6.63 -1.26
N ASN A 61 12.16 -5.57 -1.89
CA ASN A 61 11.63 -5.03 -3.14
C ASN A 61 12.80 -4.80 -4.08
N THR A 62 12.61 -4.94 -5.40
CA THR A 62 13.67 -4.86 -6.41
C THR A 62 13.82 -3.46 -7.00
N SER A 63 13.07 -2.48 -6.49
CA SER A 63 13.01 -1.11 -7.00
C SER A 63 12.42 -0.21 -5.92
N TYR A 64 12.39 1.10 -6.18
CA TYR A 64 11.74 2.09 -5.34
C TYR A 64 10.81 2.90 -6.21
N LYS A 65 9.98 2.21 -7.00
CA LYS A 65 8.80 2.75 -7.69
C LYS A 65 7.88 1.69 -8.30
N GLU A 66 8.23 0.41 -8.23
CA GLU A 66 7.44 -0.67 -8.78
C GLU A 66 7.75 -1.94 -8.01
N PHE A 67 6.90 -2.94 -8.26
CA PHE A 67 7.23 -4.33 -8.03
C PHE A 67 6.26 -5.20 -8.80
N ASP A 68 6.66 -6.42 -9.15
CA ASP A 68 5.80 -7.44 -9.71
C ASP A 68 6.02 -8.73 -8.92
N GLY A 69 4.99 -9.13 -8.20
CA GLY A 69 4.92 -10.32 -7.35
C GLY A 69 4.14 -11.44 -8.03
N GLY A 70 3.92 -11.37 -9.34
CA GLY A 70 3.17 -12.33 -10.11
C GLY A 70 1.69 -11.98 -10.00
N TRP A 71 1.06 -12.27 -8.86
CA TRP A 71 -0.36 -11.99 -8.69
C TRP A 71 -0.66 -10.53 -8.37
N TYR A 72 0.36 -9.66 -8.24
CA TYR A 72 0.22 -8.36 -7.62
C TYR A 72 1.27 -7.44 -8.22
N LEU A 73 0.84 -6.32 -8.79
CA LEU A 73 1.65 -5.45 -9.63
C LEU A 73 1.56 -4.04 -9.02
N VAL A 74 2.68 -3.39 -8.69
CA VAL A 74 2.73 -2.07 -8.05
C VAL A 74 3.42 -1.10 -9.01
N LYS A 75 2.84 0.08 -9.23
CA LYS A 75 3.38 1.12 -10.11
C LYS A 75 3.18 2.46 -9.43
N ILE A 76 4.20 3.31 -9.36
CA ILE A 76 4.14 4.61 -8.73
C ILE A 76 4.55 5.62 -9.80
N GLU A 77 3.59 6.42 -10.28
CA GLU A 77 3.84 7.40 -11.32
C GLU A 77 3.43 8.78 -10.81
N ASP A 78 4.40 9.70 -10.82
CA ASP A 78 4.35 11.08 -10.37
C ASP A 78 4.14 11.11 -8.86
N ASN A 79 2.91 10.94 -8.38
CA ASN A 79 2.50 10.82 -6.97
C ASN A 79 1.28 9.90 -6.83
N GLU A 80 0.92 9.16 -7.88
CA GLU A 80 -0.22 8.27 -7.92
C GLU A 80 0.31 6.84 -7.83
N LEU A 81 0.05 6.18 -6.69
CA LEU A 81 0.30 4.77 -6.47
C LEU A 81 -0.85 4.04 -7.17
N LYS A 82 -0.59 3.26 -8.23
CA LYS A 82 -1.54 2.30 -8.75
C LYS A 82 -1.14 0.92 -8.27
N VAL A 83 -2.11 0.03 -8.14
CA VAL A 83 -1.79 -1.37 -7.91
C VAL A 83 -2.84 -2.17 -8.70
N ILE A 84 -2.46 -3.32 -9.25
CA ILE A 84 -3.35 -4.23 -9.94
C ILE A 84 -3.12 -5.64 -9.40
N ILE A 85 -4.22 -6.36 -9.20
CA ILE A 85 -4.31 -7.64 -8.51
C ILE A 85 -4.94 -8.66 -9.44
N ASN A 86 -4.50 -9.92 -9.36
CA ASN A 86 -5.00 -11.02 -10.19
C ASN A 86 -6.11 -11.77 -9.47
N ARG A 87 -6.74 -12.68 -10.21
CA ARG A 87 -7.64 -13.71 -9.69
C ARG A 87 -6.85 -14.71 -8.84
N ASN A 88 -7.38 -15.13 -7.69
CA ASN A 88 -6.77 -16.14 -6.82
C ASN A 88 -7.27 -17.51 -7.22
N GLU A 89 -6.40 -18.50 -7.33
CA GLU A 89 -6.69 -19.82 -7.83
C GLU A 89 -6.93 -20.85 -6.70
N THR A 90 -7.18 -20.42 -5.46
CA THR A 90 -7.52 -21.33 -4.37
C THR A 90 -8.76 -20.88 -3.61
N ASN A 91 -9.31 -21.83 -2.84
CA ASN A 91 -10.38 -21.60 -1.88
C ASN A 91 -9.89 -20.98 -0.57
N ALA A 92 -8.61 -20.61 -0.49
CA ALA A 92 -8.01 -19.98 0.67
C ALA A 92 -7.74 -18.52 0.34
N SER A 93 -8.24 -17.62 1.18
CA SER A 93 -7.89 -16.21 1.14
C SER A 93 -6.46 -16.02 1.65
N ARG A 94 -5.87 -14.85 1.37
CA ARG A 94 -4.49 -14.52 1.71
C ARG A 94 -4.40 -13.02 1.97
N SER A 95 -3.23 -12.47 2.30
CA SER A 95 -3.06 -11.03 2.41
C SER A 95 -1.77 -10.56 1.76
N PHE A 96 -1.65 -9.25 1.59
CA PHE A 96 -0.48 -8.54 1.10
C PHE A 96 -0.25 -7.36 2.04
N THR A 97 0.89 -6.72 1.91
CA THR A 97 1.15 -5.48 2.61
C THR A 97 1.83 -4.53 1.63
N VAL A 98 1.15 -3.46 1.25
CA VAL A 98 1.74 -2.34 0.54
C VAL A 98 2.32 -1.42 1.63
N CYS A 99 3.51 -1.75 2.11
CA CYS A 99 4.34 -0.88 2.93
C CYS A 99 4.92 0.17 1.99
N VAL A 100 4.81 1.45 2.35
CA VAL A 100 5.42 2.54 1.60
C VAL A 100 6.11 3.50 2.56
N GLU A 101 7.11 4.23 2.06
CA GLU A 101 7.84 5.25 2.81
C GLU A 101 7.94 6.47 1.91
N ALA A 102 7.84 7.67 2.49
CA ALA A 102 8.01 8.96 1.81
C ALA A 102 8.88 9.88 2.68
N GLY A 103 8.80 11.19 2.46
CA GLY A 103 9.79 12.19 2.89
C GLY A 103 10.26 12.01 4.32
N ASN A 104 9.33 12.01 5.28
CA ASN A 104 9.65 11.86 6.70
C ASN A 104 8.74 10.85 7.42
N ALA A 105 7.77 10.22 6.76
CA ALA A 105 6.90 9.21 7.35
C ALA A 105 6.71 8.02 6.39
N PHE A 106 5.99 7.00 6.85
CA PHE A 106 5.68 5.78 6.10
C PHE A 106 4.24 5.37 6.38
N ASP A 107 3.71 4.48 5.54
CA ASP A 107 2.35 3.98 5.59
C ASP A 107 2.37 2.49 5.31
N GLU A 108 1.30 1.78 5.69
CA GLU A 108 1.16 0.36 5.45
C GLU A 108 -0.31 0.01 5.20
N PHE A 109 -0.61 -0.55 4.02
CA PHE A 109 -1.95 -1.02 3.67
C PHE A 109 -1.96 -2.55 3.58
N LYS A 110 -2.53 -3.22 4.58
CA LYS A 110 -2.77 -4.66 4.56
C LYS A 110 -3.87 -4.97 3.55
N PHE A 111 -3.52 -5.40 2.34
CA PHE A 111 -4.49 -6.02 1.45
C PHE A 111 -4.89 -7.37 2.01
N VAL A 112 -6.11 -7.81 1.71
CA VAL A 112 -6.60 -9.11 2.09
C VAL A 112 -7.37 -9.63 0.90
N GLN A 113 -6.71 -10.52 0.16
CA GLN A 113 -7.32 -11.15 -0.96
C GLN A 113 -8.27 -12.26 -0.52
N ASP A 114 -9.49 -12.18 -1.04
CA ASP A 114 -10.49 -13.24 -0.79
C ASP A 114 -10.11 -14.63 -1.36
N ALA A 115 -10.97 -15.62 -1.14
CA ALA A 115 -10.90 -16.95 -1.73
C ALA A 115 -11.79 -17.07 -2.97
N ALA A 116 -11.42 -17.95 -3.90
CA ALA A 116 -12.25 -18.31 -5.04
C ALA A 116 -12.96 -19.62 -4.71
N LYS A 117 -14.29 -19.63 -4.79
CA LYS A 117 -15.12 -20.80 -4.48
C LYS A 117 -15.29 -21.63 -5.75
N GLN A 118 -14.19 -22.17 -6.28
CA GLN A 118 -14.19 -22.95 -7.50
C GLN A 118 -13.37 -24.21 -7.28
N GLY A 1 4.24 23.38 29.72
CA GLY A 1 4.62 24.76 30.09
C GLY A 1 4.86 25.55 28.83
N CYS A 2 5.94 26.33 28.79
CA CYS A 2 6.53 26.87 27.59
C CYS A 2 8.03 26.81 27.82
N GLU A 3 8.74 25.94 27.10
CA GLU A 3 10.14 25.60 27.31
C GLU A 3 10.82 25.54 25.95
N LEU A 4 12.17 25.46 25.94
CA LEU A 4 12.94 25.25 24.72
C LEU A 4 12.67 23.82 24.25
N SER A 5 11.92 23.67 23.17
CA SER A 5 11.44 22.43 22.61
C SER A 5 11.42 22.58 21.09
N ASP A 6 11.02 21.53 20.37
CA ASP A 6 10.89 21.47 18.92
C ASP A 6 9.44 21.15 18.52
N PRO A 7 8.48 22.02 18.89
CA PRO A 7 7.06 21.77 18.71
C PRO A 7 6.69 21.68 17.24
N ASP A 8 7.27 22.54 16.39
CA ASP A 8 7.06 22.55 14.95
C ASP A 8 8.10 21.65 14.26
N GLY A 9 8.33 20.43 14.80
CA GLY A 9 9.42 19.55 14.35
C GLY A 9 8.97 18.17 13.91
N LEU A 10 7.68 17.84 14.03
CA LEU A 10 7.12 16.51 13.87
C LEU A 10 7.07 16.09 12.39
N ALA A 11 6.47 14.94 12.09
CA ALA A 11 6.25 14.41 10.77
C ALA A 11 4.79 13.99 10.68
N ASP A 12 4.09 14.40 9.62
CA ASP A 12 2.65 14.19 9.41
C ASP A 12 2.38 13.17 8.29
N PRO A 13 1.21 12.50 8.27
CA PRO A 13 0.96 11.32 7.46
C PRO A 13 0.72 11.65 5.99
N MET A 14 0.74 10.63 5.11
CA MET A 14 0.85 10.83 3.66
C MET A 14 -0.50 11.03 2.96
N LYS A 15 -1.25 12.04 3.40
CA LYS A 15 -2.66 12.30 3.10
C LYS A 15 -3.01 12.25 1.62
N TRP A 16 -3.79 11.25 1.28
CA TRP A 16 -4.15 10.88 -0.08
C TRP A 16 -5.48 11.56 -0.44
N SER A 17 -5.52 12.38 -1.50
CA SER A 17 -6.77 12.96 -2.00
C SER A 17 -7.55 11.97 -2.87
N LYS A 18 -6.95 10.83 -3.25
CA LYS A 18 -7.64 9.76 -3.94
C LYS A 18 -7.23 8.48 -3.24
N VAL A 19 -8.20 7.70 -2.81
CA VAL A 19 -8.12 6.36 -2.24
C VAL A 19 -9.41 5.65 -2.71
N PRO A 20 -9.46 4.31 -2.69
CA PRO A 20 -10.59 3.53 -3.17
C PRO A 20 -11.69 3.37 -2.11
N SER A 21 -12.87 2.95 -2.55
CA SER A 21 -13.95 2.49 -1.68
C SER A 21 -13.56 1.24 -0.88
N GLY A 22 -12.58 0.45 -1.34
CA GLY A 22 -12.18 -0.79 -0.68
C GLY A 22 -11.44 -0.57 0.64
N LEU A 23 -10.99 0.65 0.91
CA LEU A 23 -10.24 0.99 2.11
C LEU A 23 -11.16 1.07 3.34
N LYS A 24 -10.72 0.42 4.41
CA LYS A 24 -11.26 0.44 5.76
C LYS A 24 -10.06 0.60 6.68
N ASN A 25 -9.83 1.79 7.22
CA ASN A 25 -8.74 2.08 8.17
C ASN A 25 -7.37 1.57 7.66
N GLY A 26 -7.11 1.68 6.36
CA GLY A 26 -5.86 1.23 5.75
C GLY A 26 -5.81 -0.26 5.44
N GLU A 27 -6.78 -1.06 5.90
CA GLU A 27 -6.98 -2.40 5.36
C GLU A 27 -7.76 -2.27 4.06
N LEU A 28 -7.48 -3.11 3.07
CA LEU A 28 -8.09 -3.13 1.75
C LEU A 28 -8.65 -4.53 1.57
N LYS A 29 -9.96 -4.69 1.75
CA LYS A 29 -10.66 -5.92 1.46
C LYS A 29 -10.68 -6.08 -0.05
N VAL A 30 -10.40 -7.29 -0.52
CA VAL A 30 -10.47 -7.66 -1.93
C VAL A 30 -11.09 -9.05 -1.98
N GLU A 31 -11.93 -9.26 -2.98
CA GLU A 31 -12.58 -10.53 -3.23
C GLU A 31 -11.66 -11.40 -4.09
N ALA A 32 -12.02 -12.66 -4.29
CA ALA A 32 -11.13 -13.60 -4.94
C ALA A 32 -10.78 -13.29 -6.40
N GLU A 33 -11.52 -12.40 -7.06
CA GLU A 33 -11.31 -11.97 -8.45
C GLU A 33 -10.14 -11.00 -8.52
N GLY A 34 -9.85 -10.39 -7.38
CA GLY A 34 -8.97 -9.25 -7.28
C GLY A 34 -9.73 -7.99 -7.69
N GLY A 35 -9.03 -6.87 -7.67
CA GLY A 35 -9.45 -5.63 -8.32
C GLY A 35 -8.29 -4.64 -8.29
N SER A 36 -8.46 -3.52 -8.97
CA SER A 36 -7.50 -2.43 -9.01
C SER A 36 -7.95 -1.31 -8.08
N SER A 37 -7.03 -0.43 -7.71
CA SER A 37 -7.28 0.80 -6.96
C SER A 37 -6.29 1.89 -7.38
N LEU A 38 -6.50 3.11 -6.89
CA LEU A 38 -5.70 4.31 -7.16
C LEU A 38 -5.54 5.08 -5.87
N PHE A 39 -4.33 5.59 -5.64
CA PHE A 39 -3.87 6.25 -4.44
C PHE A 39 -3.10 7.49 -4.89
N ALA A 40 -3.70 8.67 -4.77
CA ALA A 40 -3.10 9.91 -5.27
C ALA A 40 -2.67 10.81 -4.12
N CYS A 41 -1.37 11.06 -4.04
CA CYS A 41 -0.69 11.54 -2.85
C CYS A 41 -0.69 13.07 -2.85
N LYS A 42 -1.60 13.72 -2.11
CA LYS A 42 -1.83 15.16 -2.29
C LYS A 42 -1.00 15.96 -1.29
N ASN A 43 0.20 15.46 -0.99
CA ASN A 43 1.15 16.02 -0.01
C ASN A 43 2.55 15.37 0.00
N TYR A 44 2.78 14.29 -0.77
CA TYR A 44 4.06 13.57 -0.80
C TYR A 44 4.17 12.90 -2.17
N LYS A 45 4.61 13.64 -3.20
CA LYS A 45 4.72 13.16 -4.58
C LYS A 45 6.02 12.40 -4.85
N SER A 46 6.85 12.20 -3.83
CA SER A 46 8.21 11.70 -3.93
C SER A 46 8.43 10.56 -2.94
N PHE A 47 8.03 9.34 -3.29
CA PHE A 47 8.02 8.17 -2.40
C PHE A 47 8.33 6.88 -3.17
N TRP A 48 8.62 5.82 -2.43
CA TRP A 48 9.00 4.51 -2.96
C TRP A 48 8.37 3.37 -2.17
N ILE A 49 8.49 2.18 -2.74
CA ILE A 49 8.20 0.89 -2.10
C ILE A 49 9.49 0.54 -1.37
N SER A 50 9.45 0.19 -0.08
CA SER A 50 10.60 -0.46 0.55
C SER A 50 10.23 -1.75 1.28
N SER A 51 8.96 -1.95 1.67
CA SER A 51 8.54 -3.16 2.34
C SER A 51 7.28 -3.72 1.70
N VAL A 52 7.24 -5.04 1.53
CA VAL A 52 6.10 -5.77 1.01
C VAL A 52 5.93 -7.04 1.85
N LYS A 53 4.68 -7.44 2.07
CA LYS A 53 4.28 -8.74 2.61
C LYS A 53 3.41 -9.41 1.57
N GLU A 54 3.50 -10.73 1.45
CA GLU A 54 2.80 -11.53 0.44
C GLU A 54 2.31 -12.88 0.95
N GLU A 55 2.74 -13.29 2.15
CA GLU A 55 2.48 -14.64 2.64
C GLU A 55 2.32 -14.63 4.16
N GLY A 56 1.75 -13.54 4.68
CA GLY A 56 1.65 -13.32 6.12
C GLY A 56 2.98 -12.93 6.76
N LYS A 57 4.07 -12.87 5.99
CA LYS A 57 5.39 -12.39 6.36
C LYS A 57 5.95 -11.52 5.24
N PHE A 58 7.03 -10.79 5.52
CA PHE A 58 7.65 -9.85 4.59
C PHE A 58 8.47 -10.59 3.52
N LYS A 59 8.93 -9.85 2.51
CA LYS A 59 10.04 -10.20 1.64
C LYS A 59 10.91 -8.96 1.43
N GLU A 60 12.02 -9.15 0.72
CA GLU A 60 12.99 -8.11 0.44
C GLU A 60 12.48 -7.18 -0.67
N ASN A 61 13.25 -6.14 -0.99
CA ASN A 61 12.94 -5.15 -2.03
C ASN A 61 14.08 -5.12 -3.05
N THR A 62 13.71 -5.09 -4.34
CA THR A 62 14.66 -4.99 -5.45
C THR A 62 14.43 -3.76 -6.33
N SER A 63 13.36 -3.00 -6.11
CA SER A 63 12.94 -1.92 -6.98
C SER A 63 12.15 -0.89 -6.16
N TYR A 64 12.25 0.39 -6.50
CA TYR A 64 11.68 1.48 -5.69
C TYR A 64 10.41 2.10 -6.27
N LYS A 65 10.10 1.98 -7.57
CA LYS A 65 8.86 2.55 -8.12
C LYS A 65 7.96 1.53 -8.81
N GLU A 66 8.34 0.27 -8.95
CA GLU A 66 7.43 -0.79 -9.36
C GLU A 66 7.77 -2.03 -8.57
N PHE A 67 6.75 -2.75 -8.12
CA PHE A 67 6.90 -4.01 -7.43
C PHE A 67 5.88 -4.96 -8.02
N ASP A 68 6.38 -6.05 -8.59
CA ASP A 68 5.62 -7.16 -9.13
C ASP A 68 5.71 -8.33 -8.16
N GLY A 69 4.56 -8.82 -7.72
CA GLY A 69 4.39 -9.95 -6.80
C GLY A 69 3.71 -11.11 -7.51
N GLY A 70 3.80 -11.21 -8.83
CA GLY A 70 3.13 -12.22 -9.62
C GLY A 70 1.66 -11.86 -9.75
N TRP A 71 0.81 -12.33 -8.83
CA TRP A 71 -0.64 -12.08 -8.89
C TRP A 71 -1.03 -10.64 -8.49
N TYR A 72 -0.07 -9.77 -8.17
CA TYR A 72 -0.26 -8.50 -7.49
C TYR A 72 0.79 -7.56 -8.06
N LEU A 73 0.42 -6.35 -8.47
CA LEU A 73 1.31 -5.42 -9.18
C LEU A 73 1.14 -4.03 -8.61
N VAL A 74 2.25 -3.30 -8.44
CA VAL A 74 2.32 -1.99 -7.82
C VAL A 74 3.20 -1.11 -8.70
N LYS A 75 2.76 0.11 -8.99
CA LYS A 75 3.48 1.10 -9.79
C LYS A 75 3.25 2.46 -9.15
N ILE A 76 4.34 3.16 -8.85
CA ILE A 76 4.43 4.53 -8.39
C ILE A 76 4.84 5.31 -9.64
N GLU A 77 3.93 6.13 -10.18
CA GLU A 77 4.23 7.06 -11.25
C GLU A 77 3.72 8.42 -10.82
N ASP A 78 4.44 9.48 -11.18
CA ASP A 78 4.18 10.89 -10.90
C ASP A 78 3.76 11.19 -9.46
N ASN A 79 2.49 10.95 -9.12
CA ASN A 79 1.90 11.08 -7.80
C ASN A 79 0.65 10.19 -7.65
N GLU A 80 0.50 9.18 -8.51
CA GLU A 80 -0.59 8.24 -8.52
C GLU A 80 0.00 6.84 -8.41
N LEU A 81 0.08 6.34 -7.18
CA LEU A 81 0.37 4.94 -6.89
C LEU A 81 -0.88 4.15 -7.21
N LYS A 82 -0.71 3.01 -7.88
CA LYS A 82 -1.83 2.17 -8.29
C LYS A 82 -1.46 0.74 -7.93
N VAL A 83 -2.44 -0.01 -7.45
CA VAL A 83 -2.29 -1.44 -7.18
C VAL A 83 -3.32 -2.13 -8.06
N ILE A 84 -2.90 -3.23 -8.68
CA ILE A 84 -3.70 -4.07 -9.56
C ILE A 84 -3.50 -5.50 -9.08
N ILE A 85 -4.59 -6.23 -8.87
CA ILE A 85 -4.58 -7.53 -8.20
C ILE A 85 -5.40 -8.49 -9.06
N ASN A 86 -4.83 -9.66 -9.34
CA ASN A 86 -5.42 -10.68 -10.19
C ASN A 86 -6.33 -11.58 -9.37
N ARG A 87 -7.08 -12.41 -10.10
CA ARG A 87 -7.91 -13.46 -9.53
C ARG A 87 -7.02 -14.51 -8.85
N ASN A 88 -7.46 -15.04 -7.71
CA ASN A 88 -6.79 -16.11 -6.99
C ASN A 88 -7.39 -17.43 -7.42
N GLU A 89 -6.65 -18.21 -8.20
CA GLU A 89 -7.09 -19.50 -8.72
C GLU A 89 -6.89 -20.62 -7.68
N THR A 90 -7.12 -20.34 -6.39
CA THR A 90 -7.15 -21.33 -5.31
C THR A 90 -8.34 -21.12 -4.39
N ASN A 91 -8.60 -22.15 -3.61
CA ASN A 91 -9.53 -22.14 -2.47
C ASN A 91 -8.90 -21.56 -1.20
N ALA A 92 -7.69 -21.00 -1.27
CA ALA A 92 -6.92 -20.61 -0.10
C ALA A 92 -6.63 -19.11 -0.11
N SER A 93 -7.12 -18.41 0.90
CA SER A 93 -6.99 -17.00 1.10
C SER A 93 -5.56 -16.60 1.42
N ARG A 94 -5.30 -15.31 1.34
CA ARG A 94 -3.95 -14.77 1.47
C ARG A 94 -4.05 -13.27 1.70
N SER A 95 -2.96 -12.60 2.05
CA SER A 95 -3.00 -11.16 2.26
C SER A 95 -1.63 -10.55 1.91
N PHE A 96 -1.67 -9.30 1.46
CA PHE A 96 -0.50 -8.53 1.08
C PHE A 96 -0.30 -7.39 2.08
N THR A 97 0.81 -6.68 1.98
CA THR A 97 0.90 -5.31 2.45
C THR A 97 1.87 -4.57 1.55
N VAL A 98 1.70 -3.26 1.44
CA VAL A 98 2.71 -2.32 0.97
C VAL A 98 2.89 -1.30 2.08
N CYS A 99 4.12 -1.12 2.57
CA CYS A 99 4.47 -0.05 3.50
C CYS A 99 5.36 0.91 2.71
N VAL A 100 4.81 2.05 2.34
CA VAL A 100 5.36 2.98 1.36
C VAL A 100 5.70 4.29 2.03
N GLU A 101 6.80 4.89 1.60
CA GLU A 101 7.58 5.82 2.40
C GLU A 101 8.14 6.92 1.50
N ALA A 102 7.98 8.18 1.90
CA ALA A 102 8.50 9.35 1.19
C ALA A 102 9.75 9.93 1.86
N GLY A 103 10.08 9.46 3.06
CA GLY A 103 11.20 9.90 3.85
C GLY A 103 10.77 10.19 5.27
N ASN A 104 10.01 11.27 5.51
CA ASN A 104 9.70 11.67 6.89
C ASN A 104 8.57 10.85 7.51
N ALA A 105 7.72 10.19 6.73
CA ALA A 105 6.64 9.31 7.20
C ALA A 105 6.39 8.17 6.20
N PHE A 106 5.52 7.23 6.58
CA PHE A 106 5.08 6.13 5.75
C PHE A 106 3.59 5.86 5.99
N ASP A 107 2.94 5.13 5.08
CA ASP A 107 1.59 4.59 5.25
C ASP A 107 1.69 3.09 4.94
N GLU A 108 0.77 2.30 5.48
CA GLU A 108 0.77 0.85 5.40
C GLU A 108 -0.62 0.41 4.96
N PHE A 109 -0.70 -0.23 3.78
CA PHE A 109 -1.96 -0.69 3.23
C PHE A 109 -2.04 -2.21 3.30
N LYS A 110 -2.85 -2.73 4.21
CA LYS A 110 -3.03 -4.17 4.42
C LYS A 110 -4.06 -4.70 3.43
N PHE A 111 -3.59 -5.09 2.26
CA PHE A 111 -4.42 -5.79 1.30
C PHE A 111 -4.74 -7.19 1.83
N VAL A 112 -5.93 -7.69 1.55
CA VAL A 112 -6.38 -9.02 1.92
C VAL A 112 -7.12 -9.57 0.70
N GLN A 113 -6.86 -10.83 0.30
CA GLN A 113 -7.57 -11.48 -0.79
C GLN A 113 -8.29 -12.71 -0.25
N ASP A 114 -9.60 -12.77 -0.46
CA ASP A 114 -10.40 -13.95 -0.13
C ASP A 114 -10.20 -15.05 -1.17
N ALA A 115 -10.49 -16.30 -0.80
CA ALA A 115 -10.35 -17.46 -1.68
C ALA A 115 -11.47 -17.52 -2.71
N ALA A 116 -11.19 -18.15 -3.85
CA ALA A 116 -12.20 -18.39 -4.86
C ALA A 116 -12.91 -19.69 -4.52
N LYS A 117 -14.19 -19.81 -4.87
CA LYS A 117 -14.90 -21.09 -4.78
C LYS A 117 -14.63 -21.91 -6.05
N GLN A 118 -13.36 -22.14 -6.35
CA GLN A 118 -12.91 -23.02 -7.41
C GLN A 118 -12.58 -24.34 -6.73
N GLY A 1 -1.93 29.32 10.31
CA GLY A 1 -0.79 29.98 10.99
C GLY A 1 0.44 29.99 10.12
N CYS A 2 1.62 29.67 10.68
CA CYS A 2 2.91 29.72 9.98
C CYS A 2 3.74 28.47 10.32
N GLU A 3 3.87 28.17 11.63
CA GLU A 3 4.49 26.97 12.17
C GLU A 3 5.98 26.89 11.78
N LEU A 4 6.72 27.85 12.34
CA LEU A 4 8.11 28.20 12.03
C LEU A 4 9.11 27.63 13.05
N SER A 5 8.67 26.87 14.04
CA SER A 5 9.53 26.36 15.10
C SER A 5 9.10 24.94 15.38
N ASP A 6 9.89 24.00 14.88
CA ASP A 6 9.60 22.58 14.95
C ASP A 6 9.47 22.11 16.41
N PRO A 7 8.67 21.07 16.69
CA PRO A 7 8.40 20.64 18.05
C PRO A 7 9.64 20.08 18.76
N ASP A 8 10.35 19.11 18.17
CA ASP A 8 11.59 18.56 18.77
C ASP A 8 12.50 17.86 17.73
N GLY A 9 12.09 17.77 16.46
CA GLY A 9 12.81 17.02 15.42
C GLY A 9 12.16 15.68 15.07
N LEU A 10 11.01 15.36 15.68
CA LEU A 10 10.22 14.17 15.46
C LEU A 10 9.53 14.18 14.09
N ALA A 11 8.69 13.18 13.82
CA ALA A 11 8.41 12.66 12.51
C ALA A 11 6.89 12.44 12.34
N ASP A 12 6.20 13.28 11.54
CA ASP A 12 4.74 13.36 11.55
C ASP A 12 4.02 12.20 10.82
N PRO A 13 2.82 11.81 11.26
CA PRO A 13 2.06 10.74 10.61
C PRO A 13 1.44 11.11 9.26
N MET A 14 1.77 10.31 8.25
CA MET A 14 1.33 10.47 6.85
C MET A 14 -0.16 10.21 6.66
N LYS A 15 -0.75 10.97 5.75
CA LYS A 15 -2.17 10.99 5.42
C LYS A 15 -2.37 10.97 3.92
N TRP A 16 -3.49 10.40 3.51
CA TRP A 16 -3.78 10.08 2.14
C TRP A 16 -5.16 10.67 1.86
N SER A 17 -5.29 11.53 0.87
CA SER A 17 -6.54 12.24 0.60
C SER A 17 -7.33 11.69 -0.60
N LYS A 18 -6.95 10.55 -1.19
CA LYS A 18 -7.64 9.99 -2.38
C LYS A 18 -8.00 8.51 -2.24
N VAL A 19 -8.09 8.07 -0.99
CA VAL A 19 -8.08 6.63 -0.65
C VAL A 19 -9.29 5.85 -1.24
N PRO A 20 -9.16 4.56 -1.57
CA PRO A 20 -10.21 3.70 -2.09
C PRO A 20 -11.29 3.39 -1.05
N SER A 21 -12.45 2.93 -1.51
CA SER A 21 -13.59 2.56 -0.67
C SER A 21 -13.28 1.35 0.22
N GLY A 22 -12.45 0.41 -0.24
CA GLY A 22 -12.12 -0.80 0.49
C GLY A 22 -11.36 -0.53 1.79
N LEU A 23 -10.71 0.64 1.91
CA LEU A 23 -10.01 1.10 3.10
C LEU A 23 -10.94 1.15 4.32
N LYS A 24 -10.80 0.19 5.23
CA LYS A 24 -11.51 0.10 6.51
C LYS A 24 -10.45 0.13 7.60
N ASN A 25 -10.24 1.30 8.21
CA ASN A 25 -9.33 1.52 9.34
C ASN A 25 -7.87 1.11 9.04
N GLY A 26 -7.49 1.01 7.77
CA GLY A 26 -6.15 0.66 7.34
C GLY A 26 -6.02 -0.77 6.86
N GLU A 27 -7.08 -1.59 6.87
CA GLU A 27 -7.10 -2.86 6.15
C GLU A 27 -7.97 -2.69 4.91
N LEU A 28 -7.69 -3.42 3.83
CA LEU A 28 -8.46 -3.42 2.60
C LEU A 28 -8.75 -4.86 2.23
N LYS A 29 -9.88 -5.10 1.58
CA LYS A 29 -10.29 -6.45 1.17
C LYS A 29 -10.77 -6.47 -0.28
N VAL A 30 -10.63 -7.61 -0.95
CA VAL A 30 -11.01 -7.79 -2.35
C VAL A 30 -11.69 -9.14 -2.46
N GLU A 31 -12.49 -9.30 -3.52
CA GLU A 31 -13.09 -10.57 -3.88
C GLU A 31 -12.08 -11.40 -4.69
N ALA A 32 -12.48 -12.58 -5.18
CA ALA A 32 -11.64 -13.43 -6.00
C ALA A 32 -11.32 -12.88 -7.40
N GLU A 33 -11.60 -11.62 -7.73
CA GLU A 33 -11.58 -11.09 -9.10
C GLU A 33 -10.55 -9.97 -9.28
N GLY A 34 -10.27 -9.22 -8.22
CA GLY A 34 -9.19 -8.25 -8.25
C GLY A 34 -9.66 -6.89 -8.75
N GLY A 35 -9.23 -5.83 -8.06
CA GLY A 35 -9.56 -4.45 -8.38
C GLY A 35 -8.30 -3.61 -8.54
N SER A 36 -8.49 -2.33 -8.84
CA SER A 36 -7.43 -1.33 -8.81
C SER A 36 -7.66 -0.37 -7.65
N SER A 37 -6.65 0.38 -7.23
CA SER A 37 -6.76 1.27 -6.09
C SER A 37 -5.70 2.36 -6.17
N LEU A 38 -6.16 3.61 -6.27
CA LEU A 38 -5.36 4.82 -6.25
C LEU A 38 -5.42 5.39 -4.84
N PHE A 39 -4.27 5.83 -4.33
CA PHE A 39 -4.11 6.60 -3.12
C PHE A 39 -3.22 7.78 -3.48
N ALA A 40 -3.38 8.92 -2.80
CA ALA A 40 -2.57 10.10 -3.03
C ALA A 40 -2.19 10.69 -1.70
N CYS A 41 -0.89 10.72 -1.42
CA CYS A 41 -0.36 11.23 -0.17
C CYS A 41 -0.32 12.76 -0.27
N LYS A 42 -1.16 13.43 0.51
CA LYS A 42 -1.25 14.90 0.46
C LYS A 42 -0.04 15.58 1.13
N ASN A 43 0.42 15.05 2.25
CA ASN A 43 1.36 15.67 3.19
C ASN A 43 2.80 15.15 3.06
N TYR A 44 3.09 14.32 2.04
CA TYR A 44 4.39 13.75 1.73
C TYR A 44 4.47 13.48 0.23
N LYS A 45 5.67 13.55 -0.37
CA LYS A 45 5.97 13.28 -1.78
C LYS A 45 7.32 12.60 -1.92
N SER A 46 7.58 11.66 -1.00
CA SER A 46 8.92 11.17 -0.73
C SER A 46 8.90 9.71 -0.24
N PHE A 47 8.01 8.85 -0.76
CA PHE A 47 7.81 7.50 -0.24
C PHE A 47 8.16 6.40 -1.22
N TRP A 48 8.36 5.18 -0.70
CA TRP A 48 8.73 4.02 -1.49
C TRP A 48 8.36 2.70 -0.82
N ILE A 49 8.53 1.63 -1.59
CA ILE A 49 8.39 0.26 -1.16
C ILE A 49 9.76 -0.15 -0.61
N SER A 50 9.82 -0.67 0.59
CA SER A 50 10.98 -1.41 1.10
C SER A 50 10.63 -2.87 1.37
N SER A 51 9.47 -3.16 1.97
CA SER A 51 9.07 -4.50 2.36
C SER A 51 7.67 -4.79 1.78
N VAL A 52 7.39 -6.07 1.53
CA VAL A 52 6.10 -6.61 1.12
C VAL A 52 5.99 -8.00 1.76
N LYS A 53 4.81 -8.36 2.27
CA LYS A 53 4.46 -9.73 2.64
C LYS A 53 3.61 -10.30 1.52
N GLU A 54 3.88 -11.54 1.13
CA GLU A 54 3.14 -12.26 0.08
C GLU A 54 2.89 -13.72 0.45
N GLU A 55 3.44 -14.20 1.57
CA GLU A 55 3.52 -15.64 1.89
C GLU A 55 3.40 -15.89 3.41
N GLY A 56 2.73 -14.98 4.13
CA GLY A 56 2.71 -14.95 5.60
C GLY A 56 4.01 -14.40 6.21
N LYS A 57 5.02 -14.18 5.36
CA LYS A 57 6.32 -13.60 5.69
C LYS A 57 6.65 -12.52 4.69
N PHE A 58 7.55 -11.61 5.08
CA PHE A 58 7.99 -10.49 4.27
C PHE A 58 9.12 -10.92 3.32
N LYS A 59 9.39 -10.07 2.32
CA LYS A 59 10.43 -10.18 1.30
C LYS A 59 11.11 -8.82 1.09
N GLU A 60 12.16 -8.79 0.27
CA GLU A 60 12.90 -7.59 -0.13
C GLU A 60 12.20 -6.93 -1.32
N ASN A 61 12.63 -5.75 -1.76
CA ASN A 61 12.07 -5.07 -2.92
C ASN A 61 13.19 -4.55 -3.79
N THR A 62 12.96 -4.51 -5.10
CA THR A 62 14.00 -4.33 -6.12
C THR A 62 13.83 -3.00 -6.89
N SER A 63 12.95 -2.12 -6.42
CA SER A 63 12.92 -0.70 -6.77
C SER A 63 12.43 0.04 -5.54
N TYR A 64 12.47 1.37 -5.55
CA TYR A 64 11.92 2.23 -4.50
C TYR A 64 10.82 3.09 -5.12
N LYS A 65 10.04 2.52 -6.04
CA LYS A 65 8.88 3.18 -6.67
C LYS A 65 7.93 2.19 -7.34
N GLU A 66 8.16 0.87 -7.22
CA GLU A 66 7.43 -0.14 -7.96
C GLU A 66 7.52 -1.46 -7.20
N PHE A 67 6.54 -2.34 -7.42
CA PHE A 67 6.63 -3.75 -7.10
C PHE A 67 5.68 -4.52 -8.03
N ASP A 68 6.23 -5.31 -8.95
CA ASP A 68 5.53 -6.38 -9.65
C ASP A 68 5.72 -7.67 -8.87
N GLY A 69 4.61 -8.31 -8.52
CA GLY A 69 4.54 -9.58 -7.82
C GLY A 69 3.45 -10.47 -8.38
N GLY A 70 3.54 -10.81 -9.67
CA GLY A 70 2.85 -11.93 -10.32
C GLY A 70 1.36 -11.71 -10.61
N TRP A 71 0.58 -11.39 -9.58
CA TRP A 71 -0.85 -11.10 -9.62
C TRP A 71 -1.12 -9.70 -9.06
N TYR A 72 -0.07 -8.92 -8.81
CA TYR A 72 -0.10 -7.72 -8.02
C TYR A 72 0.92 -6.76 -8.60
N LEU A 73 0.55 -5.50 -8.79
CA LEU A 73 1.44 -4.53 -9.42
C LEU A 73 1.25 -3.16 -8.79
N VAL A 74 2.34 -2.55 -8.34
CA VAL A 74 2.37 -1.29 -7.61
C VAL A 74 3.29 -0.34 -8.34
N LYS A 75 2.94 0.94 -8.35
CA LYS A 75 3.72 2.05 -8.86
C LYS A 75 3.51 3.24 -7.92
N ILE A 76 4.50 4.12 -7.82
CA ILE A 76 4.50 5.34 -7.03
C ILE A 76 5.02 6.41 -7.97
N GLU A 77 4.14 7.33 -8.39
CA GLU A 77 4.49 8.39 -9.30
C GLU A 77 4.06 9.70 -8.68
N ASP A 78 5.06 10.53 -8.38
CA ASP A 78 4.98 11.82 -7.73
C ASP A 78 4.52 11.65 -6.28
N ASN A 79 3.21 11.52 -6.08
CA ASN A 79 2.59 11.18 -4.81
C ASN A 79 1.41 10.22 -4.95
N GLU A 80 1.11 9.76 -6.16
CA GLU A 80 0.06 8.78 -6.44
C GLU A 80 0.65 7.38 -6.30
N LEU A 81 0.30 6.70 -5.21
CA LEU A 81 0.50 5.27 -5.04
C LEU A 81 -0.65 4.60 -5.79
N LYS A 82 -0.38 3.71 -6.76
CA LYS A 82 -1.44 2.97 -7.44
C LYS A 82 -1.18 1.48 -7.32
N VAL A 83 -2.25 0.71 -7.23
CA VAL A 83 -2.25 -0.74 -7.04
C VAL A 83 -3.23 -1.34 -8.04
N ILE A 84 -2.82 -2.36 -8.80
CA ILE A 84 -3.70 -3.18 -9.62
C ILE A 84 -3.55 -4.65 -9.22
N ILE A 85 -4.67 -5.36 -9.03
CA ILE A 85 -4.74 -6.74 -8.53
C ILE A 85 -5.46 -7.60 -9.57
N ASN A 86 -4.95 -8.79 -9.88
CA ASN A 86 -5.54 -9.73 -10.83
C ASN A 86 -6.53 -10.68 -10.13
N ARG A 87 -7.26 -11.42 -10.96
CA ARG A 87 -8.26 -12.40 -10.55
C ARG A 87 -7.60 -13.65 -10.01
N ASN A 88 -8.14 -14.16 -8.91
CA ASN A 88 -7.75 -15.42 -8.31
C ASN A 88 -8.39 -16.55 -9.09
N GLU A 89 -7.57 -17.50 -9.55
CA GLU A 89 -7.95 -18.69 -10.30
C GLU A 89 -7.66 -19.96 -9.47
N THR A 90 -7.50 -19.81 -8.16
CA THR A 90 -7.33 -20.90 -7.23
C THR A 90 -8.37 -20.80 -6.11
N ASN A 91 -8.90 -21.96 -5.75
CA ASN A 91 -9.83 -22.26 -4.67
C ASN A 91 -9.25 -22.04 -3.26
N ALA A 92 -8.23 -21.18 -3.11
CA ALA A 92 -7.63 -20.81 -1.85
C ALA A 92 -7.42 -19.28 -1.79
N SER A 93 -7.75 -18.64 -0.67
CA SER A 93 -7.72 -17.21 -0.48
C SER A 93 -6.37 -16.78 0.08
N ARG A 94 -5.73 -15.81 -0.57
CA ARG A 94 -4.35 -15.40 -0.28
C ARG A 94 -4.36 -14.01 0.34
N SER A 95 -3.27 -13.61 1.00
CA SER A 95 -3.16 -12.28 1.58
C SER A 95 -1.75 -11.74 1.36
N PHE A 96 -1.60 -10.42 1.38
CA PHE A 96 -0.34 -9.71 1.29
C PHE A 96 -0.39 -8.45 2.17
N THR A 97 0.71 -7.71 2.26
CA THR A 97 0.77 -6.46 3.02
C THR A 97 1.74 -5.52 2.32
N VAL A 98 1.35 -4.25 2.30
CA VAL A 98 2.10 -3.16 1.73
C VAL A 98 2.43 -2.27 2.92
N CYS A 99 3.71 -2.00 3.15
CA CYS A 99 4.14 -0.87 3.95
C CYS A 99 4.89 0.09 3.05
N VAL A 100 4.80 1.38 3.33
CA VAL A 100 5.67 2.37 2.71
C VAL A 100 6.27 3.20 3.83
N GLU A 101 7.45 3.77 3.59
CA GLU A 101 8.06 4.77 4.45
C GLU A 101 8.29 5.98 3.55
N ALA A 102 8.24 7.18 4.12
CA ALA A 102 8.16 8.48 3.49
C ALA A 102 9.14 9.50 4.11
N GLY A 103 10.31 9.07 4.54
CA GLY A 103 11.33 9.95 5.09
C GLY A 103 11.16 10.15 6.58
N ASN A 104 10.04 10.74 7.01
CA ASN A 104 9.71 10.93 8.44
C ASN A 104 8.52 10.06 8.87
N ALA A 105 7.87 9.33 7.97
CA ALA A 105 6.68 8.55 8.31
C ALA A 105 6.73 7.18 7.68
N PHE A 106 5.89 6.28 8.14
CA PHE A 106 5.53 5.06 7.44
C PHE A 106 4.06 4.79 7.71
N ASP A 107 3.44 3.99 6.85
CA ASP A 107 2.04 3.59 6.96
C ASP A 107 1.96 2.23 6.30
N GLU A 108 1.13 1.34 6.82
CA GLU A 108 0.99 -0.03 6.35
C GLU A 108 -0.48 -0.33 6.13
N PHE A 109 -0.77 -1.02 5.05
CA PHE A 109 -2.10 -1.41 4.69
C PHE A 109 -2.08 -2.89 4.30
N LYS A 110 -2.97 -3.66 4.91
CA LYS A 110 -3.13 -5.05 4.52
C LYS A 110 -4.05 -5.15 3.32
N PHE A 111 -3.81 -6.13 2.46
CA PHE A 111 -4.72 -6.53 1.40
C PHE A 111 -4.89 -8.03 1.43
N VAL A 112 -6.11 -8.54 1.24
CA VAL A 112 -6.33 -9.94 1.11
C VAL A 112 -7.28 -10.20 -0.06
N GLN A 113 -7.20 -11.39 -0.65
CA GLN A 113 -7.98 -11.77 -1.82
C GLN A 113 -8.69 -13.10 -1.56
N ASP A 114 -10.01 -13.09 -1.81
CA ASP A 114 -10.85 -14.27 -1.58
C ASP A 114 -10.54 -15.43 -2.52
N ALA A 115 -11.08 -16.61 -2.21
CA ALA A 115 -10.85 -17.84 -2.96
C ALA A 115 -11.79 -17.92 -4.16
N ALA A 116 -11.33 -18.54 -5.24
CA ALA A 116 -12.11 -18.64 -6.45
C ALA A 116 -13.06 -19.83 -6.39
N LYS A 117 -14.34 -19.50 -6.27
CA LYS A 117 -15.43 -20.46 -6.22
C LYS A 117 -15.86 -20.72 -7.66
N GLN A 118 -15.13 -21.58 -8.34
CA GLN A 118 -15.30 -21.96 -9.74
C GLN A 118 -14.90 -23.42 -9.91
N GLY A 1 -3.10 18.88 18.69
CA GLY A 1 -3.48 20.30 18.71
C GLY A 1 -3.49 20.83 17.29
N CYS A 2 -2.87 21.99 17.04
CA CYS A 2 -2.71 22.58 15.71
C CYS A 2 -1.48 23.47 15.76
N GLU A 3 -1.61 24.64 16.40
CA GLU A 3 -0.55 25.60 16.69
C GLU A 3 0.11 26.21 15.45
N LEU A 4 1.15 27.01 15.67
CA LEU A 4 2.02 27.58 14.65
C LEU A 4 3.45 27.41 15.17
N SER A 5 3.83 26.16 15.36
CA SER A 5 5.05 25.71 16.03
C SER A 5 5.62 24.57 15.19
N ASP A 6 6.91 24.24 15.32
CA ASP A 6 7.55 23.11 14.62
C ASP A 6 8.11 22.05 15.60
N PRO A 7 7.24 21.44 16.42
CA PRO A 7 7.64 20.51 17.46
C PRO A 7 8.24 19.25 16.86
N ASP A 8 7.48 18.59 15.98
CA ASP A 8 7.78 17.27 15.41
C ASP A 8 7.41 17.24 13.93
N GLY A 9 7.40 18.43 13.29
CA GLY A 9 7.09 18.56 11.88
C GLY A 9 8.06 17.78 10.99
N LEU A 10 9.20 17.33 11.53
CA LEU A 10 10.21 16.57 10.83
C LEU A 10 9.95 15.06 10.85
N ALA A 11 8.70 14.71 11.09
CA ALA A 11 8.11 13.37 11.18
C ALA A 11 6.60 13.42 11.46
N ASP A 12 5.98 14.47 10.93
CA ASP A 12 4.55 14.46 10.66
C ASP A 12 4.19 13.24 9.79
N PRO A 13 3.02 12.63 9.99
CA PRO A 13 2.60 11.43 9.30
C PRO A 13 2.29 11.72 7.83
N MET A 14 2.37 10.69 6.98
CA MET A 14 2.06 10.80 5.57
C MET A 14 0.55 11.00 5.43
N LYS A 15 0.09 12.21 5.06
CA LYS A 15 -1.34 12.38 4.77
C LYS A 15 -1.60 12.05 3.30
N TRP A 16 -2.77 11.45 3.04
CA TRP A 16 -3.18 11.00 1.72
C TRP A 16 -4.51 11.68 1.42
N SER A 17 -4.62 12.39 0.29
CA SER A 17 -5.85 13.10 -0.10
C SER A 17 -6.59 12.41 -1.24
N LYS A 18 -6.20 11.18 -1.57
CA LYS A 18 -7.00 10.22 -2.30
C LYS A 18 -6.69 8.90 -1.65
N VAL A 19 -7.71 8.16 -1.20
CA VAL A 19 -7.63 6.78 -0.75
C VAL A 19 -8.96 6.10 -1.15
N PRO A 20 -8.97 4.77 -1.35
CA PRO A 20 -10.19 3.98 -1.48
C PRO A 20 -10.93 3.96 -0.13
N SER A 21 -12.23 3.64 -0.09
CA SER A 21 -12.93 3.39 1.19
C SER A 21 -12.73 1.96 1.72
N GLY A 22 -12.20 1.06 0.90
CA GLY A 22 -11.76 -0.25 1.36
C GLY A 22 -10.66 -0.12 2.41
N LEU A 23 -9.85 0.96 2.34
CA LEU A 23 -8.93 1.41 3.37
C LEU A 23 -9.70 1.70 4.64
N LYS A 24 -9.44 0.88 5.64
CA LYS A 24 -9.71 1.10 7.05
C LYS A 24 -8.57 1.92 7.63
N ASN A 25 -8.36 1.78 8.92
CA ASN A 25 -7.19 2.12 9.71
C ASN A 25 -5.85 1.52 9.19
N GLY A 26 -5.76 1.13 7.91
CA GLY A 26 -4.57 0.61 7.25
C GLY A 26 -4.69 -0.85 6.85
N GLU A 27 -5.91 -1.41 6.83
CA GLU A 27 -6.16 -2.71 6.19
C GLU A 27 -7.14 -2.47 5.05
N LEU A 28 -7.04 -3.24 3.96
CA LEU A 28 -7.88 -3.16 2.77
C LEU A 28 -8.47 -4.54 2.50
N LYS A 29 -9.78 -4.67 2.68
CA LYS A 29 -10.48 -5.92 2.39
C LYS A 29 -10.86 -5.95 0.92
N VAL A 30 -10.68 -7.09 0.27
CA VAL A 30 -10.90 -7.26 -1.16
C VAL A 30 -11.49 -8.64 -1.39
N GLU A 31 -12.36 -8.75 -2.38
CA GLU A 31 -12.92 -10.01 -2.81
C GLU A 31 -11.94 -10.77 -3.72
N ALA A 32 -12.30 -11.99 -4.11
CA ALA A 32 -11.45 -12.87 -4.90
C ALA A 32 -11.21 -12.38 -6.32
N GLU A 33 -11.88 -11.34 -6.79
CA GLU A 33 -11.72 -10.78 -8.13
C GLU A 33 -10.63 -9.72 -8.15
N GLY A 34 -10.21 -9.34 -6.94
CA GLY A 34 -9.36 -8.21 -6.68
C GLY A 34 -10.15 -6.92 -6.86
N GLY A 35 -9.46 -5.81 -6.63
CA GLY A 35 -9.96 -4.50 -6.97
C GLY A 35 -8.83 -3.50 -7.10
N SER A 36 -9.11 -2.37 -7.75
CA SER A 36 -8.16 -1.30 -7.98
C SER A 36 -8.16 -0.34 -6.78
N SER A 37 -7.02 0.33 -6.55
CA SER A 37 -6.87 1.26 -5.43
C SER A 37 -5.77 2.30 -5.71
N LEU A 38 -5.85 3.51 -5.12
CA LEU A 38 -4.98 4.66 -5.39
C LEU A 38 -4.84 5.49 -4.11
N PHE A 39 -3.63 6.02 -3.86
CA PHE A 39 -3.18 6.63 -2.64
C PHE A 39 -2.37 7.87 -3.03
N ALA A 40 -3.01 9.05 -3.05
CA ALA A 40 -2.34 10.30 -3.44
C ALA A 40 -1.74 10.98 -2.21
N CYS A 41 -0.41 10.91 -2.04
CA CYS A 41 0.22 11.39 -0.82
C CYS A 41 0.32 12.91 -0.85
N LYS A 42 -0.55 13.61 -0.11
CA LYS A 42 -0.58 15.07 -0.17
C LYS A 42 0.66 15.66 0.50
N ASN A 43 1.25 14.97 1.49
CA ASN A 43 2.32 15.48 2.35
C ASN A 43 3.70 15.00 1.92
N TYR A 44 3.81 14.15 0.89
CA TYR A 44 5.08 13.55 0.51
C TYR A 44 5.18 13.36 -0.99
N LYS A 45 6.37 13.60 -1.54
CA LYS A 45 6.82 13.32 -2.90
C LYS A 45 8.30 12.92 -2.78
N SER A 46 8.55 11.87 -2.02
CA SER A 46 9.84 11.23 -1.82
C SER A 46 9.53 10.03 -0.93
N PHE A 47 9.16 8.90 -1.51
CA PHE A 47 8.84 7.68 -0.78
C PHE A 47 8.98 6.46 -1.70
N TRP A 48 9.28 5.30 -1.14
CA TRP A 48 9.57 4.08 -1.89
C TRP A 48 9.16 2.83 -1.14
N ILE A 49 9.07 1.74 -1.90
CA ILE A 49 8.72 0.40 -1.45
C ILE A 49 9.98 -0.16 -0.79
N SER A 50 9.92 -0.65 0.44
CA SER A 50 11.00 -1.47 0.97
C SER A 50 10.52 -2.82 1.54
N SER A 51 9.20 -3.09 1.58
CA SER A 51 8.68 -4.36 2.07
C SER A 51 7.47 -4.81 1.25
N VAL A 52 7.35 -6.13 1.13
CA VAL A 52 6.30 -6.85 0.42
C VAL A 52 5.98 -8.11 1.23
N LYS A 53 4.70 -8.44 1.40
CA LYS A 53 4.24 -9.78 1.73
C LYS A 53 3.26 -10.13 0.63
N GLU A 54 3.26 -11.39 0.19
CA GLU A 54 2.35 -11.89 -0.84
C GLU A 54 1.85 -13.29 -0.54
N GLU A 55 2.40 -13.94 0.49
CA GLU A 55 2.30 -15.39 0.66
C GLU A 55 2.09 -15.80 2.12
N GLY A 56 1.93 -14.82 3.00
CA GLY A 56 1.98 -15.00 4.43
C GLY A 56 3.36 -14.68 5.01
N LYS A 57 4.39 -14.56 4.16
CA LYS A 57 5.76 -14.19 4.56
C LYS A 57 6.18 -12.92 3.84
N PHE A 58 7.21 -12.26 4.35
CA PHE A 58 7.83 -11.12 3.67
C PHE A 58 8.70 -11.66 2.54
N LYS A 59 8.45 -11.17 1.32
CA LYS A 59 9.26 -11.43 0.15
C LYS A 59 10.52 -10.60 0.08
N GLU A 60 11.26 -10.88 -0.99
CA GLU A 60 12.35 -10.05 -1.48
C GLU A 60 11.75 -8.77 -2.09
N ASN A 61 12.60 -7.78 -2.37
CA ASN A 61 12.27 -6.61 -3.18
C ASN A 61 13.50 -6.30 -4.04
N THR A 62 13.34 -5.52 -5.11
CA THR A 62 14.39 -5.26 -6.09
C THR A 62 14.24 -3.87 -6.74
N SER A 63 13.35 -3.01 -6.23
CA SER A 63 12.95 -1.78 -6.87
C SER A 63 12.49 -0.81 -5.78
N TYR A 64 12.54 0.49 -6.04
CA TYR A 64 12.16 1.54 -5.09
C TYR A 64 11.04 2.41 -5.66
N LYS A 65 10.24 1.85 -6.56
CA LYS A 65 9.08 2.52 -7.14
C LYS A 65 8.00 1.56 -7.64
N GLU A 66 8.32 0.28 -7.87
CA GLU A 66 7.43 -0.61 -8.60
C GLU A 66 7.58 -2.05 -8.15
N PHE A 67 6.49 -2.82 -8.16
CA PHE A 67 6.54 -4.26 -7.85
C PHE A 67 5.45 -5.00 -8.61
N ASP A 68 5.84 -5.81 -9.60
CA ASP A 68 4.99 -6.79 -10.28
C ASP A 68 5.01 -8.08 -9.46
N GLY A 69 3.93 -8.32 -8.71
CA GLY A 69 3.75 -9.47 -7.84
C GLY A 69 2.71 -10.41 -8.43
N GLY A 70 2.84 -10.73 -9.72
CA GLY A 70 1.92 -11.59 -10.48
C GLY A 70 0.50 -11.05 -10.43
N TRP A 71 -0.31 -11.53 -9.47
CA TRP A 71 -1.68 -11.11 -9.20
C TRP A 71 -1.78 -9.73 -8.54
N TYR A 72 -0.70 -8.95 -8.55
CA TYR A 72 -0.55 -7.69 -7.86
C TYR A 72 0.37 -6.78 -8.69
N LEU A 73 0.14 -5.47 -8.69
CA LEU A 73 1.02 -4.52 -9.37
C LEU A 73 1.09 -3.20 -8.61
N VAL A 74 2.21 -2.88 -7.98
CA VAL A 74 2.42 -1.63 -7.26
C VAL A 74 3.21 -0.67 -8.13
N LYS A 75 2.81 0.62 -8.19
CA LYS A 75 3.47 1.65 -8.99
C LYS A 75 3.44 2.99 -8.25
N ILE A 76 4.60 3.63 -8.10
CA ILE A 76 4.82 4.96 -7.52
C ILE A 76 5.29 5.85 -8.68
N GLU A 77 4.50 6.83 -9.11
CA GLU A 77 4.93 7.93 -9.96
C GLU A 77 4.45 9.24 -9.32
N ASP A 78 5.29 10.27 -9.35
CA ASP A 78 5.22 11.53 -8.57
C ASP A 78 4.92 11.25 -7.10
N ASN A 79 3.64 11.15 -6.74
CA ASN A 79 3.15 10.92 -5.39
C ASN A 79 1.79 10.19 -5.35
N GLU A 80 1.24 9.79 -6.51
CA GLU A 80 0.09 8.91 -6.59
C GLU A 80 0.61 7.48 -6.65
N LEU A 81 0.69 6.83 -5.49
CA LEU A 81 0.94 5.41 -5.39
C LEU A 81 -0.37 4.69 -5.70
N LYS A 82 -0.34 3.59 -6.41
CA LYS A 82 -1.54 2.79 -6.69
C LYS A 82 -1.20 1.31 -6.71
N VAL A 83 -2.23 0.49 -6.66
CA VAL A 83 -2.12 -0.93 -6.91
C VAL A 83 -3.45 -1.46 -7.44
N ILE A 84 -3.38 -2.38 -8.41
CA ILE A 84 -4.48 -3.18 -8.88
C ILE A 84 -4.14 -4.64 -8.59
N ILE A 85 -5.17 -5.45 -8.37
CA ILE A 85 -5.10 -6.81 -7.85
C ILE A 85 -5.94 -7.69 -8.79
N ASN A 86 -5.38 -8.82 -9.22
CA ASN A 86 -5.98 -9.73 -10.21
C ASN A 86 -6.89 -10.74 -9.52
N ARG A 87 -7.74 -11.39 -10.33
CA ARG A 87 -8.65 -12.43 -9.86
C ARG A 87 -7.89 -13.68 -9.45
N ASN A 88 -8.25 -14.18 -8.28
CA ASN A 88 -7.68 -15.32 -7.59
C ASN A 88 -8.08 -16.63 -8.25
N GLU A 89 -7.13 -17.38 -8.82
CA GLU A 89 -7.47 -18.65 -9.46
C GLU A 89 -7.57 -19.82 -8.47
N THR A 90 -7.70 -19.56 -7.16
CA THR A 90 -7.78 -20.63 -6.18
C THR A 90 -8.93 -20.43 -5.19
N ASN A 91 -9.32 -21.54 -4.58
CA ASN A 91 -10.09 -21.64 -3.36
C ASN A 91 -9.36 -21.10 -2.12
N ALA A 92 -8.12 -20.61 -2.25
CA ALA A 92 -7.33 -20.14 -1.11
C ALA A 92 -7.36 -18.64 -1.07
N SER A 93 -7.95 -18.12 -0.02
CA SER A 93 -7.91 -16.72 0.36
C SER A 93 -6.48 -16.41 0.82
N ARG A 94 -6.05 -15.15 0.69
CA ARG A 94 -4.64 -14.78 0.68
C ARG A 94 -4.51 -13.31 1.08
N SER A 95 -3.30 -12.78 1.26
CA SER A 95 -3.11 -11.42 1.72
C SER A 95 -1.81 -10.84 1.18
N PHE A 96 -1.74 -9.51 1.20
CA PHE A 96 -0.60 -8.72 0.78
C PHE A 96 -0.24 -7.67 1.84
N THR A 97 0.87 -6.97 1.64
CA THR A 97 1.31 -5.86 2.49
C THR A 97 2.11 -4.90 1.62
N VAL A 98 1.76 -3.62 1.65
CA VAL A 98 2.48 -2.55 0.97
C VAL A 98 2.94 -1.62 2.09
N CYS A 99 4.25 -1.48 2.27
CA CYS A 99 4.82 -0.50 3.17
C CYS A 99 5.63 0.49 2.36
N VAL A 100 5.57 1.76 2.76
CA VAL A 100 6.49 2.77 2.24
C VAL A 100 7.12 3.53 3.42
N GLU A 101 8.26 4.16 3.14
CA GLU A 101 8.92 5.10 4.04
C GLU A 101 9.10 6.40 3.26
N ALA A 102 9.08 7.54 3.95
CA ALA A 102 8.99 8.85 3.33
C ALA A 102 9.68 9.89 4.21
N GLY A 103 10.87 10.33 3.81
CA GLY A 103 11.69 11.19 4.65
C GLY A 103 12.00 10.45 5.93
N ASN A 104 11.44 10.90 7.07
CA ASN A 104 11.54 10.22 8.35
C ASN A 104 10.26 9.48 8.76
N ALA A 105 9.14 9.74 8.08
CA ALA A 105 7.86 9.09 8.35
C ALA A 105 7.77 7.75 7.62
N PHE A 106 6.75 6.98 7.98
CA PHE A 106 6.37 5.73 7.35
C PHE A 106 4.85 5.69 7.32
N ASP A 107 4.28 4.86 6.45
CA ASP A 107 2.88 4.44 6.53
C ASP A 107 2.79 3.12 5.77
N GLU A 108 1.85 2.24 6.11
CA GLU A 108 1.70 0.98 5.41
C GLU A 108 0.24 0.52 5.43
N PHE A 109 -0.11 -0.33 4.46
CA PHE A 109 -1.46 -0.76 4.14
C PHE A 109 -1.47 -2.26 3.87
N LYS A 110 -2.01 -3.05 4.81
CA LYS A 110 -2.19 -4.48 4.62
C LYS A 110 -3.39 -4.73 3.71
N PHE A 111 -3.36 -5.80 2.93
CA PHE A 111 -4.44 -6.20 2.02
C PHE A 111 -4.83 -7.63 2.30
N VAL A 112 -6.06 -8.03 1.97
CA VAL A 112 -6.54 -9.40 2.06
C VAL A 112 -7.42 -9.65 0.83
N GLN A 113 -7.23 -10.76 0.11
CA GLN A 113 -8.07 -11.23 -0.99
C GLN A 113 -8.79 -12.51 -0.57
N ASP A 114 -10.09 -12.55 -0.83
CA ASP A 114 -10.97 -13.73 -0.66
C ASP A 114 -10.66 -14.82 -1.68
N ALA A 115 -11.35 -15.96 -1.55
CA ALA A 115 -11.20 -17.18 -2.32
C ALA A 115 -12.23 -17.28 -3.45
N ALA A 116 -11.84 -17.83 -4.60
CA ALA A 116 -12.71 -17.93 -5.77
C ALA A 116 -13.61 -19.16 -5.69
N LYS A 117 -14.91 -18.92 -5.54
CA LYS A 117 -15.93 -19.93 -5.25
C LYS A 117 -16.46 -20.56 -6.53
N GLN A 118 -15.58 -21.22 -7.29
CA GLN A 118 -15.88 -21.79 -8.59
C GLN A 118 -16.03 -23.30 -8.47
N GLY A 1 -3.56 23.51 28.56
CA GLY A 1 -2.22 23.11 28.96
C GLY A 1 -1.21 23.88 28.12
N CYS A 2 -0.12 23.22 27.75
CA CYS A 2 0.83 23.66 26.73
C CYS A 2 1.33 22.42 25.98
N GLU A 3 2.03 22.63 24.88
CA GLU A 3 2.72 21.59 24.12
C GLU A 3 4.13 22.10 23.80
N LEU A 4 5.01 21.21 23.35
CA LEU A 4 6.43 21.45 23.14
C LEU A 4 6.87 20.55 21.99
N SER A 5 7.40 21.14 20.91
CA SER A 5 7.99 20.44 19.78
C SER A 5 9.10 21.34 19.23
N ASP A 6 9.76 20.89 18.16
CA ASP A 6 10.41 21.83 17.23
C ASP A 6 9.31 22.69 16.57
N PRO A 7 9.67 23.83 15.95
CA PRO A 7 8.68 24.71 15.33
C PRO A 7 8.06 24.06 14.08
N ASP A 8 8.89 23.56 13.18
CA ASP A 8 8.49 22.88 11.95
C ASP A 8 9.37 21.66 11.65
N GLY A 9 10.42 21.44 12.46
CA GLY A 9 11.41 20.37 12.33
C GLY A 9 10.93 19.03 12.92
N LEU A 10 9.64 18.93 13.27
CA LEU A 10 8.94 17.68 13.51
C LEU A 10 8.81 16.94 12.17
N ALA A 11 8.32 15.70 12.19
CA ALA A 11 8.07 14.91 11.00
C ALA A 11 6.57 14.60 10.94
N ASP A 12 5.88 15.13 9.93
CA ASP A 12 4.44 14.92 9.73
C ASP A 12 4.23 13.77 8.73
N PRO A 13 3.17 12.96 8.90
CA PRO A 13 2.92 11.81 8.07
C PRO A 13 2.45 12.21 6.68
N MET A 14 2.56 11.26 5.74
CA MET A 14 1.98 11.39 4.42
C MET A 14 0.46 11.46 4.52
N LYS A 15 -0.16 12.18 3.59
CA LYS A 15 -1.60 12.34 3.50
C LYS A 15 -2.00 12.16 2.05
N TRP A 16 -3.23 11.71 1.80
CA TRP A 16 -3.61 11.15 0.51
C TRP A 16 -4.93 11.78 0.07
N SER A 17 -4.89 12.68 -0.91
CA SER A 17 -6.07 13.39 -1.39
C SER A 17 -6.90 12.60 -2.42
N LYS A 18 -6.57 11.33 -2.65
CA LYS A 18 -7.38 10.41 -3.43
C LYS A 18 -7.22 9.07 -2.71
N VAL A 19 -8.30 8.46 -2.19
CA VAL A 19 -8.27 7.15 -1.53
C VAL A 19 -9.63 6.45 -1.74
N PRO A 20 -9.67 5.10 -1.76
CA PRO A 20 -10.89 4.30 -1.86
C PRO A 20 -11.67 4.27 -0.54
N SER A 21 -12.96 3.96 -0.64
CA SER A 21 -13.85 3.78 0.51
C SER A 21 -13.72 2.39 1.12
N GLY A 22 -13.25 1.38 0.36
CA GLY A 22 -13.16 0.00 0.84
C GLY A 22 -12.08 -0.19 1.91
N LEU A 23 -11.16 0.77 2.02
CA LEU A 23 -10.20 0.92 3.10
C LEU A 23 -10.94 1.21 4.39
N LYS A 24 -10.63 0.42 5.42
CA LYS A 24 -11.02 0.67 6.79
C LYS A 24 -9.73 0.96 7.55
N ASN A 25 -9.50 2.23 7.88
CA ASN A 25 -8.33 2.79 8.60
C ASN A 25 -6.98 2.64 7.91
N GLY A 26 -6.79 1.63 7.06
CA GLY A 26 -5.57 1.31 6.32
C GLY A 26 -5.69 -0.07 5.67
N GLU A 27 -6.60 -0.91 6.16
CA GLU A 27 -6.78 -2.29 5.74
C GLU A 27 -7.90 -2.35 4.70
N LEU A 28 -7.64 -2.94 3.55
CA LEU A 28 -8.59 -3.08 2.46
C LEU A 28 -9.32 -4.43 2.59
N LYS A 29 -10.27 -4.68 1.70
CA LYS A 29 -10.74 -6.04 1.37
C LYS A 29 -10.60 -6.22 -0.14
N VAL A 30 -10.51 -7.46 -0.59
CA VAL A 30 -10.53 -7.94 -1.97
C VAL A 30 -11.24 -9.28 -1.93
N GLU A 31 -11.94 -9.57 -3.03
CA GLU A 31 -12.54 -10.88 -3.25
C GLU A 31 -11.70 -11.69 -4.21
N ALA A 32 -12.13 -12.91 -4.50
CA ALA A 32 -11.55 -13.85 -5.43
C ALA A 32 -11.60 -13.38 -6.89
N GLU A 33 -11.49 -12.06 -7.16
CA GLU A 33 -11.32 -11.47 -8.48
C GLU A 33 -10.20 -10.45 -8.39
N GLY A 34 -10.12 -9.68 -7.31
CA GLY A 34 -9.36 -8.45 -7.38
C GLY A 34 -10.00 -7.28 -6.65
N GLY A 35 -9.30 -6.16 -6.65
CA GLY A 35 -9.80 -4.85 -6.28
C GLY A 35 -8.75 -3.80 -6.59
N SER A 36 -9.17 -2.78 -7.34
CA SER A 36 -8.31 -1.91 -8.13
C SER A 36 -8.42 -0.48 -7.57
N SER A 37 -7.39 0.01 -6.90
CA SER A 37 -7.49 1.10 -5.93
C SER A 37 -6.45 2.18 -6.21
N LEU A 38 -6.80 3.47 -6.09
CA LEU A 38 -5.94 4.62 -6.34
C LEU A 38 -5.67 5.37 -5.03
N PHE A 39 -4.42 5.82 -4.86
CA PHE A 39 -3.91 6.49 -3.68
C PHE A 39 -3.01 7.65 -4.14
N ALA A 40 -3.51 8.89 -4.12
CA ALA A 40 -2.74 10.06 -4.56
C ALA A 40 -2.22 10.84 -3.36
N CYS A 41 -0.90 11.00 -3.25
CA CYS A 41 -0.22 11.61 -2.11
C CYS A 41 -0.04 13.11 -2.40
N LYS A 42 -0.78 14.01 -1.74
CA LYS A 42 -0.78 15.45 -2.10
C LYS A 42 0.23 16.28 -1.28
N ASN A 43 1.19 15.64 -0.63
CA ASN A 43 2.17 16.33 0.22
C ASN A 43 3.51 15.61 0.25
N TYR A 44 3.68 14.55 -0.54
CA TYR A 44 4.95 13.93 -0.90
C TYR A 44 4.81 13.48 -2.36
N LYS A 45 5.86 13.64 -3.18
CA LYS A 45 5.96 13.24 -4.59
C LYS A 45 7.30 12.50 -4.72
N SER A 46 7.58 11.65 -3.75
CA SER A 46 8.95 11.42 -3.32
C SER A 46 9.03 10.22 -2.38
N PHE A 47 8.41 9.11 -2.75
CA PHE A 47 8.35 7.89 -1.97
C PHE A 47 8.75 6.66 -2.79
N TRP A 48 8.88 5.49 -2.15
CA TRP A 48 9.25 4.23 -2.79
C TRP A 48 8.70 3.06 -1.99
N ILE A 49 8.82 1.88 -2.62
CA ILE A 49 8.42 0.59 -2.09
C ILE A 49 9.47 0.15 -1.08
N SER A 50 9.11 0.11 0.20
CA SER A 50 10.04 -0.17 1.29
C SER A 50 9.58 -1.33 2.18
N SER A 51 8.43 -1.96 1.91
CA SER A 51 8.21 -3.35 2.28
C SER A 51 7.18 -4.00 1.36
N VAL A 52 7.16 -5.34 1.36
CA VAL A 52 6.17 -6.17 0.71
C VAL A 52 5.95 -7.38 1.62
N LYS A 53 4.70 -7.75 1.94
CA LYS A 53 4.32 -9.09 2.43
C LYS A 53 3.44 -9.69 1.35
N GLU A 54 3.58 -10.99 1.09
CA GLU A 54 2.71 -11.71 0.17
C GLU A 54 2.28 -13.08 0.72
N GLU A 55 2.91 -13.55 1.78
CA GLU A 55 2.85 -14.96 2.20
C GLU A 55 3.09 -15.09 3.70
N GLY A 56 2.38 -14.25 4.45
CA GLY A 56 2.46 -14.14 5.90
C GLY A 56 3.78 -13.54 6.41
N LYS A 57 4.79 -13.34 5.56
CA LYS A 57 6.09 -12.78 5.90
C LYS A 57 6.55 -11.79 4.82
N PHE A 58 7.58 -11.01 5.12
CA PHE A 58 8.05 -9.91 4.28
C PHE A 58 9.10 -10.38 3.26
N LYS A 59 9.38 -9.57 2.24
CA LYS A 59 10.45 -9.82 1.28
C LYS A 59 11.27 -8.58 0.95
N GLU A 60 12.27 -8.78 0.12
CA GLU A 60 13.10 -7.73 -0.45
C GLU A 60 12.40 -7.23 -1.71
N ASN A 61 12.72 -6.01 -2.14
CA ASN A 61 12.15 -5.45 -3.35
C ASN A 61 13.25 -5.00 -4.28
N THR A 62 12.97 -5.07 -5.59
CA THR A 62 13.98 -4.96 -6.64
C THR A 62 13.85 -3.66 -7.44
N SER A 63 12.89 -2.80 -7.11
CA SER A 63 12.82 -1.44 -7.64
C SER A 63 12.27 -0.49 -6.57
N TYR A 64 12.54 0.81 -6.66
CA TYR A 64 12.07 1.79 -5.68
C TYR A 64 10.83 2.49 -6.21
N LYS A 65 10.01 1.78 -6.99
CA LYS A 65 8.83 2.30 -7.67
C LYS A 65 7.86 1.23 -8.16
N GLU A 66 8.22 -0.05 -8.13
CA GLU A 66 7.44 -1.11 -8.76
C GLU A 66 7.57 -2.38 -7.92
N PHE A 67 6.67 -3.32 -8.18
CA PHE A 67 6.79 -4.72 -7.84
C PHE A 67 5.78 -5.51 -8.66
N ASP A 68 6.10 -6.76 -8.96
CA ASP A 68 5.22 -7.75 -9.57
C ASP A 68 5.36 -9.03 -8.78
N GLY A 69 4.28 -9.44 -8.12
CA GLY A 69 4.18 -10.67 -7.35
C GLY A 69 3.47 -11.79 -8.11
N GLY A 70 3.28 -11.66 -9.43
CA GLY A 70 2.57 -12.62 -10.26
C GLY A 70 1.05 -12.48 -10.14
N TRP A 71 0.52 -12.23 -8.93
CA TRP A 71 -0.91 -12.02 -8.68
C TRP A 71 -1.24 -10.61 -8.15
N TYR A 72 -0.23 -9.75 -8.03
CA TYR A 72 -0.33 -8.44 -7.40
C TYR A 72 0.70 -7.54 -8.05
N LEU A 73 0.33 -6.30 -8.40
CA LEU A 73 1.13 -5.43 -9.28
C LEU A 73 1.16 -4.02 -8.69
N VAL A 74 2.36 -3.51 -8.40
CA VAL A 74 2.61 -2.19 -7.85
C VAL A 74 3.32 -1.34 -8.90
N LYS A 75 2.92 -0.07 -8.99
CA LYS A 75 3.62 0.99 -9.68
C LYS A 75 3.45 2.25 -8.84
N ILE A 76 4.41 3.15 -8.91
CA ILE A 76 4.35 4.51 -8.40
C ILE A 76 4.70 5.39 -9.59
N GLU A 77 3.85 6.36 -9.90
CA GLU A 77 4.05 7.32 -10.97
C GLU A 77 3.66 8.71 -10.48
N ASP A 78 4.64 9.62 -10.50
CA ASP A 78 4.57 11.04 -10.14
C ASP A 78 4.26 11.24 -8.66
N ASN A 79 3.05 10.87 -8.23
CA ASN A 79 2.57 10.86 -6.85
C ASN A 79 1.35 9.95 -6.63
N GLU A 80 0.93 9.19 -7.65
CA GLU A 80 -0.22 8.30 -7.57
C GLU A 80 0.30 6.87 -7.49
N LEU A 81 0.22 6.31 -6.29
CA LEU A 81 0.35 4.88 -6.05
C LEU A 81 -1.02 4.27 -6.33
N LYS A 82 -1.05 3.12 -6.99
CA LYS A 82 -2.29 2.40 -7.30
C LYS A 82 -1.98 0.94 -7.09
N VAL A 83 -2.97 0.15 -6.74
CA VAL A 83 -2.83 -1.28 -6.52
C VAL A 83 -3.84 -1.90 -7.47
N ILE A 84 -3.37 -2.74 -8.40
CA ILE A 84 -4.25 -3.68 -9.10
C ILE A 84 -3.83 -5.09 -8.67
N ILE A 85 -4.81 -5.90 -8.30
CA ILE A 85 -4.67 -7.29 -7.89
C ILE A 85 -5.24 -8.15 -9.04
N ASN A 86 -4.96 -9.44 -9.06
CA ASN A 86 -5.50 -10.38 -10.06
C ASN A 86 -6.45 -11.36 -9.39
N ARG A 87 -7.14 -12.17 -10.19
CA ARG A 87 -8.06 -13.18 -9.69
C ARG A 87 -7.27 -14.27 -8.97
N ASN A 88 -7.64 -14.50 -7.71
CA ASN A 88 -7.15 -15.63 -6.95
C ASN A 88 -7.77 -16.90 -7.51
N GLU A 89 -6.94 -17.75 -8.10
CA GLU A 89 -7.38 -18.93 -8.83
C GLU A 89 -7.29 -20.21 -8.01
N THR A 90 -6.97 -20.13 -6.71
CA THR A 90 -7.06 -21.29 -5.84
C THR A 90 -8.06 -21.07 -4.72
N ASN A 91 -8.38 -22.17 -4.06
CA ASN A 91 -9.28 -22.24 -2.93
C ASN A 91 -8.67 -21.76 -1.60
N ALA A 92 -7.47 -21.17 -1.57
CA ALA A 92 -6.86 -20.65 -0.35
C ALA A 92 -6.78 -19.12 -0.36
N SER A 93 -7.25 -18.48 0.70
CA SER A 93 -7.09 -17.07 0.97
C SER A 93 -5.64 -16.70 1.23
N ARG A 94 -5.37 -15.40 1.28
CA ARG A 94 -4.02 -14.86 1.23
C ARG A 94 -4.08 -13.37 1.56
N SER A 95 -3.02 -12.79 2.14
CA SER A 95 -3.04 -11.37 2.49
C SER A 95 -1.67 -10.70 2.37
N PHE A 96 -1.69 -9.61 1.61
CA PHE A 96 -0.57 -8.83 1.15
C PHE A 96 -0.32 -7.67 2.12
N THR A 97 0.82 -6.99 2.01
CA THR A 97 1.04 -5.68 2.61
C THR A 97 2.05 -4.93 1.74
N VAL A 98 1.92 -3.60 1.71
CA VAL A 98 2.86 -2.65 1.12
C VAL A 98 3.10 -1.59 2.20
N CYS A 99 4.35 -1.20 2.42
CA CYS A 99 4.69 0.02 3.18
C CYS A 99 5.52 0.89 2.26
N VAL A 100 5.25 2.19 2.27
CA VAL A 100 5.95 3.16 1.43
C VAL A 100 6.52 4.25 2.32
N GLU A 101 7.81 4.58 2.14
CA GLU A 101 8.49 5.62 2.91
C GLU A 101 8.78 6.79 1.96
N ALA A 102 8.62 8.02 2.46
CA ALA A 102 8.76 9.30 1.79
C ALA A 102 9.85 10.16 2.44
N GLY A 103 10.89 9.54 3.01
CA GLY A 103 11.93 10.23 3.72
C GLY A 103 11.50 10.43 5.17
N ASN A 104 10.68 11.46 5.43
CA ASN A 104 10.32 11.84 6.79
C ASN A 104 9.10 11.08 7.32
N ALA A 105 8.41 10.31 6.47
CA ALA A 105 7.12 9.69 6.77
C ALA A 105 6.99 8.35 6.07
N PHE A 106 6.00 7.55 6.47
CA PHE A 106 5.58 6.35 5.76
C PHE A 106 4.12 6.04 6.07
N ASP A 107 3.51 5.14 5.31
CA ASP A 107 2.18 4.59 5.57
C ASP A 107 2.19 3.14 5.08
N GLU A 108 1.44 2.27 5.77
CA GLU A 108 1.41 0.83 5.49
C GLU A 108 -0.03 0.42 5.22
N PHE A 109 -0.23 -0.43 4.23
CA PHE A 109 -1.56 -0.82 3.74
C PHE A 109 -1.68 -2.32 3.63
N LYS A 110 -2.45 -2.92 4.52
CA LYS A 110 -2.79 -4.33 4.44
C LYS A 110 -3.82 -4.53 3.34
N PHE A 111 -3.56 -5.50 2.47
CA PHE A 111 -4.54 -6.04 1.54
C PHE A 111 -4.77 -7.50 1.95
N VAL A 112 -5.97 -8.01 1.73
CA VAL A 112 -6.38 -9.38 2.01
C VAL A 112 -7.30 -9.79 0.86
N GLN A 113 -6.99 -10.92 0.23
CA GLN A 113 -7.77 -11.50 -0.87
C GLN A 113 -8.34 -12.85 -0.45
N ASP A 114 -9.65 -12.99 -0.66
CA ASP A 114 -10.34 -14.26 -0.37
C ASP A 114 -9.98 -15.36 -1.37
N ALA A 115 -10.35 -16.60 -1.00
CA ALA A 115 -10.24 -17.80 -1.82
C ALA A 115 -11.31 -17.83 -2.91
N ALA A 116 -11.01 -18.53 -4.01
CA ALA A 116 -12.00 -19.00 -4.95
C ALA A 116 -12.87 -20.08 -4.34
N LYS A 117 -14.08 -20.21 -4.88
CA LYS A 117 -14.98 -21.32 -4.60
C LYS A 117 -15.36 -21.95 -5.93
N GLN A 118 -14.36 -22.57 -6.55
CA GLN A 118 -14.43 -23.22 -7.84
C GLN A 118 -13.68 -24.53 -7.64
N GLY A 1 4.98 35.37 15.15
CA GLY A 1 4.65 34.18 14.35
C GLY A 1 5.77 33.17 14.50
N CYS A 2 5.64 32.04 13.83
CA CYS A 2 6.72 31.16 13.44
C CYS A 2 6.25 30.48 12.16
N GLU A 3 7.18 30.07 11.32
CA GLU A 3 6.92 29.55 9.99
C GLU A 3 8.04 28.57 9.67
N LEU A 4 7.75 27.61 8.79
CA LEU A 4 8.69 26.60 8.29
C LEU A 4 9.42 25.87 9.43
N SER A 5 8.69 25.33 10.41
CA SER A 5 9.27 24.56 11.51
C SER A 5 8.72 23.13 11.54
N ASP A 6 9.43 22.25 12.25
CA ASP A 6 8.85 21.05 12.85
C ASP A 6 8.18 21.44 14.16
N PRO A 7 7.20 20.66 14.67
CA PRO A 7 6.51 21.03 15.90
C PRO A 7 7.39 20.81 17.13
N ASP A 8 7.89 19.59 17.35
CA ASP A 8 8.75 19.21 18.48
C ASP A 8 9.54 17.92 18.15
N GLY A 9 9.73 17.64 16.86
CA GLY A 9 10.49 16.51 16.36
C GLY A 9 9.77 15.21 16.62
N LEU A 10 8.48 15.13 16.23
CA LEU A 10 7.67 13.95 16.30
C LEU A 10 7.27 13.52 14.90
N ALA A 11 6.89 12.25 14.84
CA ALA A 11 6.42 11.53 13.69
C ALA A 11 4.91 11.70 13.67
N ASP A 12 4.38 12.51 12.75
CA ASP A 12 2.99 12.52 12.44
C ASP A 12 2.68 11.41 11.43
N PRO A 13 1.53 10.76 11.56
CA PRO A 13 1.17 9.67 10.67
C PRO A 13 0.63 10.18 9.33
N MET A 14 0.91 9.37 8.33
CA MET A 14 0.75 9.68 6.92
C MET A 14 -0.73 9.65 6.59
N LYS A 15 -1.24 10.68 5.93
CA LYS A 15 -2.67 10.81 5.67
C LYS A 15 -2.97 11.05 4.19
N TRP A 16 -4.07 10.45 3.75
CA TRP A 16 -4.28 10.07 2.38
C TRP A 16 -5.64 10.60 1.95
N SER A 17 -5.65 11.63 1.12
CA SER A 17 -6.88 12.30 0.70
C SER A 17 -7.58 11.66 -0.52
N LYS A 18 -7.07 10.53 -1.03
CA LYS A 18 -7.52 9.95 -2.31
C LYS A 18 -7.72 8.45 -2.20
N VAL A 19 -7.98 7.98 -1.00
CA VAL A 19 -8.09 6.55 -0.71
C VAL A 19 -9.26 5.92 -1.49
N PRO A 20 -9.19 4.61 -1.80
CA PRO A 20 -10.26 3.88 -2.47
C PRO A 20 -11.40 3.55 -1.52
N SER A 21 -12.52 3.12 -2.08
CA SER A 21 -13.73 2.82 -1.33
C SER A 21 -13.58 1.57 -0.46
N GLY A 22 -12.84 0.56 -0.92
CA GLY A 22 -12.72 -0.72 -0.23
C GLY A 22 -11.88 -0.63 1.04
N LEU A 23 -11.06 0.42 1.20
CA LEU A 23 -10.34 0.74 2.44
C LEU A 23 -11.29 0.78 3.63
N LYS A 24 -10.95 -0.01 4.66
CA LYS A 24 -11.47 0.06 6.01
C LYS A 24 -10.28 0.05 6.95
N ASN A 25 -9.97 1.19 7.56
CA ASN A 25 -8.87 1.38 8.53
C ASN A 25 -7.46 1.08 7.99
N GLY A 26 -7.31 0.93 6.68
CA GLY A 26 -6.05 0.54 6.03
C GLY A 26 -6.07 -0.90 5.53
N GLU A 27 -7.04 -1.71 5.98
CA GLU A 27 -7.29 -3.04 5.47
C GLU A 27 -8.18 -2.91 4.22
N LEU A 28 -7.90 -3.66 3.15
CA LEU A 28 -8.68 -3.62 1.92
C LEU A 28 -9.17 -5.03 1.63
N LYS A 29 -10.50 -5.20 1.67
CA LYS A 29 -11.10 -6.47 1.32
C LYS A 29 -11.14 -6.56 -0.19
N VAL A 30 -10.40 -7.51 -0.74
CA VAL A 30 -10.33 -7.75 -2.17
C VAL A 30 -11.04 -9.07 -2.41
N GLU A 31 -11.86 -9.11 -3.45
CA GLU A 31 -12.51 -10.34 -3.82
C GLU A 31 -11.57 -11.15 -4.71
N ALA A 32 -12.01 -12.34 -5.11
CA ALA A 32 -11.24 -13.25 -5.94
C ALA A 32 -10.86 -12.68 -7.31
N GLU A 33 -11.45 -11.58 -7.77
CA GLU A 33 -11.26 -10.99 -9.10
C GLU A 33 -10.19 -9.92 -9.06
N GLY A 34 -10.01 -9.33 -7.89
CA GLY A 34 -9.13 -8.22 -7.68
C GLY A 34 -9.81 -6.92 -8.14
N GLY A 35 -9.05 -5.85 -8.03
CA GLY A 35 -9.35 -4.54 -8.58
C GLY A 35 -8.11 -3.65 -8.59
N SER A 36 -8.25 -2.43 -9.10
CA SER A 36 -7.23 -1.38 -9.01
C SER A 36 -7.47 -0.52 -7.77
N SER A 37 -6.48 0.30 -7.38
CA SER A 37 -6.65 1.38 -6.42
C SER A 37 -5.59 2.46 -6.61
N LEU A 38 -6.04 3.71 -6.50
CA LEU A 38 -5.24 4.91 -6.32
C LEU A 38 -5.16 5.21 -4.82
N PHE A 39 -4.03 5.76 -4.37
CA PHE A 39 -3.86 6.43 -3.09
C PHE A 39 -3.00 7.66 -3.37
N ALA A 40 -3.25 8.77 -2.68
CA ALA A 40 -2.42 9.97 -2.75
C ALA A 40 -2.23 10.47 -1.34
N CYS A 41 -0.98 10.64 -0.91
CA CYS A 41 -0.71 11.17 0.41
C CYS A 41 -0.81 12.69 0.30
N LYS A 42 -1.69 13.31 1.07
CA LYS A 42 -1.77 14.77 1.16
C LYS A 42 -0.99 15.21 2.41
N ASN A 43 0.11 14.53 2.70
CA ASN A 43 0.91 14.81 3.89
C ASN A 43 2.39 14.52 3.74
N TYR A 44 2.75 13.56 2.89
CA TYR A 44 4.13 13.24 2.56
C TYR A 44 4.27 13.15 1.04
N LYS A 45 5.45 13.49 0.52
CA LYS A 45 5.75 13.55 -0.92
C LYS A 45 7.12 12.91 -1.22
N SER A 46 7.53 12.06 -0.29
CA SER A 46 8.88 11.51 -0.24
C SER A 46 8.82 10.13 0.36
N PHE A 47 8.44 9.09 -0.40
CA PHE A 47 8.24 7.74 0.13
C PHE A 47 8.58 6.65 -0.89
N TRP A 48 8.77 5.41 -0.40
CA TRP A 48 9.26 4.29 -1.19
C TRP A 48 8.82 2.92 -0.66
N ILE A 49 9.14 1.86 -1.42
CA ILE A 49 8.72 0.48 -1.17
C ILE A 49 9.77 -0.33 -0.39
N SER A 50 9.71 -0.29 0.92
CA SER A 50 10.51 -1.19 1.72
C SER A 50 9.90 -2.59 1.72
N SER A 51 8.75 -2.77 2.39
CA SER A 51 8.23 -4.10 2.62
C SER A 51 7.15 -4.41 1.59
N VAL A 52 7.09 -5.68 1.21
CA VAL A 52 5.95 -6.31 0.59
C VAL A 52 5.87 -7.68 1.24
N LYS A 53 4.67 -8.08 1.69
CA LYS A 53 4.35 -9.47 2.00
C LYS A 53 3.39 -9.93 0.93
N GLU A 54 3.55 -11.17 0.49
CA GLU A 54 2.73 -11.79 -0.57
C GLU A 54 2.23 -13.18 -0.17
N GLU A 55 2.79 -13.77 0.89
CA GLU A 55 2.63 -15.21 1.14
C GLU A 55 2.70 -15.52 2.64
N GLY A 56 2.23 -14.60 3.48
CA GLY A 56 2.35 -14.76 4.92
C GLY A 56 3.71 -14.31 5.45
N LYS A 57 4.69 -14.08 4.58
CA LYS A 57 6.02 -13.58 4.92
C LYS A 57 6.38 -12.43 4.00
N PHE A 58 7.25 -11.55 4.47
CA PHE A 58 7.77 -10.40 3.73
C PHE A 58 8.98 -10.81 2.88
N LYS A 59 9.40 -9.96 1.95
CA LYS A 59 10.47 -10.21 0.98
C LYS A 59 11.47 -9.04 0.96
N GLU A 60 12.19 -8.90 -0.16
CA GLU A 60 13.20 -7.90 -0.46
C GLU A 60 12.74 -7.17 -1.73
N ASN A 61 13.18 -5.92 -1.96
CA ASN A 61 12.58 -5.06 -2.99
C ASN A 61 13.63 -4.44 -3.91
N THR A 62 13.77 -4.97 -5.12
CA THR A 62 14.76 -4.56 -6.13
C THR A 62 14.39 -3.23 -6.83
N SER A 63 13.52 -2.40 -6.25
CA SER A 63 13.29 -1.00 -6.63
C SER A 63 12.66 -0.27 -5.43
N TYR A 64 12.70 1.07 -5.43
CA TYR A 64 12.22 1.92 -4.32
C TYR A 64 11.00 2.76 -4.72
N LYS A 65 10.23 2.30 -5.72
CA LYS A 65 9.08 3.04 -6.26
C LYS A 65 8.07 2.10 -6.92
N GLU A 66 8.57 1.06 -7.57
CA GLU A 66 7.78 0.07 -8.28
C GLU A 66 8.02 -1.26 -7.60
N PHE A 67 7.08 -2.17 -7.79
CA PHE A 67 7.21 -3.56 -7.43
C PHE A 67 6.22 -4.34 -8.28
N ASP A 68 6.59 -5.52 -8.72
CA ASP A 68 5.78 -6.43 -9.53
C ASP A 68 5.91 -7.81 -8.90
N GLY A 69 4.85 -8.24 -8.23
CA GLY A 69 4.74 -9.54 -7.60
C GLY A 69 3.90 -10.50 -8.44
N GLY A 70 3.67 -10.22 -9.72
CA GLY A 70 2.87 -11.05 -10.59
C GLY A 70 1.41 -10.67 -10.42
N TRP A 71 0.72 -11.18 -9.41
CA TRP A 71 -0.70 -10.89 -9.17
C TRP A 71 -0.89 -9.59 -8.39
N TYR A 72 0.13 -8.75 -8.28
CA TYR A 72 0.11 -7.55 -7.47
C TYR A 72 1.17 -6.63 -8.06
N LEU A 73 0.81 -5.38 -8.39
CA LEU A 73 1.68 -4.48 -9.15
C LEU A 73 1.56 -3.08 -8.56
N VAL A 74 2.69 -2.42 -8.26
CA VAL A 74 2.78 -1.15 -7.53
C VAL A 74 3.57 -0.16 -8.35
N LYS A 75 3.16 1.10 -8.33
CA LYS A 75 3.90 2.26 -8.80
C LYS A 75 3.75 3.36 -7.76
N ILE A 76 4.75 4.23 -7.65
CA ILE A 76 4.74 5.46 -6.86
C ILE A 76 5.15 6.56 -7.83
N GLU A 77 4.20 7.38 -8.25
CA GLU A 77 4.44 8.50 -9.14
C GLU A 77 4.32 9.76 -8.28
N ASP A 78 5.48 10.22 -7.82
CA ASP A 78 5.73 11.37 -6.97
C ASP A 78 5.14 11.13 -5.59
N ASN A 79 3.82 11.24 -5.44
CA ASN A 79 3.09 10.94 -4.22
C ASN A 79 1.79 10.16 -4.44
N GLU A 80 1.51 9.70 -5.66
CA GLU A 80 0.39 8.83 -5.96
C GLU A 80 0.91 7.40 -5.99
N LEU A 81 0.65 6.66 -4.91
CA LEU A 81 0.82 5.22 -4.83
C LEU A 81 -0.38 4.60 -5.55
N LYS A 82 -0.16 3.70 -6.51
CA LYS A 82 -1.24 2.97 -7.15
C LYS A 82 -0.89 1.51 -7.06
N VAL A 83 -1.80 0.65 -6.59
CA VAL A 83 -1.60 -0.80 -6.62
C VAL A 83 -2.74 -1.37 -7.45
N ILE A 84 -2.45 -2.38 -8.28
CA ILE A 84 -3.48 -3.21 -8.87
C ILE A 84 -3.23 -4.63 -8.36
N ILE A 85 -4.29 -5.42 -8.20
CA ILE A 85 -4.26 -6.80 -7.72
C ILE A 85 -5.04 -7.65 -8.71
N ASN A 86 -4.40 -8.69 -9.23
CA ASN A 86 -4.96 -9.55 -10.27
C ASN A 86 -5.89 -10.60 -9.66
N ARG A 87 -6.64 -11.26 -10.54
CA ARG A 87 -7.63 -12.27 -10.23
C ARG A 87 -6.97 -13.56 -9.76
N ASN A 88 -7.55 -14.17 -8.75
CA ASN A 88 -7.17 -15.42 -8.14
C ASN A 88 -7.64 -16.58 -9.00
N GLU A 89 -6.71 -17.38 -9.52
CA GLU A 89 -7.02 -18.57 -10.31
C GLU A 89 -6.84 -19.84 -9.48
N THR A 90 -6.96 -19.73 -8.17
CA THR A 90 -6.97 -20.87 -7.26
C THR A 90 -8.14 -20.77 -6.26
N ASN A 91 -8.50 -21.94 -5.75
CA ASN A 91 -9.51 -22.22 -4.76
C ASN A 91 -9.14 -21.78 -3.33
N ALA A 92 -8.00 -21.12 -3.13
CA ALA A 92 -7.51 -20.74 -1.81
C ALA A 92 -7.33 -19.23 -1.74
N SER A 93 -7.76 -18.62 -0.65
CA SER A 93 -7.53 -17.23 -0.34
C SER A 93 -6.10 -16.93 0.04
N ARG A 94 -5.74 -15.66 -0.12
CA ARG A 94 -4.36 -15.19 -0.06
C ARG A 94 -4.33 -13.77 0.53
N SER A 95 -3.18 -13.21 0.88
CA SER A 95 -3.14 -11.85 1.44
C SER A 95 -1.81 -11.19 1.19
N PHE A 96 -1.81 -9.86 1.16
CA PHE A 96 -0.67 -9.02 0.86
C PHE A 96 -0.46 -8.02 2.00
N THR A 97 0.66 -7.32 2.01
CA THR A 97 0.86 -6.13 2.82
C THR A 97 1.87 -5.26 2.09
N VAL A 98 1.69 -3.94 2.14
CA VAL A 98 2.59 -2.97 1.53
C VAL A 98 2.73 -1.80 2.51
N CYS A 99 3.95 -1.49 2.95
CA CYS A 99 4.21 -0.24 3.67
C CYS A 99 4.97 0.73 2.78
N VAL A 100 4.84 2.01 3.06
CA VAL A 100 5.63 3.05 2.45
C VAL A 100 6.16 3.96 3.57
N GLU A 101 7.46 3.93 3.88
CA GLU A 101 8.03 4.90 4.83
C GLU A 101 8.35 6.22 4.14
N ALA A 102 8.38 7.28 4.94
CA ALA A 102 8.51 8.68 4.56
C ALA A 102 9.38 9.46 5.58
N GLY A 103 10.46 8.84 6.07
CA GLY A 103 11.45 9.47 6.92
C GLY A 103 11.15 9.11 8.37
N ASN A 104 10.32 9.91 9.04
CA ASN A 104 9.79 9.67 10.37
C ASN A 104 8.32 9.30 10.30
N ALA A 105 7.89 8.51 9.31
CA ALA A 105 6.57 7.94 9.29
C ALA A 105 6.58 6.74 8.36
N PHE A 106 5.62 5.84 8.55
CA PHE A 106 5.27 4.80 7.61
C PHE A 106 3.78 4.56 7.75
N ASP A 107 3.17 4.04 6.69
CA ASP A 107 1.77 3.65 6.65
C ASP A 107 1.75 2.33 5.89
N GLU A 108 1.03 1.34 6.41
CA GLU A 108 1.07 -0.04 5.94
C GLU A 108 -0.35 -0.53 5.70
N PHE A 109 -0.66 -0.82 4.42
CA PHE A 109 -1.98 -1.22 3.97
C PHE A 109 -2.07 -2.75 4.00
N LYS A 110 -3.15 -3.29 4.58
CA LYS A 110 -3.32 -4.72 4.81
C LYS A 110 -4.30 -5.33 3.81
N PHE A 111 -3.77 -5.94 2.76
CA PHE A 111 -4.57 -6.50 1.68
C PHE A 111 -4.90 -7.95 1.98
N VAL A 112 -6.06 -8.42 1.51
CA VAL A 112 -6.52 -9.78 1.72
C VAL A 112 -7.41 -10.11 0.51
N GLN A 113 -7.08 -11.16 -0.26
CA GLN A 113 -7.83 -11.61 -1.43
C GLN A 113 -8.54 -12.93 -1.14
N ASP A 114 -9.83 -13.00 -1.47
CA ASP A 114 -10.64 -14.21 -1.36
C ASP A 114 -10.19 -15.34 -2.31
N ALA A 115 -10.67 -16.56 -2.03
CA ALA A 115 -10.56 -17.73 -2.91
C ALA A 115 -11.51 -17.57 -4.09
N ALA A 116 -11.12 -18.09 -5.25
CA ALA A 116 -11.99 -18.14 -6.41
C ALA A 116 -12.73 -19.46 -6.38
N LYS A 117 -14.06 -19.41 -6.35
CA LYS A 117 -14.91 -20.57 -6.38
C LYS A 117 -15.16 -20.89 -7.85
N GLN A 118 -14.17 -21.50 -8.50
CA GLN A 118 -14.17 -21.82 -9.93
C GLN A 118 -14.86 -23.17 -10.10
N GLY A 1 -0.76 18.49 28.82
CA GLY A 1 0.04 19.47 28.08
C GLY A 1 1.43 18.89 27.84
N CYS A 2 2.33 19.67 27.24
CA CYS A 2 3.73 19.31 27.18
C CYS A 2 4.57 20.57 27.00
N GLU A 3 5.81 20.51 27.45
CA GLU A 3 6.81 21.56 27.30
C GLU A 3 8.04 20.86 26.74
N LEU A 4 8.20 20.95 25.42
CA LEU A 4 9.26 20.33 24.62
C LEU A 4 9.64 21.32 23.54
N SER A 5 10.87 21.22 23.03
CA SER A 5 11.47 22.16 22.10
C SER A 5 11.10 21.86 20.63
N ASP A 6 9.94 21.26 20.36
CA ASP A 6 9.60 20.58 19.11
C ASP A 6 8.31 21.07 18.46
N PRO A 7 8.24 22.35 18.03
CA PRO A 7 7.10 22.88 17.31
C PRO A 7 6.94 22.21 15.94
N ASP A 8 8.05 22.05 15.22
CA ASP A 8 8.09 21.44 13.89
C ASP A 8 9.29 20.50 13.88
N GLY A 9 9.24 19.50 14.77
CA GLY A 9 10.26 18.47 14.93
C GLY A 9 9.72 17.07 14.66
N LEU A 10 8.48 16.96 14.19
CA LEU A 10 7.76 15.74 13.94
C LEU A 10 7.55 15.55 12.42
N ALA A 11 6.75 14.56 12.03
CA ALA A 11 6.71 13.99 10.69
C ALA A 11 5.26 13.70 10.33
N ASP A 12 4.62 14.65 9.64
CA ASP A 12 3.18 14.60 9.35
C ASP A 12 2.87 13.56 8.28
N PRO A 13 1.69 12.89 8.32
CA PRO A 13 1.38 11.82 7.41
C PRO A 13 1.19 12.32 5.98
N MET A 14 1.18 11.36 5.06
CA MET A 14 0.86 11.64 3.67
C MET A 14 -0.65 11.86 3.58
N LYS A 15 -1.10 12.52 2.52
CA LYS A 15 -2.49 12.78 2.22
C LYS A 15 -2.73 12.34 0.81
N TRP A 16 -3.88 11.73 0.55
CA TRP A 16 -4.18 11.15 -0.74
C TRP A 16 -5.56 11.64 -1.18
N SER A 17 -5.60 12.53 -2.16
CA SER A 17 -6.85 13.14 -2.65
C SER A 17 -7.54 12.27 -3.69
N LYS A 18 -7.14 11.02 -3.83
CA LYS A 18 -7.73 10.01 -4.71
C LYS A 18 -7.40 8.71 -3.99
N VAL A 19 -8.40 8.00 -3.48
CA VAL A 19 -8.27 6.75 -2.71
C VAL A 19 -9.46 5.86 -3.05
N PRO A 20 -9.40 4.56 -2.72
CA PRO A 20 -10.52 3.62 -2.85
C PRO A 20 -11.32 3.52 -1.54
N SER A 21 -12.65 3.39 -1.64
CA SER A 21 -13.54 3.16 -0.51
C SER A 21 -13.20 1.88 0.25
N GLY A 22 -12.58 0.90 -0.43
CA GLY A 22 -12.15 -0.36 0.16
C GLY A 22 -11.24 -0.14 1.35
N LEU A 23 -10.50 0.98 1.40
CA LEU A 23 -9.75 1.40 2.58
C LEU A 23 -10.69 1.69 3.73
N LYS A 24 -10.44 0.99 4.84
CA LYS A 24 -11.13 1.17 6.10
C LYS A 24 -10.07 1.00 7.17
N ASN A 25 -9.74 2.06 7.91
CA ASN A 25 -8.72 2.06 8.96
C ASN A 25 -7.36 1.51 8.47
N GLY A 26 -7.05 1.62 7.18
CA GLY A 26 -5.79 1.18 6.59
C GLY A 26 -5.74 -0.30 6.21
N GLU A 27 -6.80 -1.07 6.45
CA GLU A 27 -6.99 -2.36 5.79
C GLU A 27 -7.75 -2.06 4.49
N LEU A 28 -7.57 -2.91 3.48
CA LEU A 28 -8.33 -2.94 2.24
C LEU A 28 -8.79 -4.36 2.06
N LYS A 29 -10.10 -4.55 2.12
CA LYS A 29 -10.72 -5.84 1.97
C LYS A 29 -11.03 -6.06 0.49
N VAL A 30 -10.61 -7.20 -0.04
CA VAL A 30 -10.74 -7.56 -1.45
C VAL A 30 -11.22 -9.00 -1.52
N GLU A 31 -12.11 -9.26 -2.46
CA GLU A 31 -12.58 -10.61 -2.74
C GLU A 31 -11.59 -11.34 -3.66
N ALA A 32 -11.83 -12.62 -3.88
CA ALA A 32 -10.94 -13.51 -4.59
C ALA A 32 -10.72 -13.19 -6.07
N GLU A 33 -11.39 -12.18 -6.64
CA GLU A 33 -11.25 -11.73 -8.03
C GLU A 33 -10.05 -10.80 -8.19
N GLY A 34 -9.83 -10.02 -7.14
CA GLY A 34 -9.17 -8.75 -7.07
C GLY A 34 -9.50 -7.72 -8.15
N GLY A 35 -9.30 -6.46 -7.79
CA GLY A 35 -9.55 -5.29 -8.60
C GLY A 35 -8.41 -4.28 -8.51
N SER A 36 -8.62 -3.06 -8.97
CA SER A 36 -7.61 -2.02 -9.08
C SER A 36 -7.95 -0.83 -8.19
N SER A 37 -6.93 -0.10 -7.73
CA SER A 37 -7.13 1.08 -6.88
C SER A 37 -6.03 2.10 -7.17
N LEU A 38 -6.33 3.38 -6.89
CA LEU A 38 -5.43 4.52 -7.08
C LEU A 38 -5.38 5.28 -5.76
N PHE A 39 -4.17 5.65 -5.38
CA PHE A 39 -3.77 6.43 -4.23
C PHE A 39 -2.93 7.58 -4.81
N ALA A 40 -3.55 8.74 -5.07
CA ALA A 40 -2.86 9.90 -5.60
C ALA A 40 -2.47 10.80 -4.44
N CYS A 41 -1.20 10.75 -4.01
CA CYS A 41 -0.74 11.49 -2.85
C CYS A 41 -0.76 12.97 -3.20
N LYS A 42 -1.51 13.81 -2.47
CA LYS A 42 -1.60 15.20 -2.88
C LYS A 42 -0.40 16.02 -2.39
N ASN A 43 0.29 15.57 -1.34
CA ASN A 43 1.22 16.37 -0.56
C ASN A 43 2.62 15.78 -0.54
N TYR A 44 2.87 14.67 -1.23
CA TYR A 44 4.18 14.11 -1.46
C TYR A 44 4.19 13.57 -2.89
N LYS A 45 5.29 13.72 -3.62
CA LYS A 45 5.46 13.30 -5.02
C LYS A 45 6.76 12.54 -5.27
N SER A 46 7.48 12.27 -4.20
CA SER A 46 8.79 11.67 -4.18
C SER A 46 8.78 10.60 -3.09
N PHE A 47 8.29 9.41 -3.44
CA PHE A 47 8.21 8.26 -2.56
C PHE A 47 8.42 6.98 -3.37
N TRP A 48 8.70 5.88 -2.67
CA TRP A 48 9.03 4.58 -3.26
C TRP A 48 8.52 3.48 -2.35
N ILE A 49 8.46 2.28 -2.95
CA ILE A 49 8.13 1.03 -2.33
C ILE A 49 9.32 0.70 -1.43
N SER A 50 9.08 0.54 -0.13
CA SER A 50 10.16 0.34 0.84
C SER A 50 9.94 -0.91 1.69
N SER A 51 8.73 -1.48 1.77
CA SER A 51 8.54 -2.85 2.23
C SER A 51 7.31 -3.48 1.58
N VAL A 52 7.25 -4.81 1.57
CA VAL A 52 6.15 -5.60 1.05
C VAL A 52 6.06 -6.93 1.83
N LYS A 53 4.86 -7.52 1.88
CA LYS A 53 4.65 -8.92 2.25
C LYS A 53 3.57 -9.47 1.34
N GLU A 54 3.46 -10.79 1.22
CA GLU A 54 2.45 -11.48 0.39
C GLU A 54 1.89 -12.74 1.08
N GLU A 55 2.52 -13.14 2.17
CA GLU A 55 2.34 -14.38 2.93
C GLU A 55 2.32 -14.13 4.43
N GLY A 56 2.45 -12.87 4.86
CA GLY A 56 2.41 -12.46 6.26
C GLY A 56 3.79 -12.18 6.86
N LYS A 57 4.88 -12.31 6.10
CA LYS A 57 6.27 -12.06 6.54
C LYS A 57 7.01 -11.21 5.50
N PHE A 58 8.12 -10.61 5.84
CA PHE A 58 8.80 -9.72 4.90
C PHE A 58 9.58 -10.54 3.88
N LYS A 59 9.80 -9.93 2.72
CA LYS A 59 10.72 -10.37 1.67
C LYS A 59 11.71 -9.23 1.41
N GLU A 60 12.34 -9.29 0.25
CA GLU A 60 13.27 -8.30 -0.26
C GLU A 60 12.48 -7.21 -1.02
N ASN A 61 13.14 -6.15 -1.48
CA ASN A 61 12.65 -5.23 -2.50
C ASN A 61 13.55 -5.46 -3.72
N THR A 62 13.10 -5.06 -4.90
CA THR A 62 13.88 -5.26 -6.11
C THR A 62 13.71 -4.08 -7.08
N SER A 63 12.87 -3.11 -6.73
CA SER A 63 12.39 -2.04 -7.60
C SER A 63 11.66 -1.05 -6.70
N TYR A 64 11.89 0.24 -6.90
CA TYR A 64 11.42 1.27 -5.99
C TYR A 64 10.05 1.84 -6.37
N LYS A 65 9.52 1.43 -7.51
CA LYS A 65 8.43 2.11 -8.20
C LYS A 65 7.50 1.11 -8.86
N GLU A 66 7.83 -0.17 -8.85
CA GLU A 66 6.93 -1.24 -9.23
C GLU A 66 7.18 -2.38 -8.24
N PHE A 67 6.17 -3.21 -7.98
CA PHE A 67 6.35 -4.54 -7.44
C PHE A 67 5.37 -5.43 -8.17
N ASP A 68 5.89 -6.24 -9.09
CA ASP A 68 5.20 -7.27 -9.82
C ASP A 68 5.24 -8.54 -8.98
N GLY A 69 4.17 -8.82 -8.22
CA GLY A 69 4.08 -9.93 -7.29
C GLY A 69 3.37 -11.16 -7.87
N GLY A 70 3.05 -11.15 -9.16
CA GLY A 70 2.37 -12.23 -9.85
C GLY A 70 0.88 -12.03 -9.75
N TRP A 71 0.30 -12.40 -8.60
CA TRP A 71 -1.13 -12.23 -8.37
C TRP A 71 -1.51 -10.79 -7.95
N TYR A 72 -0.52 -9.91 -7.87
CA TYR A 72 -0.63 -8.56 -7.36
C TYR A 72 0.38 -7.73 -8.14
N LEU A 73 0.09 -6.44 -8.32
CA LEU A 73 0.94 -5.51 -9.07
C LEU A 73 0.84 -4.16 -8.39
N VAL A 74 1.97 -3.47 -8.27
CA VAL A 74 2.10 -2.14 -7.72
C VAL A 74 2.86 -1.29 -8.74
N LYS A 75 2.45 -0.03 -8.93
CA LYS A 75 3.12 0.95 -9.77
C LYS A 75 2.98 2.31 -9.12
N ILE A 76 4.08 3.05 -8.97
CA ILE A 76 4.10 4.47 -8.61
C ILE A 76 4.33 5.22 -9.91
N GLU A 77 3.49 6.21 -10.21
CA GLU A 77 3.69 7.15 -11.30
C GLU A 77 3.74 8.55 -10.70
N ASP A 78 4.94 9.08 -10.48
CA ASP A 78 5.26 10.25 -9.66
C ASP A 78 4.70 10.09 -8.26
N ASN A 79 3.42 10.45 -8.08
CA ASN A 79 2.68 10.53 -6.83
C ASN A 79 1.41 9.70 -6.85
N GLU A 80 1.11 9.07 -7.98
CA GLU A 80 -0.06 8.22 -8.15
C GLU A 80 0.40 6.78 -8.00
N LEU A 81 0.30 6.28 -6.77
CA LEU A 81 0.50 4.88 -6.46
C LEU A 81 -0.78 4.14 -6.78
N LYS A 82 -0.67 3.07 -7.55
CA LYS A 82 -1.79 2.31 -8.08
C LYS A 82 -1.47 0.85 -7.85
N VAL A 83 -2.48 0.04 -7.52
CA VAL A 83 -2.32 -1.41 -7.48
C VAL A 83 -3.39 -2.04 -8.34
N ILE A 84 -3.10 -3.24 -8.85
CA ILE A 84 -4.06 -4.09 -9.52
C ILE A 84 -3.81 -5.48 -8.95
N ILE A 85 -4.85 -6.13 -8.44
CA ILE A 85 -4.79 -7.46 -7.86
C ILE A 85 -5.61 -8.36 -8.79
N ASN A 86 -5.17 -9.61 -9.00
CA ASN A 86 -5.83 -10.56 -9.86
C ASN A 86 -6.24 -11.82 -9.10
N ARG A 87 -6.98 -12.69 -9.80
CA ARG A 87 -7.84 -13.67 -9.16
C ARG A 87 -7.02 -14.75 -8.47
N ASN A 88 -7.37 -14.99 -7.21
CA ASN A 88 -6.74 -15.99 -6.37
C ASN A 88 -7.20 -17.34 -6.85
N GLU A 89 -6.31 -18.11 -7.49
CA GLU A 89 -6.67 -19.41 -8.04
C GLU A 89 -6.83 -20.47 -6.94
N THR A 90 -6.54 -20.16 -5.67
CA THR A 90 -6.49 -21.15 -4.60
C THR A 90 -7.61 -20.98 -3.57
N ASN A 91 -7.77 -22.04 -2.80
CA ASN A 91 -8.77 -22.26 -1.75
C ASN A 91 -8.44 -21.59 -0.42
N ALA A 92 -7.37 -20.80 -0.32
CA ALA A 92 -6.97 -20.14 0.93
C ALA A 92 -6.72 -18.67 0.66
N SER A 93 -7.22 -17.82 1.55
CA SER A 93 -7.09 -16.38 1.55
C SER A 93 -5.64 -15.97 1.85
N ARG A 94 -5.28 -14.71 1.57
CA ARG A 94 -3.92 -14.24 1.62
C ARG A 94 -3.93 -12.75 2.00
N SER A 95 -2.83 -12.13 2.42
CA SER A 95 -2.76 -10.67 2.40
C SER A 95 -1.42 -10.22 1.84
N PHE A 96 -1.46 -9.01 1.29
CA PHE A 96 -0.33 -8.16 1.05
C PHE A 96 -0.18 -7.15 2.17
N THR A 97 0.95 -6.46 2.18
CA THR A 97 1.05 -5.10 2.65
C THR A 97 1.98 -4.42 1.64
N VAL A 98 1.82 -3.12 1.46
CA VAL A 98 2.75 -2.27 0.74
C VAL A 98 3.04 -1.15 1.71
N CYS A 99 4.32 -0.94 1.99
CA CYS A 99 4.80 0.15 2.82
C CYS A 99 5.67 1.04 1.96
N VAL A 100 5.48 2.33 2.13
CA VAL A 100 6.15 3.38 1.34
C VAL A 100 6.71 4.44 2.30
N GLU A 101 7.72 5.21 1.88
CA GLU A 101 8.26 6.33 2.66
C GLU A 101 8.33 7.58 1.79
N ALA A 102 8.06 8.75 2.38
CA ALA A 102 8.09 10.02 1.70
C ALA A 102 8.79 11.07 2.58
N GLY A 103 10.11 11.00 2.71
CA GLY A 103 10.93 12.03 3.36
C GLY A 103 10.79 12.03 4.88
N ASN A 104 9.64 12.51 5.34
CA ASN A 104 9.25 12.64 6.74
C ASN A 104 7.78 12.23 6.86
N ALA A 105 7.38 11.14 6.18
CA ALA A 105 6.04 10.56 6.28
C ALA A 105 6.04 9.11 5.83
N PHE A 106 5.03 8.37 6.23
CA PHE A 106 4.79 6.98 5.87
C PHE A 106 3.28 6.79 5.85
N ASP A 107 2.78 5.97 4.93
CA ASP A 107 1.36 5.63 4.80
C ASP A 107 1.38 4.22 4.20
N GLU A 108 1.31 3.18 5.03
CA GLU A 108 1.43 1.79 4.60
C GLU A 108 0.08 1.08 4.81
N PHE A 109 -0.26 0.13 3.92
CA PHE A 109 -1.63 -0.39 3.83
C PHE A 109 -1.67 -1.92 3.72
N LYS A 110 -2.57 -2.57 4.49
CA LYS A 110 -2.87 -4.00 4.44
C LYS A 110 -3.91 -4.24 3.35
N PHE A 111 -3.52 -4.72 2.18
CA PHE A 111 -4.46 -5.21 1.18
C PHE A 111 -4.64 -6.69 1.45
N VAL A 112 -5.84 -7.21 1.68
CA VAL A 112 -6.00 -8.61 1.99
C VAL A 112 -6.93 -9.19 0.92
N GLN A 113 -6.74 -10.45 0.51
CA GLN A 113 -7.54 -11.08 -0.54
C GLN A 113 -8.11 -12.41 -0.07
N ASP A 114 -9.35 -12.69 -0.49
CA ASP A 114 -10.08 -13.89 -0.08
C ASP A 114 -9.69 -15.13 -0.89
N ALA A 115 -10.19 -16.29 -0.46
CA ALA A 115 -10.06 -17.57 -1.14
C ALA A 115 -11.07 -17.67 -2.28
N ALA A 116 -10.74 -18.44 -3.32
CA ALA A 116 -11.72 -18.83 -4.32
C ALA A 116 -12.60 -19.92 -3.73
N LYS A 117 -13.91 -19.82 -3.99
CA LYS A 117 -14.90 -20.79 -3.52
C LYS A 117 -15.22 -21.77 -4.65
N GLN A 118 -14.16 -22.36 -5.19
CA GLN A 118 -14.22 -23.55 -6.03
C GLN A 118 -14.26 -24.72 -5.06
N GLY A 1 5.08 27.96 30.49
CA GLY A 1 3.83 27.60 29.78
C GLY A 1 4.08 27.95 28.34
N CYS A 2 4.33 26.96 27.46
CA CYS A 2 5.34 27.01 26.40
C CYS A 2 6.72 27.06 27.05
N GLU A 3 7.53 26.05 26.73
CA GLU A 3 8.86 25.80 27.26
C GLU A 3 9.77 25.55 26.03
N LEU A 4 11.10 25.48 26.23
CA LEU A 4 12.04 25.24 25.15
C LEU A 4 11.95 23.77 24.73
N SER A 5 11.41 23.52 23.54
CA SER A 5 11.39 22.25 22.85
C SER A 5 11.24 22.58 21.35
N ASP A 6 11.03 21.57 20.51
CA ASP A 6 10.82 21.70 19.07
C ASP A 6 9.44 21.12 18.70
N PRO A 7 8.37 21.90 18.90
CA PRO A 7 6.99 21.46 18.84
C PRO A 7 6.52 21.16 17.41
N ASP A 8 7.26 21.59 16.38
CA ASP A 8 6.97 21.31 14.97
C ASP A 8 7.78 20.10 14.48
N GLY A 9 8.67 19.56 15.31
CA GLY A 9 9.67 18.57 14.96
C GLY A 9 9.15 17.14 15.04
N LEU A 10 7.90 16.90 14.65
CA LEU A 10 7.23 15.62 14.64
C LEU A 10 7.09 15.16 13.17
N ALA A 11 6.62 13.94 12.95
CA ALA A 11 6.17 13.48 11.65
C ALA A 11 4.64 13.37 11.68
N ASP A 12 4.04 13.47 10.50
CA ASP A 12 2.60 13.45 10.26
C ASP A 12 2.29 12.36 9.23
N PRO A 13 1.02 11.94 9.05
CA PRO A 13 0.65 11.01 8.00
C PRO A 13 0.67 11.71 6.64
N MET A 14 0.95 10.95 5.58
CA MET A 14 0.96 11.44 4.20
C MET A 14 -0.47 11.77 3.79
N LYS A 15 -0.70 12.89 3.10
CA LYS A 15 -2.03 13.30 2.66
C LYS A 15 -2.27 13.06 1.19
N TRP A 16 -3.03 12.01 0.99
CA TRP A 16 -3.59 11.58 -0.26
C TRP A 16 -4.77 12.50 -0.60
N SER A 17 -5.13 12.62 -1.88
CA SER A 17 -6.35 13.31 -2.29
C SER A 17 -7.06 12.59 -3.43
N LYS A 18 -6.84 11.29 -3.60
CA LYS A 18 -7.64 10.41 -4.45
C LYS A 18 -7.42 9.02 -3.88
N VAL A 19 -8.42 8.42 -3.23
CA VAL A 19 -8.28 7.15 -2.49
C VAL A 19 -9.54 6.28 -2.66
N PRO A 20 -9.43 4.94 -2.46
CA PRO A 20 -10.55 3.99 -2.51
C PRO A 20 -11.49 4.09 -1.31
N SER A 21 -12.45 3.17 -1.23
CA SER A 21 -13.48 3.10 -0.21
C SER A 21 -13.57 1.72 0.48
N GLY A 22 -12.93 0.68 -0.05
CA GLY A 22 -12.84 -0.63 0.60
C GLY A 22 -11.90 -0.60 1.80
N LEU A 23 -11.02 0.42 1.86
CA LEU A 23 -10.20 0.76 3.00
C LEU A 23 -11.04 0.89 4.27
N LYS A 24 -10.62 0.19 5.33
CA LYS A 24 -10.90 0.55 6.70
C LYS A 24 -9.56 0.75 7.39
N ASN A 25 -9.21 2.00 7.69
CA ASN A 25 -8.02 2.43 8.42
C ASN A 25 -6.68 1.84 7.91
N GLY A 26 -6.62 1.44 6.64
CA GLY A 26 -5.42 0.96 5.98
C GLY A 26 -5.53 -0.47 5.49
N GLU A 27 -6.41 -1.29 6.10
CA GLU A 27 -6.64 -2.64 5.58
C GLU A 27 -7.72 -2.55 4.51
N LEU A 28 -7.48 -3.22 3.38
CA LEU A 28 -8.40 -3.42 2.27
C LEU A 28 -8.60 -4.91 2.08
N LYS A 29 -9.74 -5.25 1.49
CA LYS A 29 -10.11 -6.62 1.20
C LYS A 29 -10.88 -6.67 -0.05
N VAL A 30 -10.68 -7.83 -0.61
CA VAL A 30 -11.09 -8.23 -1.87
C VAL A 30 -11.59 -9.64 -1.77
N GLU A 31 -12.34 -9.98 -2.79
CA GLU A 31 -12.81 -11.31 -2.98
C GLU A 31 -11.80 -12.06 -3.84
N ALA A 32 -12.11 -13.29 -4.24
CA ALA A 32 -11.26 -14.14 -5.05
C ALA A 32 -11.08 -13.63 -6.49
N GLU A 33 -11.66 -12.49 -6.86
CA GLU A 33 -11.44 -11.77 -8.12
C GLU A 33 -10.24 -10.84 -7.98
N GLY A 34 -10.11 -10.28 -6.79
CA GLY A 34 -9.19 -9.21 -6.52
C GLY A 34 -9.84 -7.87 -6.86
N GLY A 35 -9.11 -6.80 -6.63
CA GLY A 35 -9.56 -5.43 -6.83
C GLY A 35 -8.44 -4.50 -7.26
N SER A 36 -8.79 -3.31 -7.73
CA SER A 36 -7.89 -2.22 -8.11
C SER A 36 -7.96 -1.09 -7.08
N SER A 37 -6.91 -0.27 -6.96
CA SER A 37 -6.92 0.95 -6.17
C SER A 37 -5.92 1.97 -6.75
N LEU A 38 -6.05 3.23 -6.33
CA LEU A 38 -5.24 4.39 -6.65
C LEU A 38 -5.16 5.24 -5.40
N PHE A 39 -3.95 5.73 -5.10
CA PHE A 39 -3.63 6.62 -4.00
C PHE A 39 -2.81 7.75 -4.62
N ALA A 40 -3.46 8.88 -4.94
CA ALA A 40 -2.76 10.06 -5.44
C ALA A 40 -2.29 10.88 -4.25
N CYS A 41 -0.99 10.87 -3.95
CA CYS A 41 -0.45 11.63 -2.83
C CYS A 41 -0.39 13.09 -3.25
N LYS A 42 -1.38 13.90 -2.88
CA LYS A 42 -1.41 15.27 -3.43
C LYS A 42 -0.33 16.14 -2.77
N ASN A 43 0.24 15.70 -1.64
CA ASN A 43 1.03 16.53 -0.74
C ASN A 43 2.48 16.04 -0.57
N TYR A 44 2.83 14.90 -1.17
CA TYR A 44 4.17 14.32 -1.29
C TYR A 44 4.29 13.77 -2.72
N LYS A 45 5.47 13.81 -3.35
CA LYS A 45 5.73 13.40 -4.74
C LYS A 45 6.98 12.56 -4.89
N SER A 46 7.45 12.00 -3.79
CA SER A 46 8.83 11.59 -3.63
C SER A 46 8.88 10.44 -2.64
N PHE A 47 8.35 9.29 -3.04
CA PHE A 47 8.21 8.13 -2.15
C PHE A 47 8.41 6.84 -2.92
N TRP A 48 8.77 5.79 -2.19
CA TRP A 48 9.15 4.49 -2.73
C TRP A 48 8.49 3.38 -1.95
N ILE A 49 8.53 2.21 -2.57
CA ILE A 49 8.19 0.92 -2.05
C ILE A 49 9.34 0.53 -1.13
N SER A 50 9.13 0.58 0.18
CA SER A 50 10.16 0.11 1.11
C SER A 50 10.07 -1.40 1.26
N SER A 51 8.88 -1.92 1.55
CA SER A 51 8.71 -3.33 1.88
C SER A 51 7.43 -3.88 1.26
N VAL A 52 7.31 -5.21 1.24
CA VAL A 52 6.21 -5.98 0.69
C VAL A 52 6.02 -7.20 1.59
N LYS A 53 4.79 -7.72 1.68
CA LYS A 53 4.45 -9.01 2.27
C LYS A 53 3.60 -9.73 1.27
N GLU A 54 3.87 -11.02 1.04
CA GLU A 54 3.22 -11.82 0.01
C GLU A 54 3.28 -13.32 0.35
N GLU A 55 3.44 -13.66 1.63
CA GLU A 55 3.22 -15.02 2.13
C GLU A 55 2.95 -14.97 3.64
N GLY A 56 2.19 -13.97 4.06
CA GLY A 56 2.07 -13.61 5.48
C GLY A 56 3.36 -13.04 6.07
N LYS A 57 4.48 -13.01 5.32
CA LYS A 57 5.81 -12.52 5.73
C LYS A 57 6.47 -11.71 4.61
N PHE A 58 7.53 -10.98 4.97
CA PHE A 58 8.18 -10.00 4.09
C PHE A 58 9.25 -10.64 3.19
N LYS A 59 9.67 -9.92 2.14
CA LYS A 59 10.80 -10.22 1.25
C LYS A 59 11.54 -8.94 0.86
N GLU A 60 12.57 -9.12 0.03
CA GLU A 60 13.31 -8.06 -0.65
C GLU A 60 12.44 -7.53 -1.79
N ASN A 61 12.47 -6.22 -2.06
CA ASN A 61 11.70 -5.59 -3.12
C ASN A 61 12.68 -5.18 -4.22
N THR A 62 12.69 -5.93 -5.31
CA THR A 62 13.67 -5.83 -6.41
C THR A 62 13.63 -4.49 -7.18
N SER A 63 12.67 -3.62 -6.91
CA SER A 63 12.66 -2.24 -7.37
C SER A 63 12.26 -1.35 -6.19
N TYR A 64 12.25 -0.04 -6.38
CA TYR A 64 11.82 0.92 -5.37
C TYR A 64 10.55 1.66 -5.79
N LYS A 65 10.06 1.55 -7.03
CA LYS A 65 8.81 2.19 -7.44
C LYS A 65 7.85 1.20 -8.08
N GLU A 66 8.23 -0.07 -8.16
CA GLU A 66 7.42 -1.15 -8.71
C GLU A 66 7.54 -2.36 -7.79
N PHE A 67 6.56 -3.25 -7.92
CA PHE A 67 6.65 -4.63 -7.46
C PHE A 67 5.65 -5.43 -8.29
N ASP A 68 6.07 -6.50 -8.93
CA ASP A 68 5.21 -7.42 -9.64
C ASP A 68 5.40 -8.81 -9.05
N GLY A 69 4.30 -9.42 -8.62
CA GLY A 69 4.25 -10.69 -7.89
C GLY A 69 3.30 -11.68 -8.53
N GLY A 70 3.19 -11.68 -9.86
CA GLY A 70 2.25 -12.51 -10.61
C GLY A 70 0.84 -12.03 -10.38
N TRP A 71 0.15 -12.50 -9.34
CA TRP A 71 -1.22 -12.10 -9.05
C TRP A 71 -1.34 -10.67 -8.49
N TYR A 72 -0.24 -9.92 -8.42
CA TYR A 72 -0.19 -8.60 -7.79
C TYR A 72 0.74 -7.68 -8.59
N LEU A 73 0.44 -6.39 -8.70
CA LEU A 73 1.23 -5.41 -9.44
C LEU A 73 1.13 -4.04 -8.78
N VAL A 74 2.21 -3.53 -8.19
CA VAL A 74 2.33 -2.18 -7.65
C VAL A 74 3.12 -1.31 -8.64
N LYS A 75 2.65 -0.08 -8.86
CA LYS A 75 3.35 0.94 -9.63
C LYS A 75 3.23 2.27 -8.87
N ILE A 76 4.27 3.10 -8.91
CA ILE A 76 4.29 4.46 -8.42
C ILE A 76 4.66 5.33 -9.62
N GLU A 77 3.78 6.25 -10.00
CA GLU A 77 4.00 7.19 -11.09
C GLU A 77 3.83 8.60 -10.59
N ASP A 78 4.96 9.30 -10.45
CA ASP A 78 5.12 10.67 -9.99
C ASP A 78 4.70 10.82 -8.53
N ASN A 79 3.39 10.77 -8.27
CA ASN A 79 2.77 10.80 -6.94
C ASN A 79 1.56 9.85 -6.84
N GLU A 80 1.24 9.08 -7.88
CA GLU A 80 0.13 8.13 -7.91
C GLU A 80 0.67 6.71 -7.71
N LEU A 81 0.52 6.21 -6.49
CA LEU A 81 0.64 4.79 -6.16
C LEU A 81 -0.64 4.11 -6.61
N LYS A 82 -0.58 3.02 -7.37
CA LYS A 82 -1.75 2.27 -7.81
C LYS A 82 -1.38 0.81 -8.03
N VAL A 83 -2.39 -0.05 -7.94
CA VAL A 83 -2.17 -1.48 -7.78
C VAL A 83 -3.42 -2.26 -8.18
N ILE A 84 -3.25 -3.37 -8.92
CA ILE A 84 -4.34 -4.14 -9.51
C ILE A 84 -4.12 -5.63 -9.30
N ILE A 85 -4.89 -6.22 -8.38
CA ILE A 85 -4.82 -7.62 -7.96
C ILE A 85 -5.53 -8.49 -9.02
N ASN A 86 -5.01 -9.68 -9.33
CA ASN A 86 -5.60 -10.68 -10.25
C ASN A 86 -6.58 -11.60 -9.51
N ARG A 87 -7.38 -12.36 -10.26
CA ARG A 87 -8.26 -13.40 -9.75
C ARG A 87 -7.47 -14.59 -9.21
N ASN A 88 -7.89 -15.06 -8.03
CA ASN A 88 -7.33 -16.15 -7.28
C ASN A 88 -7.80 -17.48 -7.84
N GLU A 89 -6.89 -18.40 -8.13
CA GLU A 89 -7.19 -19.69 -8.74
C GLU A 89 -6.98 -20.87 -7.77
N THR A 90 -6.74 -20.62 -6.49
CA THR A 90 -6.65 -21.69 -5.50
C THR A 90 -7.61 -21.45 -4.33
N ASN A 91 -7.84 -22.52 -3.57
CA ASN A 91 -8.89 -22.63 -2.56
C ASN A 91 -8.58 -21.95 -1.23
N ALA A 92 -7.43 -21.27 -1.08
CA ALA A 92 -7.10 -20.55 0.14
C ALA A 92 -7.11 -19.05 -0.14
N SER A 93 -7.52 -18.25 0.84
CA SER A 93 -7.38 -16.83 0.88
C SER A 93 -5.94 -16.50 1.27
N ARG A 94 -5.40 -15.39 0.77
CA ARG A 94 -4.04 -14.95 1.03
C ARG A 94 -3.99 -13.43 1.12
N SER A 95 -2.92 -12.87 1.67
CA SER A 95 -2.86 -11.46 1.98
C SER A 95 -1.56 -10.84 1.46
N PHE A 96 -1.55 -9.52 1.44
CA PHE A 96 -0.47 -8.67 0.99
C PHE A 96 -0.30 -7.51 1.96
N THR A 97 0.83 -6.82 1.87
CA THR A 97 1.01 -5.47 2.39
C THR A 97 1.92 -4.73 1.43
N VAL A 98 1.66 -3.44 1.27
CA VAL A 98 2.54 -2.46 0.68
C VAL A 98 2.93 -1.50 1.82
N CYS A 99 4.21 -1.16 1.95
CA CYS A 99 4.70 -0.13 2.85
C CYS A 99 5.50 0.88 2.03
N VAL A 100 5.24 2.18 2.21
CA VAL A 100 5.96 3.25 1.50
C VAL A 100 6.57 4.22 2.51
N GLU A 101 7.58 5.02 2.11
CA GLU A 101 8.17 6.08 2.93
C GLU A 101 8.34 7.34 2.07
N ALA A 102 8.09 8.50 2.67
CA ALA A 102 8.08 9.84 2.07
C ALA A 102 8.69 10.85 3.04
N GLY A 103 10.01 10.98 3.05
CA GLY A 103 10.72 12.01 3.81
C GLY A 103 10.56 11.76 5.31
N ASN A 104 9.81 12.61 6.01
CA ASN A 104 9.54 12.44 7.42
C ASN A 104 8.50 11.35 7.64
N ALA A 105 7.66 11.02 6.65
CA ALA A 105 6.45 10.23 6.82
C ALA A 105 6.52 8.89 6.10
N PHE A 106 5.49 8.07 6.30
CA PHE A 106 5.29 6.79 5.63
C PHE A 106 3.82 6.42 5.69
N ASP A 107 3.41 5.39 4.94
CA ASP A 107 2.08 4.80 5.03
C ASP A 107 2.23 3.30 4.76
N GLU A 108 1.25 2.52 5.20
CA GLU A 108 1.21 1.08 5.03
C GLU A 108 -0.24 0.70 4.75
N PHE A 109 -0.45 -0.15 3.76
CA PHE A 109 -1.77 -0.64 3.37
C PHE A 109 -1.73 -2.15 3.22
N LYS A 110 -2.80 -2.83 3.64
CA LYS A 110 -2.90 -4.28 3.53
C LYS A 110 -4.02 -4.64 2.59
N PHE A 111 -3.90 -5.78 1.93
CA PHE A 111 -4.85 -6.23 0.93
C PHE A 111 -5.01 -7.72 1.14
N VAL A 112 -6.21 -8.25 1.36
CA VAL A 112 -6.37 -9.64 1.60
C VAL A 112 -7.43 -10.13 0.65
N GLN A 113 -7.07 -11.16 -0.11
CA GLN A 113 -7.83 -11.70 -1.22
C GLN A 113 -8.48 -12.98 -0.75
N ASP A 114 -9.78 -13.07 -1.02
CA ASP A 114 -10.49 -14.28 -0.62
C ASP A 114 -10.10 -15.50 -1.48
N ALA A 115 -10.47 -16.70 -1.02
CA ALA A 115 -10.24 -17.97 -1.69
C ALA A 115 -11.24 -18.20 -2.83
N ALA A 116 -10.77 -18.84 -3.90
CA ALA A 116 -11.67 -19.33 -4.93
C ALA A 116 -12.60 -20.37 -4.31
N LYS A 117 -13.88 -20.37 -4.70
CA LYS A 117 -14.84 -21.40 -4.27
C LYS A 117 -15.33 -22.14 -5.51
N GLN A 118 -14.45 -22.96 -6.08
CA GLN A 118 -14.72 -23.69 -7.31
C GLN A 118 -14.19 -25.11 -7.07
N GLY A 1 4.33 26.15 29.54
CA GLY A 1 5.14 27.34 29.84
C GLY A 1 5.40 28.09 28.56
N CYS A 2 6.48 28.87 28.50
CA CYS A 2 7.06 29.39 27.28
C CYS A 2 8.54 29.05 27.47
N GLU A 3 9.08 28.17 26.64
CA GLU A 3 10.47 27.71 26.69
C GLU A 3 10.83 27.22 25.29
N LEU A 4 12.13 27.06 25.03
CA LEU A 4 12.66 26.54 23.78
C LEU A 4 12.14 25.13 23.57
N SER A 5 11.41 24.92 22.48
CA SER A 5 10.83 23.65 22.10
C SER A 5 10.58 23.67 20.58
N ASP A 6 10.30 22.50 19.99
CA ASP A 6 9.98 22.33 18.57
C ASP A 6 8.54 21.81 18.44
N PRO A 7 7.53 22.67 18.65
CA PRO A 7 6.13 22.25 18.72
C PRO A 7 5.56 21.77 17.37
N ASP A 8 6.30 21.90 16.27
CA ASP A 8 5.94 21.43 14.93
C ASP A 8 6.90 20.29 14.49
N GLY A 9 7.90 19.95 15.30
CA GLY A 9 9.02 19.10 14.91
C GLY A 9 8.71 17.61 14.90
N LEU A 10 7.42 17.25 14.74
CA LEU A 10 6.86 15.91 14.69
C LEU A 10 6.62 15.55 13.21
N ALA A 11 5.95 14.42 12.97
CA ALA A 11 5.76 13.79 11.68
C ALA A 11 4.26 13.54 11.49
N ASP A 12 3.61 14.29 10.61
CA ASP A 12 2.21 14.06 10.24
C ASP A 12 2.12 13.10 9.05
N PRO A 13 1.02 12.32 8.92
CA PRO A 13 0.91 11.24 7.96
C PRO A 13 0.64 11.77 6.55
N MET A 14 0.73 10.87 5.58
CA MET A 14 0.45 11.14 4.18
C MET A 14 -1.06 11.36 4.02
N LYS A 15 -1.47 12.48 3.41
CA LYS A 15 -2.86 12.81 3.12
C LYS A 15 -3.11 12.57 1.65
N TRP A 16 -3.72 11.43 1.38
CA TRP A 16 -3.98 10.93 0.05
C TRP A 16 -5.31 11.49 -0.45
N SER A 17 -5.31 12.36 -1.46
CA SER A 17 -6.52 13.00 -1.98
C SER A 17 -7.26 12.16 -3.04
N LYS A 18 -6.71 11.00 -3.42
CA LYS A 18 -7.44 9.89 -4.04
C LYS A 18 -7.17 8.73 -3.10
N VAL A 19 -8.19 7.98 -2.69
CA VAL A 19 -8.09 6.64 -2.09
C VAL A 19 -9.31 5.83 -2.55
N PRO A 20 -9.20 4.50 -2.67
CA PRO A 20 -10.32 3.63 -2.98
C PRO A 20 -11.34 3.63 -1.85
N SER A 21 -12.61 3.33 -2.17
CA SER A 21 -13.70 3.31 -1.21
C SER A 21 -13.47 2.23 -0.13
N GLY A 22 -12.99 1.06 -0.53
CA GLY A 22 -12.87 -0.11 0.35
C GLY A 22 -11.85 0.04 1.49
N LEU A 23 -10.93 1.01 1.39
CA LEU A 23 -9.96 1.37 2.42
C LEU A 23 -10.65 1.63 3.75
N LYS A 24 -10.38 0.80 4.75
CA LYS A 24 -10.91 0.93 6.09
C LYS A 24 -9.82 0.56 7.08
N ASN A 25 -9.32 1.53 7.85
CA ASN A 25 -8.19 1.39 8.77
C ASN A 25 -7.03 0.69 8.09
N GLY A 26 -6.75 1.07 6.84
CA GLY A 26 -5.67 0.54 6.05
C GLY A 26 -5.85 -0.92 5.64
N GLU A 27 -7.02 -1.54 5.83
CA GLU A 27 -7.37 -2.81 5.21
C GLU A 27 -8.10 -2.50 3.90
N LEU A 28 -7.85 -3.31 2.88
CA LEU A 28 -8.48 -3.27 1.56
C LEU A 28 -9.03 -4.67 1.30
N LYS A 29 -10.36 -4.82 1.26
CA LYS A 29 -10.95 -6.12 1.00
C LYS A 29 -10.87 -6.43 -0.49
N VAL A 30 -10.61 -7.68 -0.86
CA VAL A 30 -10.55 -8.13 -2.24
C VAL A 30 -11.19 -9.51 -2.26
N GLU A 31 -12.04 -9.74 -3.25
CA GLU A 31 -12.58 -11.08 -3.47
C GLU A 31 -11.64 -11.85 -4.40
N ALA A 32 -11.91 -13.13 -4.61
CA ALA A 32 -11.02 -14.05 -5.30
C ALA A 32 -10.74 -13.68 -6.77
N GLU A 33 -11.46 -12.71 -7.33
CA GLU A 33 -11.34 -12.24 -8.71
C GLU A 33 -10.26 -11.16 -8.81
N GLY A 34 -10.12 -10.37 -7.75
CA GLY A 34 -9.24 -9.23 -7.72
C GLY A 34 -9.92 -7.99 -8.32
N GLY A 35 -9.33 -6.82 -8.08
CA GLY A 35 -9.79 -5.54 -8.60
C GLY A 35 -8.68 -4.49 -8.46
N SER A 36 -8.97 -3.25 -8.82
CA SER A 36 -7.99 -2.17 -8.85
C SER A 36 -8.22 -1.17 -7.71
N SER A 37 -7.22 -0.32 -7.46
CA SER A 37 -7.31 0.86 -6.62
C SER A 37 -6.31 1.92 -7.11
N LEU A 38 -6.57 3.19 -6.78
CA LEU A 38 -5.77 4.38 -7.11
C LEU A 38 -5.63 5.21 -5.82
N PHE A 39 -4.45 5.75 -5.55
CA PHE A 39 -4.08 6.43 -4.31
C PHE A 39 -3.15 7.61 -4.62
N ALA A 40 -3.61 8.87 -4.54
CA ALA A 40 -2.80 10.05 -4.89
C ALA A 40 -2.31 10.76 -3.64
N CYS A 41 -1.01 10.77 -3.38
CA CYS A 41 -0.46 11.45 -2.22
C CYS A 41 -0.26 12.92 -2.59
N LYS A 42 -1.07 13.82 -2.03
CA LYS A 42 -1.03 15.23 -2.41
C LYS A 42 0.10 16.00 -1.70
N ASN A 43 0.76 15.39 -0.73
CA ASN A 43 1.62 16.11 0.22
C ASN A 43 2.98 15.46 0.38
N TYR A 44 3.22 14.32 -0.27
CA TYR A 44 4.51 13.66 -0.32
C TYR A 44 4.65 13.04 -1.72
N LYS A 45 5.72 13.35 -2.45
CA LYS A 45 6.03 12.81 -3.77
C LYS A 45 7.41 12.14 -3.78
N SER A 46 7.83 11.73 -2.60
CA SER A 46 9.16 11.24 -2.34
C SER A 46 9.02 9.93 -1.58
N PHE A 47 8.22 9.01 -2.12
CA PHE A 47 7.89 7.77 -1.44
C PHE A 47 8.18 6.58 -2.34
N TRP A 48 8.40 5.43 -1.71
CA TRP A 48 8.79 4.21 -2.36
C TRP A 48 8.34 3.00 -1.56
N ILE A 49 8.37 1.86 -2.23
CA ILE A 49 8.18 0.52 -1.72
C ILE A 49 9.53 0.13 -1.08
N SER A 50 9.58 -0.16 0.22
CA SER A 50 10.76 -0.82 0.80
C SER A 50 10.46 -2.02 1.70
N SER A 51 9.20 -2.39 1.89
CA SER A 51 8.85 -3.76 2.27
C SER A 51 7.53 -4.14 1.61
N VAL A 52 7.29 -5.44 1.53
CA VAL A 52 6.08 -6.02 1.00
C VAL A 52 5.95 -7.40 1.66
N LYS A 53 4.74 -7.79 2.05
CA LYS A 53 4.41 -9.17 2.41
C LYS A 53 3.31 -9.61 1.46
N GLU A 54 3.21 -10.90 1.14
CA GLU A 54 2.12 -11.46 0.33
C GLU A 54 1.53 -12.74 0.92
N GLU A 55 2.26 -13.33 1.87
CA GLU A 55 2.06 -14.66 2.41
C GLU A 55 2.48 -14.69 3.88
N GLY A 56 2.27 -13.56 4.55
CA GLY A 56 2.58 -13.35 5.96
C GLY A 56 4.06 -13.08 6.26
N LYS A 57 4.99 -13.34 5.32
CA LYS A 57 6.41 -12.99 5.48
C LYS A 57 6.79 -11.85 4.57
N PHE A 58 7.79 -11.07 4.96
CA PHE A 58 8.43 -10.14 4.04
C PHE A 58 9.27 -10.95 3.04
N LYS A 59 9.50 -10.37 1.87
CA LYS A 59 10.43 -10.84 0.85
C LYS A 59 11.44 -9.73 0.53
N GLU A 60 12.30 -9.98 -0.45
CA GLU A 60 13.24 -9.00 -1.00
C GLU A 60 12.54 -8.24 -2.14
N ASN A 61 13.14 -7.12 -2.57
CA ASN A 61 12.59 -6.21 -3.57
C ASN A 61 13.31 -6.45 -4.90
N THR A 62 13.07 -5.59 -5.89
CA THR A 62 13.85 -5.52 -7.13
C THR A 62 13.74 -4.12 -7.78
N SER A 63 13.01 -3.21 -7.16
CA SER A 63 12.83 -1.82 -7.58
C SER A 63 12.53 -1.01 -6.30
N TYR A 64 12.10 0.24 -6.45
CA TYR A 64 11.58 1.07 -5.36
C TYR A 64 10.20 1.64 -5.67
N LYS A 65 9.76 1.51 -6.91
CA LYS A 65 8.63 2.24 -7.47
C LYS A 65 7.54 1.29 -7.91
N GLU A 66 7.82 -0.01 -7.91
CA GLU A 66 7.08 -0.94 -8.71
C GLU A 66 7.34 -2.31 -8.12
N PHE A 67 6.27 -3.09 -7.92
CA PHE A 67 6.38 -4.41 -7.36
C PHE A 67 5.36 -5.29 -8.08
N ASP A 68 5.85 -6.26 -8.83
CA ASP A 68 5.08 -7.32 -9.44
C ASP A 68 5.30 -8.61 -8.64
N GLY A 69 4.21 -9.13 -8.07
CA GLY A 69 4.14 -10.43 -7.42
C GLY A 69 3.30 -11.38 -8.25
N GLY A 70 3.24 -11.16 -9.58
CA GLY A 70 2.44 -11.90 -10.54
C GLY A 70 0.97 -11.55 -10.38
N TRP A 71 0.31 -12.13 -9.38
CA TRP A 71 -1.11 -11.94 -9.11
C TRP A 71 -1.45 -10.54 -8.60
N TYR A 72 -0.47 -9.65 -8.45
CA TYR A 72 -0.58 -8.41 -7.72
C TYR A 72 0.47 -7.49 -8.30
N LEU A 73 0.10 -6.25 -8.60
CA LEU A 73 0.96 -5.30 -9.30
C LEU A 73 0.83 -3.95 -8.63
N VAL A 74 1.94 -3.38 -8.18
CA VAL A 74 2.05 -2.08 -7.53
C VAL A 74 2.92 -1.21 -8.44
N LYS A 75 2.57 0.07 -8.61
CA LYS A 75 3.30 1.05 -9.40
C LYS A 75 3.12 2.41 -8.76
N ILE A 76 4.18 3.20 -8.68
CA ILE A 76 4.27 4.59 -8.27
C ILE A 76 4.75 5.32 -9.51
N GLU A 77 3.94 6.22 -10.05
CA GLU A 77 4.30 7.10 -11.14
C GLU A 77 4.04 8.49 -10.58
N ASP A 78 5.15 9.16 -10.25
CA ASP A 78 5.23 10.44 -9.58
C ASP A 78 4.62 10.38 -8.18
N ASN A 79 3.31 10.53 -8.07
CA ASN A 79 2.55 10.53 -6.83
C ASN A 79 1.15 9.95 -7.03
N GLU A 80 0.93 9.17 -8.10
CA GLU A 80 -0.24 8.30 -8.21
C GLU A 80 0.26 6.87 -8.04
N LEU A 81 -0.11 6.24 -6.92
CA LEU A 81 0.18 4.86 -6.59
C LEU A 81 -1.07 4.05 -6.86
N LYS A 82 -0.91 2.88 -7.48
CA LYS A 82 -1.99 1.99 -7.87
C LYS A 82 -1.68 0.60 -7.40
N VAL A 83 -2.71 -0.19 -7.13
CA VAL A 83 -2.61 -1.62 -6.96
C VAL A 83 -3.64 -2.22 -7.91
N ILE A 84 -3.25 -3.21 -8.70
CA ILE A 84 -4.15 -4.00 -9.53
C ILE A 84 -3.90 -5.46 -9.16
N ILE A 85 -4.96 -6.20 -8.85
CA ILE A 85 -4.91 -7.55 -8.28
C ILE A 85 -5.64 -8.46 -9.25
N ASN A 86 -5.05 -9.61 -9.55
CA ASN A 86 -5.61 -10.62 -10.44
C ASN A 86 -6.27 -11.70 -9.61
N ARG A 87 -7.06 -12.50 -10.32
CA ARG A 87 -7.80 -13.63 -9.78
C ARG A 87 -6.87 -14.65 -9.14
N ASN A 88 -7.25 -15.17 -7.97
CA ASN A 88 -6.69 -16.40 -7.41
C ASN A 88 -7.46 -17.58 -7.98
N GLU A 89 -6.78 -18.68 -8.22
CA GLU A 89 -7.31 -19.92 -8.80
C GLU A 89 -6.97 -21.10 -7.88
N THR A 90 -6.92 -20.82 -6.57
CA THR A 90 -6.70 -21.80 -5.52
C THR A 90 -7.62 -21.52 -4.32
N ASN A 91 -7.68 -22.50 -3.42
CA ASN A 91 -8.60 -22.60 -2.31
C ASN A 91 -8.17 -21.89 -1.02
N ALA A 92 -7.08 -21.11 -1.01
CA ALA A 92 -6.56 -20.47 0.19
C ALA A 92 -6.45 -18.96 -0.02
N SER A 93 -6.99 -18.19 0.91
CA SER A 93 -6.99 -16.74 0.90
C SER A 93 -5.63 -16.20 1.30
N ARG A 94 -5.16 -15.13 0.66
CA ARG A 94 -3.80 -14.62 0.75
C ARG A 94 -3.83 -13.11 0.81
N SER A 95 -2.91 -12.51 1.57
CA SER A 95 -3.03 -11.13 1.99
C SER A 95 -1.69 -10.44 1.86
N PHE A 96 -1.69 -9.35 1.11
CA PHE A 96 -0.54 -8.51 0.96
C PHE A 96 -0.44 -7.51 2.12
N THR A 97 0.72 -6.88 2.24
CA THR A 97 0.83 -5.54 2.80
C THR A 97 1.84 -4.82 1.92
N VAL A 98 1.46 -3.64 1.42
CA VAL A 98 2.35 -2.74 0.68
C VAL A 98 2.59 -1.58 1.63
N CYS A 99 3.81 -1.39 2.13
CA CYS A 99 4.13 -0.13 2.76
C CYS A 99 4.47 0.87 1.68
N VAL A 100 4.48 2.14 2.07
CA VAL A 100 5.43 3.08 1.52
C VAL A 100 5.96 3.89 2.69
N GLU A 101 7.22 4.32 2.62
CA GLU A 101 7.74 5.39 3.45
C GLU A 101 7.99 6.56 2.52
N ALA A 102 7.68 7.74 3.00
CA ALA A 102 7.71 9.02 2.31
C ALA A 102 8.75 9.96 2.91
N GLY A 103 9.68 9.44 3.72
CA GLY A 103 10.66 10.18 4.50
C GLY A 103 10.30 10.06 5.97
N ASN A 104 9.68 11.10 6.52
CA ASN A 104 9.26 11.22 7.90
C ASN A 104 7.78 10.86 8.05
N ALA A 105 7.21 10.09 7.12
CA ALA A 105 5.87 9.55 7.21
C ALA A 105 5.82 8.26 6.41
N PHE A 106 4.73 7.50 6.59
CA PHE A 106 4.44 6.27 5.88
C PHE A 106 2.92 6.08 5.95
N ASP A 107 2.36 5.30 5.04
CA ASP A 107 1.00 4.79 5.13
C ASP A 107 1.00 3.51 4.30
N GLU A 108 0.98 2.37 4.97
CA GLU A 108 0.86 1.08 4.30
C GLU A 108 -0.62 0.76 4.04
N PHE A 109 -0.86 -0.21 3.18
CA PHE A 109 -2.17 -0.74 2.85
C PHE A 109 -2.06 -2.25 2.96
N LYS A 110 -2.74 -2.85 3.94
CA LYS A 110 -2.96 -4.29 4.03
C LYS A 110 -4.05 -4.60 2.99
N PHE A 111 -3.84 -5.56 2.10
CA PHE A 111 -4.90 -6.08 1.24
C PHE A 111 -5.10 -7.55 1.59
N VAL A 112 -6.32 -8.06 1.45
CA VAL A 112 -6.70 -9.45 1.74
C VAL A 112 -7.54 -9.93 0.58
N GLN A 113 -7.13 -11.02 -0.09
CA GLN A 113 -7.83 -11.63 -1.21
C GLN A 113 -8.40 -12.98 -0.76
N ASP A 114 -9.73 -13.12 -0.76
CA ASP A 114 -10.43 -14.38 -0.46
C ASP A 114 -10.03 -15.51 -1.41
N ALA A 115 -10.20 -16.75 -0.98
CA ALA A 115 -9.96 -17.97 -1.76
C ALA A 115 -10.98 -18.11 -2.87
N ALA A 116 -10.60 -18.77 -3.96
CA ALA A 116 -11.52 -19.14 -5.01
C ALA A 116 -12.28 -20.38 -4.55
N LYS A 117 -13.60 -20.26 -4.40
CA LYS A 117 -14.47 -21.34 -3.98
C LYS A 117 -14.87 -22.20 -5.19
N GLN A 118 -13.88 -22.66 -5.94
CA GLN A 118 -14.05 -23.38 -7.20
C GLN A 118 -14.01 -24.89 -6.92
N GLY A 1 -1.67 28.33 7.79
CA GLY A 1 -0.65 27.77 8.67
C GLY A 1 -0.07 28.84 9.54
N CYS A 2 0.44 28.44 10.71
CA CYS A 2 1.26 29.28 11.58
C CYS A 2 2.54 28.52 11.83
N GLU A 3 2.42 27.28 12.34
CA GLU A 3 3.53 26.42 12.71
C GLU A 3 4.34 26.09 11.46
N LEU A 4 5.58 26.57 11.42
CA LEU A 4 6.46 26.51 10.25
C LEU A 4 7.36 25.28 10.29
N SER A 5 7.77 24.84 11.49
CA SER A 5 8.73 23.76 11.69
C SER A 5 8.22 22.81 12.76
N ASP A 6 8.89 21.66 12.92
CA ASP A 6 8.42 20.59 13.80
C ASP A 6 8.39 21.10 15.25
N PRO A 7 7.43 20.71 16.08
CA PRO A 7 7.37 21.14 17.48
C PRO A 7 8.53 20.57 18.31
N ASP A 8 9.03 19.38 17.96
CA ASP A 8 10.11 18.70 18.71
C ASP A 8 11.18 18.08 17.81
N GLY A 9 11.09 18.26 16.49
CA GLY A 9 11.88 17.52 15.51
C GLY A 9 11.46 16.05 15.51
N LEU A 10 10.23 15.78 15.05
CA LEU A 10 9.57 14.50 15.02
C LEU A 10 9.10 14.22 13.59
N ALA A 11 8.42 13.09 13.43
CA ALA A 11 7.77 12.62 12.21
C ALA A 11 6.26 12.81 12.35
N ASP A 12 5.60 13.57 11.47
CA ASP A 12 4.17 13.64 11.38
C ASP A 12 3.63 12.53 10.46
N PRO A 13 2.46 11.94 10.72
CA PRO A 13 1.99 10.79 9.95
C PRO A 13 1.62 11.12 8.49
N MET A 14 1.71 10.11 7.60
CA MET A 14 1.30 10.25 6.21
C MET A 14 -0.23 10.37 6.16
N LYS A 15 -0.72 11.52 5.71
CA LYS A 15 -2.11 11.90 5.52
C LYS A 15 -2.37 11.98 4.03
N TRP A 16 -2.91 10.90 3.52
CA TRP A 16 -3.37 10.77 2.14
C TRP A 16 -4.67 11.60 2.02
N SER A 17 -5.08 11.94 0.79
CA SER A 17 -6.41 12.50 0.50
C SER A 17 -7.20 11.80 -0.62
N LYS A 18 -6.72 10.72 -1.24
CA LYS A 18 -7.45 10.07 -2.36
C LYS A 18 -7.67 8.59 -2.18
N VAL A 19 -7.66 8.18 -0.93
CA VAL A 19 -7.75 6.77 -0.53
C VAL A 19 -9.07 6.15 -1.02
N PRO A 20 -9.13 4.82 -1.19
CA PRO A 20 -10.33 4.13 -1.63
C PRO A 20 -11.39 4.02 -0.52
N SER A 21 -12.58 3.59 -0.92
CA SER A 21 -13.70 3.21 -0.09
C SER A 21 -13.48 1.83 0.53
N GLY A 22 -12.88 0.88 -0.21
CA GLY A 22 -12.72 -0.51 0.22
C GLY A 22 -11.76 -0.72 1.38
N LEU A 23 -11.00 0.31 1.79
CA LEU A 23 -10.17 0.35 2.97
C LEU A 23 -11.03 0.26 4.22
N LYS A 24 -10.55 -0.52 5.18
CA LYS A 24 -11.13 -0.62 6.53
C LYS A 24 -9.97 -0.63 7.51
N ASN A 25 -9.71 0.50 8.16
CA ASN A 25 -8.73 0.65 9.23
C ASN A 25 -7.35 0.07 8.87
N GLY A 26 -6.92 0.29 7.62
CA GLY A 26 -5.64 -0.15 7.08
C GLY A 26 -5.68 -1.51 6.38
N GLU A 27 -6.81 -2.23 6.42
CA GLU A 27 -7.00 -3.55 5.85
C GLU A 27 -8.00 -3.45 4.68
N LEU A 28 -7.50 -3.64 3.46
CA LEU A 28 -8.25 -3.57 2.22
C LEU A 28 -8.86 -4.95 1.97
N LYS A 29 -10.17 -5.08 2.17
CA LYS A 29 -10.90 -6.29 1.79
C LYS A 29 -10.99 -6.32 0.28
N VAL A 30 -10.55 -7.40 -0.36
CA VAL A 30 -10.65 -7.56 -1.81
C VAL A 30 -11.23 -8.95 -2.02
N GLU A 31 -12.00 -9.12 -3.09
CA GLU A 31 -12.55 -10.42 -3.41
C GLU A 31 -11.67 -11.13 -4.44
N ALA A 32 -12.12 -12.30 -4.89
CA ALA A 32 -11.41 -13.12 -5.84
C ALA A 32 -11.23 -12.50 -7.22
N GLU A 33 -11.77 -11.32 -7.53
CA GLU A 33 -11.62 -10.69 -8.85
C GLU A 33 -10.50 -9.66 -8.83
N GLY A 34 -10.00 -9.35 -7.64
CA GLY A 34 -9.05 -8.29 -7.42
C GLY A 34 -9.73 -6.94 -7.58
N GLY A 35 -8.97 -5.88 -7.35
CA GLY A 35 -9.36 -4.51 -7.66
C GLY A 35 -8.13 -3.62 -7.84
N SER A 36 -8.32 -2.46 -8.45
CA SER A 36 -7.33 -1.38 -8.52
C SER A 36 -7.64 -0.36 -7.42
N SER A 37 -6.63 0.26 -6.83
CA SER A 37 -6.78 1.24 -5.76
C SER A 37 -5.80 2.40 -5.99
N LEU A 38 -6.12 3.60 -5.51
CA LEU A 38 -5.34 4.83 -5.60
C LEU A 38 -5.24 5.44 -4.21
N PHE A 39 -4.09 6.01 -3.88
CA PHE A 39 -3.77 6.67 -2.63
C PHE A 39 -2.90 7.87 -3.02
N ALA A 40 -3.45 9.09 -3.02
CA ALA A 40 -2.66 10.31 -3.21
C ALA A 40 -2.23 10.76 -1.82
N CYS A 41 -0.94 10.70 -1.54
CA CYS A 41 -0.37 11.31 -0.34
C CYS A 41 -0.53 12.81 -0.53
N LYS A 42 -1.12 13.51 0.43
CA LYS A 42 -1.24 14.97 0.35
C LYS A 42 -0.09 15.67 1.08
N ASN A 43 0.52 15.05 2.09
CA ASN A 43 1.49 15.70 3.00
C ASN A 43 2.89 15.07 2.93
N TYR A 44 3.13 14.19 1.97
CA TYR A 44 4.44 13.66 1.65
C TYR A 44 4.46 13.51 0.12
N LYS A 45 5.59 13.81 -0.52
CA LYS A 45 5.73 13.89 -1.98
C LYS A 45 7.10 13.30 -2.36
N SER A 46 7.53 12.30 -1.61
CA SER A 46 8.80 11.61 -1.74
C SER A 46 8.74 10.40 -0.79
N PHE A 47 8.47 9.19 -1.30
CA PHE A 47 8.48 7.98 -0.50
C PHE A 47 8.85 6.76 -1.35
N TRP A 48 9.09 5.63 -0.69
CA TRP A 48 9.47 4.35 -1.29
C TRP A 48 8.77 3.18 -0.62
N ILE A 49 8.79 2.03 -1.29
CA ILE A 49 8.25 0.76 -0.85
C ILE A 49 9.24 0.17 0.17
N SER A 50 8.73 -0.30 1.31
CA SER A 50 9.51 -0.92 2.37
C SER A 50 8.89 -2.18 2.99
N SER A 51 7.80 -2.72 2.46
CA SER A 51 7.42 -4.09 2.77
C SER A 51 6.68 -4.70 1.59
N VAL A 52 6.90 -5.99 1.33
CA VAL A 52 6.08 -6.79 0.45
C VAL A 52 6.01 -8.22 1.01
N LYS A 53 4.79 -8.75 1.13
CA LYS A 53 4.50 -10.16 1.45
C LYS A 53 3.32 -10.56 0.58
N GLU A 54 3.12 -11.86 0.34
CA GLU A 54 1.96 -12.44 -0.37
C GLU A 54 1.51 -13.77 0.26
N GLU A 55 2.29 -14.25 1.24
CA GLU A 55 2.16 -15.55 1.92
C GLU A 55 2.39 -15.35 3.42
N GLY A 56 2.10 -14.15 3.92
CA GLY A 56 2.33 -13.78 5.32
C GLY A 56 3.78 -13.41 5.62
N LYS A 57 4.73 -13.82 4.77
CA LYS A 57 6.16 -13.82 5.03
C LYS A 57 6.86 -12.81 4.16
N PHE A 58 7.95 -12.25 4.66
CA PHE A 58 8.66 -11.16 4.00
C PHE A 58 9.60 -11.71 2.94
N LYS A 59 9.80 -10.89 1.90
CA LYS A 59 10.77 -11.06 0.83
C LYS A 59 11.48 -9.72 0.59
N GLU A 60 12.36 -9.67 -0.41
CA GLU A 60 13.16 -8.48 -0.72
C GLU A 60 12.42 -7.54 -1.66
N ASN A 61 13.02 -6.39 -1.99
CA ASN A 61 12.59 -5.54 -3.08
C ASN A 61 13.79 -4.97 -3.85
N THR A 62 13.87 -5.33 -5.12
CA THR A 62 14.88 -4.89 -6.09
C THR A 62 14.67 -3.45 -6.58
N SER A 63 13.67 -2.73 -6.08
CA SER A 63 13.31 -1.38 -6.46
C SER A 63 12.86 -0.64 -5.20
N TYR A 64 12.67 0.67 -5.33
CA TYR A 64 12.07 1.49 -4.28
C TYR A 64 10.75 2.12 -4.69
N LYS A 65 10.30 1.94 -5.92
CA LYS A 65 9.18 2.69 -6.49
C LYS A 65 8.22 1.81 -7.27
N GLU A 66 8.50 0.52 -7.36
CA GLU A 66 7.70 -0.44 -8.07
C GLU A 66 7.75 -1.75 -7.28
N PHE A 67 6.76 -2.61 -7.51
CA PHE A 67 6.93 -4.04 -7.35
C PHE A 67 5.95 -4.74 -8.27
N ASP A 68 6.43 -5.58 -9.20
CA ASP A 68 5.64 -6.52 -9.96
C ASP A 68 5.83 -7.89 -9.34
N GLY A 69 4.75 -8.39 -8.72
CA GLY A 69 4.73 -9.61 -7.91
C GLY A 69 3.63 -10.54 -8.38
N GLY A 70 3.67 -10.92 -9.66
CA GLY A 70 2.90 -12.01 -10.26
C GLY A 70 1.40 -11.71 -10.41
N TRP A 71 0.71 -11.51 -9.29
CA TRP A 71 -0.72 -11.24 -9.20
C TRP A 71 -1.00 -9.87 -8.57
N TYR A 72 0.02 -9.03 -8.37
CA TYR A 72 -0.04 -7.78 -7.62
C TYR A 72 0.97 -6.83 -8.28
N LEU A 73 0.62 -5.57 -8.47
CA LEU A 73 1.48 -4.60 -9.17
C LEU A 73 1.43 -3.27 -8.41
N VAL A 74 2.57 -2.66 -8.10
CA VAL A 74 2.66 -1.44 -7.31
C VAL A 74 3.52 -0.45 -8.08
N LYS A 75 3.14 0.84 -8.09
CA LYS A 75 4.03 1.94 -8.44
C LYS A 75 3.76 3.09 -7.50
N ILE A 76 4.84 3.72 -7.03
CA ILE A 76 4.84 5.04 -6.45
C ILE A 76 5.17 6.02 -7.58
N GLU A 77 4.59 7.20 -7.54
CA GLU A 77 4.90 8.35 -8.36
C GLU A 77 5.13 9.53 -7.40
N ASP A 78 5.12 10.75 -7.92
CA ASP A 78 5.43 12.02 -7.25
C ASP A 78 4.77 12.09 -5.87
N ASN A 79 3.47 11.81 -5.78
CA ASN A 79 2.85 11.51 -4.50
C ASN A 79 1.70 10.50 -4.58
N GLU A 80 1.32 10.01 -5.75
CA GLU A 80 0.30 8.98 -5.86
C GLU A 80 0.97 7.61 -5.78
N LEU A 81 0.48 6.78 -4.87
CA LEU A 81 0.74 5.35 -4.81
C LEU A 81 -0.53 4.68 -5.32
N LYS A 82 -0.37 3.70 -6.20
CA LYS A 82 -1.47 2.98 -6.79
C LYS A 82 -1.04 1.53 -6.94
N VAL A 83 -1.99 0.63 -6.80
CA VAL A 83 -1.77 -0.81 -6.84
C VAL A 83 -2.94 -1.44 -7.57
N ILE A 84 -2.63 -2.36 -8.49
CA ILE A 84 -3.61 -3.24 -9.13
C ILE A 84 -3.34 -4.67 -8.66
N ILE A 85 -4.40 -5.47 -8.57
CA ILE A 85 -4.38 -6.85 -8.12
C ILE A 85 -5.13 -7.66 -9.17
N ASN A 86 -4.57 -8.80 -9.60
CA ASN A 86 -5.23 -9.68 -10.57
C ASN A 86 -6.42 -10.35 -9.92
N ARG A 87 -7.30 -10.88 -10.76
CA ARG A 87 -8.29 -11.89 -10.39
C ARG A 87 -7.57 -13.17 -9.98
N ASN A 88 -8.10 -13.84 -8.96
CA ASN A 88 -7.65 -15.12 -8.43
C ASN A 88 -8.18 -16.24 -9.31
N GLU A 89 -7.30 -16.98 -9.97
CA GLU A 89 -7.65 -18.09 -10.83
C GLU A 89 -7.62 -19.44 -10.08
N THR A 90 -7.59 -19.43 -8.74
CA THR A 90 -7.48 -20.64 -7.94
C THR A 90 -8.46 -20.64 -6.76
N ASN A 91 -8.67 -21.82 -6.20
CA ASN A 91 -9.65 -22.12 -5.16
C ASN A 91 -9.22 -21.71 -3.74
N ALA A 92 -8.06 -21.05 -3.55
CA ALA A 92 -7.52 -20.72 -2.23
C ALA A 92 -7.29 -19.21 -2.10
N SER A 93 -7.57 -18.64 -0.94
CA SER A 93 -7.33 -17.28 -0.51
C SER A 93 -5.96 -16.99 0.11
N ARG A 94 -5.59 -15.72 0.07
CA ARG A 94 -4.23 -15.25 0.36
C ARG A 94 -4.25 -13.81 0.91
N SER A 95 -3.12 -13.25 1.35
CA SER A 95 -3.04 -11.85 1.75
C SER A 95 -1.66 -11.25 1.47
N PHE A 96 -1.63 -9.92 1.45
CA PHE A 96 -0.53 -9.07 1.09
C PHE A 96 -0.25 -8.07 2.22
N THR A 97 0.89 -7.39 2.15
CA THR A 97 1.13 -6.15 2.89
C THR A 97 2.00 -5.25 2.01
N VAL A 98 1.58 -4.00 1.87
CA VAL A 98 2.27 -2.89 1.24
C VAL A 98 2.66 -2.02 2.42
N CYS A 99 3.94 -1.70 2.59
CA CYS A 99 4.33 -0.60 3.44
C CYS A 99 5.21 0.34 2.64
N VAL A 100 5.18 1.61 3.02
CA VAL A 100 6.05 2.64 2.47
C VAL A 100 6.79 3.35 3.60
N GLU A 101 7.85 4.10 3.27
CA GLU A 101 8.45 5.08 4.17
C GLU A 101 8.72 6.35 3.36
N ALA A 102 8.48 7.50 3.98
CA ALA A 102 8.66 8.86 3.49
C ALA A 102 9.78 9.56 4.26
N GLY A 103 10.73 8.80 4.81
CA GLY A 103 11.80 9.26 5.67
C GLY A 103 11.30 9.58 7.06
N ASN A 104 10.55 10.67 7.20
CA ASN A 104 9.97 11.09 8.48
C ASN A 104 8.52 10.61 8.59
N ALA A 105 8.12 9.53 7.91
CA ALA A 105 6.85 8.84 8.17
C ALA A 105 6.85 7.49 7.44
N PHE A 106 5.84 6.66 7.69
CA PHE A 106 5.60 5.41 6.98
C PHE A 106 4.12 5.08 7.13
N ASP A 107 3.56 4.34 6.18
CA ASP A 107 2.17 3.87 6.23
C ASP A 107 2.11 2.48 5.64
N GLU A 108 1.20 1.66 6.17
CA GLU A 108 1.15 0.23 5.93
C GLU A 108 -0.30 -0.18 5.71
N PHE A 109 -0.46 -1.00 4.67
CA PHE A 109 -1.74 -1.44 4.17
C PHE A 109 -1.74 -2.95 3.99
N LYS A 110 -2.50 -3.67 4.81
CA LYS A 110 -2.86 -5.06 4.51
C LYS A 110 -3.85 -5.06 3.36
N PHE A 111 -3.75 -6.06 2.49
CA PHE A 111 -4.82 -6.46 1.60
C PHE A 111 -5.00 -7.97 1.82
N VAL A 112 -6.19 -8.47 1.56
CA VAL A 112 -6.51 -9.88 1.40
C VAL A 112 -6.86 -10.12 -0.06
N GLN A 113 -6.88 -11.36 -0.51
CA GLN A 113 -7.65 -11.77 -1.67
C GLN A 113 -8.37 -13.08 -1.38
N ASP A 114 -9.69 -13.07 -1.55
CA ASP A 114 -10.53 -14.27 -1.42
C ASP A 114 -10.26 -15.34 -2.48
N ALA A 115 -10.77 -16.56 -2.24
CA ALA A 115 -10.71 -17.71 -3.14
C ALA A 115 -11.76 -17.61 -4.26
N ALA A 116 -11.45 -18.14 -5.44
CA ALA A 116 -12.38 -18.20 -6.55
C ALA A 116 -13.39 -19.33 -6.37
N LYS A 117 -14.64 -18.96 -6.14
CA LYS A 117 -15.77 -19.85 -6.12
C LYS A 117 -16.19 -20.09 -7.56
N GLN A 118 -15.52 -21.06 -8.15
CA GLN A 118 -15.66 -21.60 -9.50
C GLN A 118 -15.35 -23.09 -9.43
N GLY A 1 -5.79 25.12 17.46
CA GLY A 1 -5.25 26.47 17.28
C GLY A 1 -4.79 26.67 15.85
N CYS A 2 -3.67 27.35 15.67
CA CYS A 2 -2.82 27.27 14.48
C CYS A 2 -1.40 27.65 14.94
N GLU A 3 -0.41 27.48 14.09
CA GLU A 3 1.01 27.80 14.31
C GLU A 3 1.63 28.11 12.95
N LEU A 4 2.91 28.52 12.96
CA LEU A 4 3.67 28.92 11.78
C LEU A 4 5.05 28.24 11.75
N SER A 5 5.33 27.35 12.70
CA SER A 5 6.66 26.78 12.92
C SER A 5 6.53 25.36 13.48
N ASP A 6 7.67 24.72 13.74
CA ASP A 6 7.75 23.37 14.28
C ASP A 6 7.06 23.32 15.64
N PRO A 7 6.47 22.17 16.03
CA PRO A 7 6.21 21.90 17.44
C PRO A 7 7.54 21.60 18.15
N ASP A 8 8.32 20.62 17.68
CA ASP A 8 9.64 20.28 18.23
C ASP A 8 10.45 19.35 17.31
N GLY A 9 10.39 19.58 15.99
CA GLY A 9 11.30 18.97 15.02
C GLY A 9 11.22 17.44 14.90
N LEU A 10 10.09 16.86 15.33
CA LEU A 10 9.77 15.45 15.35
C LEU A 10 9.33 14.98 13.96
N ALA A 11 8.76 13.78 13.90
CA ALA A 11 8.13 13.19 12.74
C ALA A 11 6.62 13.18 12.95
N ASP A 12 5.86 13.30 11.86
CA ASP A 12 4.43 12.95 11.78
C ASP A 12 4.26 12.05 10.57
N PRO A 13 3.28 11.12 10.58
CA PRO A 13 3.16 10.09 9.56
C PRO A 13 2.73 10.69 8.21
N MET A 14 2.76 9.85 7.17
CA MET A 14 2.39 10.21 5.81
C MET A 14 0.88 10.26 5.67
N LYS A 15 0.33 11.45 5.46
CA LYS A 15 -1.09 11.67 5.25
C LYS A 15 -1.40 11.40 3.79
N TRP A 16 -2.59 10.87 3.53
CA TRP A 16 -3.01 10.48 2.20
C TRP A 16 -4.32 11.19 1.89
N SER A 17 -4.29 12.23 1.06
CA SER A 17 -5.48 13.00 0.69
C SER A 17 -6.16 12.44 -0.56
N LYS A 18 -5.78 11.24 -1.01
CA LYS A 18 -6.59 10.35 -1.84
C LYS A 18 -6.34 8.97 -1.24
N VAL A 19 -7.37 8.14 -1.08
CA VAL A 19 -7.26 6.76 -0.59
C VAL A 19 -8.44 5.94 -1.17
N PRO A 20 -8.32 4.60 -1.24
CA PRO A 20 -9.45 3.70 -1.42
C PRO A 20 -10.39 3.66 -0.20
N SER A 21 -11.61 3.16 -0.39
CA SER A 21 -12.62 3.08 0.66
C SER A 21 -12.41 1.91 1.62
N GLY A 22 -11.95 0.76 1.10
CA GLY A 22 -11.88 -0.49 1.86
C GLY A 22 -10.73 -0.52 2.85
N LEU A 23 -9.89 0.52 2.87
CA LEU A 23 -9.06 0.86 4.01
C LEU A 23 -9.88 0.76 5.30
N LYS A 24 -9.45 -0.11 6.23
CA LYS A 24 -10.01 -0.23 7.56
C LYS A 24 -8.85 -0.34 8.52
N ASN A 25 -8.44 0.78 9.11
CA ASN A 25 -7.39 0.83 10.12
C ASN A 25 -6.06 0.31 9.53
N GLY A 26 -5.86 0.49 8.22
CA GLY A 26 -4.71 0.00 7.47
C GLY A 26 -4.93 -1.38 6.84
N GLU A 27 -5.98 -2.13 7.21
CA GLU A 27 -6.34 -3.37 6.51
C GLU A 27 -7.13 -3.01 5.25
N LEU A 28 -7.19 -3.94 4.29
CA LEU A 28 -7.84 -3.79 3.00
C LEU A 28 -8.40 -5.14 2.56
N LYS A 29 -9.72 -5.26 2.51
CA LYS A 29 -10.36 -6.47 2.00
C LYS A 29 -10.37 -6.40 0.48
N VAL A 30 -9.93 -7.47 -0.16
CA VAL A 30 -9.97 -7.66 -1.60
C VAL A 30 -10.71 -8.97 -1.83
N GLU A 31 -11.40 -9.06 -2.96
CA GLU A 31 -12.16 -10.26 -3.26
C GLU A 31 -11.53 -11.01 -4.42
N ALA A 32 -12.13 -12.15 -4.72
CA ALA A 32 -11.79 -13.07 -5.79
C ALA A 32 -12.20 -12.54 -7.17
N GLU A 33 -11.93 -11.26 -7.39
CA GLU A 33 -12.08 -10.47 -8.60
C GLU A 33 -10.86 -9.54 -8.73
N GLY A 34 -10.24 -9.17 -7.60
CA GLY A 34 -9.26 -8.10 -7.53
C GLY A 34 -9.98 -6.76 -7.49
N GLY A 35 -9.20 -5.69 -7.55
CA GLY A 35 -9.69 -4.34 -7.79
C GLY A 35 -8.53 -3.37 -8.00
N SER A 36 -8.84 -2.10 -8.22
CA SER A 36 -7.87 -1.03 -8.48
C SER A 36 -8.01 0.04 -7.39
N SER A 37 -6.91 0.63 -6.93
CA SER A 37 -6.88 1.65 -5.88
C SER A 37 -5.81 2.70 -6.17
N LEU A 38 -5.87 3.81 -5.41
CA LEU A 38 -4.97 4.96 -5.55
C LEU A 38 -4.79 5.67 -4.19
N PHE A 39 -3.57 6.07 -3.84
CA PHE A 39 -3.22 6.82 -2.63
C PHE A 39 -2.38 8.04 -2.99
N ALA A 40 -2.78 9.26 -2.62
CA ALA A 40 -2.03 10.48 -2.90
C ALA A 40 -1.35 10.96 -1.62
N CYS A 41 -0.03 10.88 -1.52
CA CYS A 41 0.62 11.43 -0.34
C CYS A 41 0.55 12.96 -0.48
N LYS A 42 0.00 13.64 0.53
CA LYS A 42 -0.25 15.08 0.48
C LYS A 42 0.78 15.84 1.33
N ASN A 43 1.68 15.15 2.03
CA ASN A 43 2.64 15.76 2.97
C ASN A 43 4.07 15.23 2.84
N TYR A 44 4.28 14.25 1.96
CA TYR A 44 5.59 13.80 1.51
C TYR A 44 5.50 13.64 0.00
N LYS A 45 6.60 13.92 -0.69
CA LYS A 45 6.83 13.73 -2.10
C LYS A 45 8.23 13.15 -2.27
N SER A 46 8.46 12.02 -1.62
CA SER A 46 9.68 11.23 -1.71
C SER A 46 9.46 9.97 -0.87
N PHE A 47 8.92 8.91 -1.47
CA PHE A 47 8.61 7.67 -0.77
C PHE A 47 8.80 6.44 -1.65
N TRP A 48 9.06 5.27 -1.07
CA TRP A 48 9.37 4.05 -1.83
C TRP A 48 8.93 2.79 -1.12
N ILE A 49 8.85 1.71 -1.89
CA ILE A 49 8.50 0.37 -1.45
C ILE A 49 9.71 -0.19 -0.70
N SER A 50 9.52 -0.67 0.54
CA SER A 50 10.58 -1.35 1.28
C SER A 50 10.12 -2.55 2.12
N SER A 51 8.83 -2.89 2.19
CA SER A 51 8.42 -4.26 2.51
C SER A 51 7.22 -4.64 1.66
N VAL A 52 7.14 -5.89 1.26
CA VAL A 52 5.97 -6.51 0.66
C VAL A 52 5.94 -7.99 1.08
N LYS A 53 4.75 -8.57 1.17
CA LYS A 53 4.44 -9.96 1.50
C LYS A 53 3.52 -10.49 0.42
N GLU A 54 3.64 -11.77 0.05
CA GLU A 54 2.81 -12.42 -0.96
C GLU A 54 2.55 -13.90 -0.66
N GLU A 55 3.04 -14.38 0.47
CA GLU A 55 3.04 -15.81 0.77
C GLU A 55 3.03 -16.03 2.28
N GLY A 56 2.28 -15.19 2.99
CA GLY A 56 2.29 -15.11 4.43
C GLY A 56 3.58 -14.50 5.00
N LYS A 57 4.67 -14.41 4.23
CA LYS A 57 5.99 -13.93 4.65
C LYS A 57 6.42 -12.75 3.79
N PHE A 58 7.33 -11.94 4.32
CA PHE A 58 7.83 -10.77 3.62
C PHE A 58 8.98 -11.20 2.70
N LYS A 59 9.30 -10.34 1.73
CA LYS A 59 10.45 -10.47 0.83
C LYS A 59 11.23 -9.16 0.77
N GLU A 60 12.26 -9.17 -0.05
CA GLU A 60 13.03 -8.02 -0.51
C GLU A 60 12.16 -7.15 -1.44
N ASN A 61 12.66 -6.02 -1.92
CA ASN A 61 11.99 -5.27 -2.98
C ASN A 61 13.06 -4.77 -3.95
N THR A 62 12.96 -5.16 -5.21
CA THR A 62 14.10 -5.09 -6.13
C THR A 62 14.40 -3.68 -6.66
N SER A 63 13.56 -2.70 -6.33
CA SER A 63 13.54 -1.33 -6.81
C SER A 63 12.71 -0.50 -5.83
N TYR A 64 12.38 0.76 -6.16
CA TYR A 64 11.80 1.70 -5.21
C TYR A 64 10.45 2.28 -5.61
N LYS A 65 9.99 2.06 -6.83
CA LYS A 65 8.88 2.82 -7.41
C LYS A 65 7.92 1.97 -8.24
N GLU A 66 8.11 0.66 -8.26
CA GLU A 66 7.17 -0.30 -8.82
C GLU A 66 7.55 -1.67 -8.31
N PHE A 67 6.58 -2.54 -8.05
CA PHE A 67 6.79 -3.93 -7.69
C PHE A 67 5.69 -4.75 -8.36
N ASP A 68 6.09 -5.64 -9.25
CA ASP A 68 5.25 -6.67 -9.83
C ASP A 68 5.37 -7.96 -9.02
N GLY A 69 4.24 -8.39 -8.47
CA GLY A 69 4.01 -9.70 -7.85
C GLY A 69 3.09 -10.56 -8.73
N GLY A 70 2.98 -10.25 -10.02
CA GLY A 70 2.14 -10.96 -10.96
C GLY A 70 0.68 -10.60 -10.77
N TRP A 71 -0.04 -11.30 -9.88
CA TRP A 71 -1.46 -11.08 -9.63
C TRP A 71 -1.75 -9.73 -8.95
N TYR A 72 -0.71 -8.98 -8.59
CA TYR A 72 -0.75 -7.80 -7.76
C TYR A 72 0.38 -6.92 -8.28
N LEU A 73 0.10 -5.67 -8.59
CA LEU A 73 1.06 -4.76 -9.23
C LEU A 73 1.02 -3.43 -8.50
N VAL A 74 2.19 -2.86 -8.17
CA VAL A 74 2.33 -1.61 -7.43
C VAL A 74 3.17 -0.66 -8.27
N LYS A 75 2.84 0.64 -8.32
CA LYS A 75 3.63 1.70 -8.95
C LYS A 75 3.52 2.97 -8.10
N ILE A 76 4.57 3.79 -8.12
CA ILE A 76 4.73 5.07 -7.43
C ILE A 76 5.02 6.08 -8.52
N GLU A 77 4.03 6.91 -8.80
CA GLU A 77 3.99 7.83 -9.91
C GLU A 77 3.90 9.22 -9.29
N ASP A 78 5.07 9.85 -9.20
CA ASP A 78 5.48 10.92 -8.32
C ASP A 78 5.06 10.69 -6.87
N ASN A 79 3.85 11.09 -6.49
CA ASN A 79 3.31 10.99 -5.12
C ASN A 79 1.95 10.31 -5.08
N GLU A 80 1.47 9.79 -6.21
CA GLU A 80 0.32 8.93 -6.35
C GLU A 80 0.81 7.47 -6.41
N LEU A 81 0.57 6.68 -5.35
CA LEU A 81 0.79 5.24 -5.28
C LEU A 81 -0.47 4.54 -5.80
N LYS A 82 -0.34 3.59 -6.74
CA LYS A 82 -1.46 2.80 -7.26
C LYS A 82 -1.19 1.31 -7.08
N VAL A 83 -2.26 0.55 -6.85
CA VAL A 83 -2.27 -0.89 -6.74
C VAL A 83 -3.43 -1.37 -7.63
N ILE A 84 -3.16 -2.31 -8.53
CA ILE A 84 -4.18 -2.98 -9.33
C ILE A 84 -3.93 -4.49 -9.19
N ILE A 85 -5.00 -5.26 -8.98
CA ILE A 85 -4.97 -6.70 -8.62
C ILE A 85 -5.88 -7.47 -9.59
N ASN A 86 -5.47 -8.64 -10.06
CA ASN A 86 -6.29 -9.51 -10.92
C ASN A 86 -7.16 -10.47 -10.12
N ARG A 87 -8.01 -11.21 -10.86
CA ARG A 87 -8.92 -12.15 -10.27
C ARG A 87 -8.19 -13.43 -9.86
N ASN A 88 -8.36 -13.80 -8.59
CA ASN A 88 -7.84 -15.03 -8.01
C ASN A 88 -8.54 -16.23 -8.62
N GLU A 89 -7.87 -16.98 -9.49
CA GLU A 89 -8.48 -18.06 -10.26
C GLU A 89 -8.86 -19.27 -9.40
N THR A 90 -8.51 -19.31 -8.12
CA THR A 90 -8.59 -20.53 -7.33
C THR A 90 -9.49 -20.39 -6.11
N ASN A 91 -9.99 -21.53 -5.66
CA ASN A 91 -10.78 -21.70 -4.44
C ASN A 91 -9.98 -21.53 -3.13
N ALA A 92 -8.77 -20.97 -3.19
CA ALA A 92 -7.87 -20.71 -2.05
C ALA A 92 -7.62 -19.20 -1.92
N SER A 93 -7.76 -18.63 -0.72
CA SER A 93 -7.45 -17.23 -0.44
C SER A 93 -5.97 -17.01 -0.17
N ARG A 94 -5.60 -15.73 -0.15
CA ARG A 94 -4.25 -15.34 0.19
C ARG A 94 -4.22 -13.94 0.76
N SER A 95 -3.03 -13.40 1.07
CA SER A 95 -2.89 -12.05 1.58
C SER A 95 -1.62 -11.41 1.01
N PHE A 96 -1.54 -10.10 1.19
CA PHE A 96 -0.41 -9.23 0.91
C PHE A 96 -0.20 -8.32 2.12
N THR A 97 0.97 -7.69 2.20
CA THR A 97 1.17 -6.42 2.88
C THR A 97 2.08 -5.60 1.97
N VAL A 98 2.07 -4.28 2.10
CA VAL A 98 2.96 -3.34 1.44
C VAL A 98 3.30 -2.27 2.49
N CYS A 99 4.59 -2.00 2.75
CA CYS A 99 5.05 -0.92 3.62
C CYS A 99 6.01 -0.01 2.85
N VAL A 100 5.85 1.30 3.03
CA VAL A 100 6.64 2.35 2.37
C VAL A 100 7.30 3.24 3.42
N GLU A 101 8.43 3.88 3.11
CA GLU A 101 8.99 4.96 3.96
C GLU A 101 8.99 6.26 3.16
N ALA A 102 9.03 7.39 3.87
CA ALA A 102 9.28 8.73 3.36
C ALA A 102 10.08 9.51 4.41
N GLY A 103 11.36 9.20 4.53
CA GLY A 103 12.27 9.88 5.42
C GLY A 103 11.79 9.81 6.85
N ASN A 104 11.17 10.88 7.33
CA ASN A 104 10.79 11.02 8.72
C ASN A 104 9.59 10.14 9.06
N ALA A 105 8.87 9.59 8.08
CA ALA A 105 7.69 8.74 8.28
C ALA A 105 7.72 7.44 7.47
N PHE A 106 6.73 6.59 7.70
CA PHE A 106 6.38 5.41 6.92
C PHE A 106 4.88 5.13 7.09
N ASP A 107 4.35 4.15 6.35
CA ASP A 107 3.00 3.60 6.51
C ASP A 107 3.00 2.18 5.95
N GLU A 108 2.04 1.37 6.35
CA GLU A 108 1.82 0.02 5.89
C GLU A 108 0.34 -0.17 5.59
N PHE A 109 0.06 -0.92 4.52
CA PHE A 109 -1.27 -1.35 4.12
C PHE A 109 -1.27 -2.88 4.07
N LYS A 110 -2.31 -3.49 4.61
CA LYS A 110 -2.40 -4.92 4.92
C LYS A 110 -3.57 -5.50 4.14
N PHE A 111 -3.34 -6.44 3.23
CA PHE A 111 -4.35 -6.84 2.24
C PHE A 111 -4.70 -8.31 2.46
N VAL A 112 -5.88 -8.74 2.03
CA VAL A 112 -6.31 -10.14 2.04
C VAL A 112 -7.17 -10.32 0.79
N GLN A 113 -6.82 -11.25 -0.11
CA GLN A 113 -7.60 -11.59 -1.30
C GLN A 113 -8.35 -12.91 -1.08
N ASP A 114 -9.68 -12.84 -1.17
CA ASP A 114 -10.56 -14.00 -1.02
C ASP A 114 -10.38 -15.04 -2.15
N ALA A 115 -10.96 -16.22 -1.93
CA ALA A 115 -11.02 -17.32 -2.88
C ALA A 115 -12.20 -17.19 -3.84
N ALA A 116 -12.00 -17.70 -5.05
CA ALA A 116 -13.06 -17.83 -6.04
C ALA A 116 -14.09 -18.86 -5.62
N LYS A 117 -15.33 -18.53 -5.95
CA LYS A 117 -16.50 -19.39 -5.98
C LYS A 117 -16.90 -19.51 -7.45
N GLN A 118 -16.48 -20.61 -8.06
CA GLN A 118 -16.67 -20.96 -9.45
C GLN A 118 -17.09 -22.42 -9.53
N GLY A 1 -2.55 26.66 18.12
CA GLY A 1 -2.10 28.05 18.07
C GLY A 1 -2.06 28.51 16.62
N CYS A 2 -0.87 28.91 16.14
CA CYS A 2 -0.61 29.29 14.76
C CYS A 2 0.74 28.67 14.37
N GLU A 3 0.86 27.37 14.58
CA GLU A 3 2.08 26.59 14.40
C GLU A 3 2.05 25.93 13.03
N LEU A 4 3.23 25.75 12.44
CA LEU A 4 3.41 25.16 11.11
C LEU A 4 4.61 24.20 11.12
N SER A 5 5.10 23.80 12.29
CA SER A 5 6.20 22.86 12.43
C SER A 5 5.95 22.05 13.70
N ASP A 6 6.35 20.77 13.68
CA ASP A 6 6.25 19.84 14.79
C ASP A 6 7.01 20.36 16.02
N PRO A 7 6.71 19.90 17.25
CA PRO A 7 7.31 20.40 18.48
C PRO A 7 8.82 20.14 18.50
N ASP A 8 9.25 18.89 18.33
CA ASP A 8 10.65 18.47 18.42
C ASP A 8 11.16 17.81 17.14
N GLY A 9 10.40 17.89 16.04
CA GLY A 9 10.85 17.48 14.71
C GLY A 9 10.95 15.96 14.58
N LEU A 10 9.89 15.29 15.04
CA LEU A 10 9.64 13.86 14.98
C LEU A 10 9.34 13.42 13.54
N ALA A 11 8.86 12.20 13.37
CA ALA A 11 8.49 11.61 12.10
C ALA A 11 7.02 11.18 12.16
N ASP A 12 6.13 12.06 11.71
CA ASP A 12 4.72 11.73 11.47
C ASP A 12 4.57 10.65 10.39
N PRO A 13 3.50 9.84 10.39
CA PRO A 13 3.22 8.94 9.28
C PRO A 13 2.63 9.72 8.10
N MET A 14 2.65 9.11 6.91
CA MET A 14 2.26 9.78 5.67
C MET A 14 0.77 10.04 5.62
N LYS A 15 0.41 11.08 4.87
CA LYS A 15 -0.92 11.64 4.87
C LYS A 15 -1.42 11.80 3.45
N TRP A 16 -2.65 11.38 3.23
CA TRP A 16 -3.18 11.06 1.89
C TRP A 16 -4.52 11.72 1.68
N SER A 17 -4.88 11.94 0.41
CA SER A 17 -6.11 12.63 0.07
C SER A 17 -6.83 12.08 -1.17
N LYS A 18 -6.48 10.90 -1.69
CA LYS A 18 -7.30 10.23 -2.75
C LYS A 18 -7.62 8.79 -2.42
N VAL A 19 -7.58 8.47 -1.15
CA VAL A 19 -7.65 7.08 -0.67
C VAL A 19 -8.99 6.41 -1.07
N PRO A 20 -9.01 5.08 -1.24
CA PRO A 20 -10.18 4.34 -1.71
C PRO A 20 -11.21 4.09 -0.60
N SER A 21 -12.32 3.46 -0.99
CA SER A 21 -13.42 3.09 -0.12
C SER A 21 -13.10 1.91 0.80
N GLY A 22 -12.33 0.93 0.32
CA GLY A 22 -12.10 -0.30 1.06
C GLY A 22 -11.03 -0.12 2.14
N LEU A 23 -10.30 0.99 2.12
CA LEU A 23 -9.43 1.44 3.20
C LEU A 23 -10.22 1.52 4.48
N LYS A 24 -9.87 0.66 5.42
CA LYS A 24 -10.45 0.51 6.73
C LYS A 24 -9.26 0.49 7.68
N ASN A 25 -8.86 1.66 8.18
CA ASN A 25 -7.70 1.85 9.06
C ASN A 25 -6.37 1.35 8.45
N GLY A 26 -6.31 1.15 7.13
CA GLY A 26 -5.13 0.65 6.41
C GLY A 26 -5.31 -0.79 5.92
N GLU A 27 -6.27 -1.54 6.45
CA GLU A 27 -6.69 -2.81 5.88
C GLU A 27 -7.51 -2.49 4.63
N LEU A 28 -7.33 -3.22 3.52
CA LEU A 28 -8.13 -3.05 2.30
C LEU A 28 -8.68 -4.40 1.92
N LYS A 29 -9.97 -4.61 2.18
CA LYS A 29 -10.64 -5.87 1.86
C LYS A 29 -11.00 -5.90 0.38
N VAL A 30 -10.61 -6.96 -0.30
CA VAL A 30 -10.80 -7.21 -1.71
C VAL A 30 -11.44 -8.57 -1.84
N GLU A 31 -12.33 -8.71 -2.83
CA GLU A 31 -12.93 -10.00 -3.12
C GLU A 31 -11.95 -10.84 -3.93
N ALA A 32 -12.32 -12.09 -4.19
CA ALA A 32 -11.52 -13.03 -4.95
C ALA A 32 -11.31 -12.65 -6.42
N GLU A 33 -11.92 -11.58 -6.93
CA GLU A 33 -11.83 -11.14 -8.32
C GLU A 33 -10.90 -9.94 -8.46
N GLY A 34 -10.57 -9.33 -7.34
CA GLY A 34 -9.67 -8.20 -7.30
C GLY A 34 -10.44 -6.89 -7.51
N GLY A 35 -9.70 -5.81 -7.49
CA GLY A 35 -10.06 -4.48 -7.97
C GLY A 35 -8.82 -3.59 -7.97
N SER A 36 -9.02 -2.28 -8.17
CA SER A 36 -7.94 -1.31 -8.33
C SER A 36 -8.13 -0.16 -7.34
N SER A 37 -7.07 0.57 -6.98
CA SER A 37 -7.07 1.58 -5.94
C SER A 37 -6.01 2.64 -6.24
N LEU A 38 -6.29 3.89 -5.88
CA LEU A 38 -5.45 5.06 -6.08
C LEU A 38 -5.17 5.69 -4.71
N PHE A 39 -3.98 6.29 -4.50
CA PHE A 39 -3.59 6.89 -3.23
C PHE A 39 -2.72 8.10 -3.51
N ALA A 40 -3.26 9.30 -3.32
CA ALA A 40 -2.51 10.54 -3.53
C ALA A 40 -1.95 10.93 -2.18
N CYS A 41 -0.63 10.94 -2.04
CA CYS A 41 -0.01 11.43 -0.84
C CYS A 41 -0.11 12.95 -0.92
N LYS A 42 -0.87 13.55 -0.01
CA LYS A 42 -0.98 15.00 0.02
C LYS A 42 0.31 15.58 0.60
N ASN A 43 1.03 14.81 1.42
CA ASN A 43 1.97 15.35 2.42
C ASN A 43 3.41 14.92 2.15
N TYR A 44 3.63 14.08 1.13
CA TYR A 44 4.93 13.64 0.67
C TYR A 44 4.90 13.60 -0.86
N LYS A 45 6.05 13.78 -1.50
CA LYS A 45 6.25 13.88 -2.96
C LYS A 45 7.59 13.21 -3.35
N SER A 46 7.96 12.21 -2.57
CA SER A 46 9.08 11.30 -2.73
C SER A 46 8.85 10.25 -1.66
N PHE A 47 8.84 8.97 -2.04
CA PHE A 47 8.66 7.82 -1.18
C PHE A 47 8.94 6.58 -2.02
N TRP A 48 9.12 5.43 -1.36
CA TRP A 48 9.58 4.22 -2.01
C TRP A 48 8.99 2.96 -1.41
N ILE A 49 9.32 1.85 -2.08
CA ILE A 49 8.99 0.49 -1.68
C ILE A 49 10.24 -0.04 -0.99
N SER A 50 10.11 -0.48 0.26
CA SER A 50 11.13 -1.30 0.89
C SER A 50 10.55 -2.49 1.64
N SER A 51 9.24 -2.74 1.56
CA SER A 51 8.62 -3.83 2.30
C SER A 51 7.40 -4.37 1.56
N VAL A 52 7.38 -5.69 1.31
CA VAL A 52 6.26 -6.39 0.69
C VAL A 52 6.10 -7.82 1.27
N LYS A 53 4.85 -8.28 1.31
CA LYS A 53 4.41 -9.59 1.78
C LYS A 53 3.29 -10.05 0.85
N GLU A 54 3.14 -11.35 0.63
CA GLU A 54 2.16 -11.96 -0.31
C GLU A 54 1.77 -13.37 0.15
N GLU A 55 2.17 -13.78 1.37
CA GLU A 55 2.13 -15.19 1.72
C GLU A 55 2.35 -15.44 3.22
N GLY A 56 1.91 -14.51 4.06
CA GLY A 56 2.12 -14.53 5.50
C GLY A 56 3.57 -14.24 5.90
N LYS A 57 4.50 -14.23 4.94
CA LYS A 57 5.92 -13.98 5.08
C LYS A 57 6.29 -12.81 4.20
N PHE A 58 7.46 -12.23 4.45
CA PHE A 58 7.98 -11.18 3.58
C PHE A 58 8.55 -11.83 2.31
N LYS A 59 8.47 -11.07 1.23
CA LYS A 59 9.25 -11.16 0.01
C LYS A 59 10.62 -10.53 0.21
N GLU A 60 11.34 -10.46 -0.89
CA GLU A 60 12.47 -9.57 -1.10
C GLU A 60 12.00 -8.38 -1.94
N ASN A 61 12.78 -7.30 -2.01
CA ASN A 61 12.44 -6.04 -2.69
C ASN A 61 13.58 -5.64 -3.61
N THR A 62 13.30 -5.40 -4.90
CA THR A 62 14.31 -5.11 -5.90
C THR A 62 13.96 -3.84 -6.71
N SER A 63 13.09 -2.99 -6.16
CA SER A 63 12.94 -1.63 -6.63
C SER A 63 12.59 -0.78 -5.42
N TYR A 64 12.72 0.53 -5.61
CA TYR A 64 12.33 1.60 -4.72
C TYR A 64 11.13 2.36 -5.29
N LYS A 65 10.53 2.04 -6.45
CA LYS A 65 9.29 2.72 -6.88
C LYS A 65 8.28 1.78 -7.54
N GLU A 66 8.59 0.51 -7.77
CA GLU A 66 7.70 -0.42 -8.43
C GLU A 66 7.74 -1.74 -7.65
N PHE A 67 6.74 -2.60 -7.84
CA PHE A 67 6.84 -4.03 -7.56
C PHE A 67 5.76 -4.72 -8.37
N ASP A 68 6.02 -5.87 -8.98
CA ASP A 68 5.17 -6.55 -9.94
C ASP A 68 5.04 -8.03 -9.56
N GLY A 69 4.40 -8.28 -8.41
CA GLY A 69 4.19 -9.58 -7.83
C GLY A 69 2.95 -10.19 -8.44
N GLY A 70 3.04 -10.45 -9.74
CA GLY A 70 2.24 -11.44 -10.45
C GLY A 70 0.77 -11.10 -10.66
N TRP A 71 -0.01 -11.12 -9.59
CA TRP A 71 -1.44 -10.82 -9.60
C TRP A 71 -1.71 -9.42 -9.01
N TYR A 72 -0.68 -8.63 -8.74
CA TYR A 72 -0.75 -7.44 -7.92
C TYR A 72 0.37 -6.55 -8.47
N LEU A 73 0.13 -5.25 -8.60
CA LEU A 73 1.05 -4.32 -9.23
C LEU A 73 1.14 -3.07 -8.35
N VAL A 74 2.34 -2.62 -8.00
CA VAL A 74 2.58 -1.36 -7.30
C VAL A 74 3.35 -0.45 -8.24
N LYS A 75 2.89 0.80 -8.35
CA LYS A 75 3.51 1.87 -9.11
C LYS A 75 3.45 3.09 -8.23
N ILE A 76 4.60 3.64 -7.87
CA ILE A 76 4.73 4.94 -7.24
C ILE A 76 5.09 5.91 -8.35
N GLU A 77 4.24 6.89 -8.58
CA GLU A 77 4.56 8.06 -9.35
C GLU A 77 4.75 9.23 -8.37
N ASP A 78 4.78 10.45 -8.91
CA ASP A 78 5.22 11.69 -8.28
C ASP A 78 4.69 11.84 -6.85
N ASN A 79 3.37 11.78 -6.72
CA ASN A 79 2.65 11.69 -5.47
C ASN A 79 1.38 10.87 -5.64
N GLU A 80 1.28 10.04 -6.68
CA GLU A 80 0.16 9.13 -6.92
C GLU A 80 0.69 7.70 -6.91
N LEU A 81 0.43 6.97 -5.81
CA LEU A 81 0.65 5.53 -5.68
C LEU A 81 -0.61 4.84 -6.19
N LYS A 82 -0.46 3.70 -6.87
CA LYS A 82 -1.57 2.89 -7.35
C LYS A 82 -1.31 1.44 -6.96
N VAL A 83 -2.38 0.71 -6.64
CA VAL A 83 -2.36 -0.74 -6.51
C VAL A 83 -3.51 -1.28 -7.35
N ILE A 84 -3.18 -2.16 -8.30
CA ILE A 84 -4.12 -2.90 -9.13
C ILE A 84 -3.96 -4.38 -8.78
N ILE A 85 -5.08 -5.10 -8.68
CA ILE A 85 -5.18 -6.45 -8.13
C ILE A 85 -6.05 -7.27 -9.06
N ASN A 86 -5.58 -8.48 -9.39
CA ASN A 86 -6.21 -9.43 -10.29
C ASN A 86 -7.14 -10.38 -9.53
N ARG A 87 -7.86 -11.20 -10.28
CA ARG A 87 -8.65 -12.31 -9.79
C ARG A 87 -7.75 -13.43 -9.29
N ASN A 88 -8.14 -14.03 -8.16
CA ASN A 88 -7.51 -15.17 -7.50
C ASN A 88 -7.94 -16.47 -8.17
N GLU A 89 -7.03 -17.19 -8.81
CA GLU A 89 -7.38 -18.46 -9.45
C GLU A 89 -7.33 -19.66 -8.48
N THR A 90 -7.32 -19.45 -7.16
CA THR A 90 -7.22 -20.53 -6.20
C THR A 90 -8.30 -20.46 -5.11
N ASN A 91 -8.51 -21.59 -4.46
CA ASN A 91 -9.51 -21.80 -3.41
C ASN A 91 -9.07 -21.29 -2.03
N ALA A 92 -7.90 -20.66 -1.92
CA ALA A 92 -7.36 -20.21 -0.65
C ALA A 92 -7.28 -18.69 -0.67
N SER A 93 -7.82 -18.06 0.36
CA SER A 93 -7.72 -16.63 0.58
C SER A 93 -6.28 -16.29 1.00
N ARG A 94 -5.85 -15.06 0.75
CA ARG A 94 -4.48 -14.63 1.01
C ARG A 94 -4.44 -13.14 1.27
N SER A 95 -3.24 -12.57 1.41
CA SER A 95 -3.09 -11.15 1.68
C SER A 95 -1.75 -10.63 1.22
N PHE A 96 -1.71 -9.36 0.90
CA PHE A 96 -0.53 -8.57 0.67
C PHE A 96 -0.32 -7.70 1.90
N THR A 97 0.90 -7.20 2.05
CA THR A 97 1.14 -6.03 2.87
C THR A 97 2.16 -5.23 2.10
N VAL A 98 1.97 -3.93 2.04
CA VAL A 98 2.86 -3.00 1.37
C VAL A 98 3.12 -1.89 2.39
N CYS A 99 4.37 -1.69 2.78
CA CYS A 99 4.77 -0.59 3.64
C CYS A 99 5.76 0.25 2.86
N VAL A 100 5.45 1.52 2.73
CA VAL A 100 6.22 2.52 2.03
C VAL A 100 6.90 3.39 3.09
N GLU A 101 8.07 3.96 2.78
CA GLU A 101 8.64 5.02 3.60
C GLU A 101 8.93 6.21 2.69
N ALA A 102 8.89 7.40 3.29
CA ALA A 102 9.14 8.69 2.64
C ALA A 102 10.35 9.37 3.26
N GLY A 103 11.29 8.60 3.80
CA GLY A 103 12.32 9.07 4.69
C GLY A 103 11.76 9.05 6.10
N ASN A 104 11.55 10.24 6.67
CA ASN A 104 11.08 10.54 8.03
C ASN A 104 9.57 10.27 8.16
N ALA A 105 9.03 9.24 7.49
CA ALA A 105 7.65 8.80 7.62
C ALA A 105 7.51 7.39 7.06
N PHE A 106 6.42 6.74 7.45
CA PHE A 106 6.00 5.41 7.04
C PHE A 106 4.51 5.47 6.75
N ASP A 107 4.02 4.52 5.95
CA ASP A 107 2.61 4.12 5.93
C ASP A 107 2.60 2.63 5.55
N GLU A 108 1.58 1.88 5.97
CA GLU A 108 1.43 0.47 5.62
C GLU A 108 -0.03 0.18 5.34
N PHE A 109 -0.27 -0.66 4.33
CA PHE A 109 -1.58 -1.05 3.87
C PHE A 109 -1.64 -2.57 3.77
N LYS A 110 -2.63 -3.19 4.43
CA LYS A 110 -2.82 -4.64 4.50
C LYS A 110 -3.97 -5.11 3.63
N PHE A 111 -3.66 -5.52 2.40
CA PHE A 111 -4.68 -5.90 1.42
C PHE A 111 -5.01 -7.36 1.66
N VAL A 112 -6.27 -7.75 1.62
CA VAL A 112 -6.68 -9.14 1.80
C VAL A 112 -7.48 -9.53 0.57
N GLN A 113 -7.15 -10.65 -0.07
CA GLN A 113 -7.92 -11.19 -1.18
C GLN A 113 -8.62 -12.47 -0.73
N ASP A 114 -9.91 -12.55 -0.99
CA ASP A 114 -10.69 -13.76 -0.71
C ASP A 114 -10.31 -14.93 -1.62
N ALA A 115 -10.79 -16.12 -1.27
CA ALA A 115 -10.68 -17.33 -2.07
C ALA A 115 -11.72 -17.30 -3.18
N ALA A 116 -11.36 -17.81 -4.35
CA ALA A 116 -12.34 -18.08 -5.38
C ALA A 116 -13.17 -19.28 -4.95
N LYS A 117 -14.44 -19.25 -5.31
CA LYS A 117 -15.43 -20.28 -5.02
C LYS A 117 -15.80 -20.88 -6.36
N GLN A 118 -15.09 -21.93 -6.76
CA GLN A 118 -15.38 -22.68 -7.97
C GLN A 118 -15.52 -24.14 -7.55
#